data_2DRN
#
_entry.id   2DRN
#
loop_
_entity.id
_entity.type
_entity.pdbx_description
1 polymer 'cAMP-dependent protein kinase type II-alpha regulatory subunit'
2 polymer '24-residues peptide from an a-kinase anchoring protein'
#
loop_
_entity_poly.entity_id
_entity_poly.type
_entity_poly.pdbx_seq_one_letter_code
_entity_poly.pdbx_strand_id
1 'polypeptide(L)' HMGHIQIPPGLTELLQGYTVEVLRQQPPDLVDFAVEYFTRLREARR A,B
2 'polypeptide(L)' DLIEEAASRIVDAVIEQVKAAGAY C
#
# COMPACT_ATOMS: atom_id res chain seq x y z
N HIS A 1 -0.18 29.20 -10.39
CA HIS A 1 -0.92 28.69 -11.57
C HIS A 1 -2.27 28.09 -11.13
N MET A 2 -3.35 28.49 -11.75
CA MET A 2 -4.68 27.94 -11.37
C MET A 2 -5.05 26.76 -12.28
N GLY A 3 -4.22 25.76 -12.34
CA GLY A 3 -4.55 24.59 -13.21
C GLY A 3 -3.35 23.63 -13.25
N HIS A 4 -2.84 23.25 -12.11
CA HIS A 4 -1.67 22.34 -12.09
C HIS A 4 -1.74 21.43 -10.84
N ILE A 5 -2.73 20.60 -10.75
CA ILE A 5 -2.85 19.69 -9.57
C ILE A 5 -2.90 18.23 -10.02
N GLN A 6 -2.19 17.37 -9.34
CA GLN A 6 -2.19 15.93 -9.74
C GLN A 6 -1.50 15.09 -8.67
N ILE A 7 -1.91 15.21 -7.43
CA ILE A 7 -1.27 14.41 -6.34
C ILE A 7 -2.17 14.39 -5.10
N PRO A 8 -3.30 13.75 -5.22
CA PRO A 8 -4.26 13.66 -4.09
C PRO A 8 -3.72 12.74 -2.99
N PRO A 9 -3.70 13.23 -1.77
CA PRO A 9 -3.19 12.42 -0.64
C PRO A 9 -4.18 11.30 -0.29
N GLY A 10 -4.01 10.67 0.84
CA GLY A 10 -4.95 9.58 1.23
C GLY A 10 -4.22 8.22 1.15
N LEU A 11 -3.33 8.08 0.22
CA LEU A 11 -2.60 6.79 0.08
C LEU A 11 -1.70 6.55 1.30
N THR A 12 -1.43 7.58 2.06
CA THR A 12 -0.55 7.41 3.25
C THR A 12 -1.29 6.66 4.36
N GLU A 13 -2.31 7.25 4.91
CA GLU A 13 -3.08 6.58 6.00
C GLU A 13 -3.55 5.20 5.54
N LEU A 14 -3.83 5.04 4.28
CA LEU A 14 -4.30 3.72 3.77
C LEU A 14 -3.16 2.69 3.84
N LEU A 15 -2.04 2.99 3.23
CA LEU A 15 -0.91 2.02 3.24
C LEU A 15 -0.48 1.73 4.68
N GLN A 16 -0.30 2.76 5.48
CA GLN A 16 0.12 2.53 6.89
C GLN A 16 -0.81 1.52 7.57
N GLY A 17 -2.08 1.65 7.37
CA GLY A 17 -3.04 0.69 8.00
C GLY A 17 -2.63 -0.73 7.60
N TYR A 18 -2.42 -0.96 6.33
CA TYR A 18 -2.02 -2.31 5.86
C TYR A 18 -0.78 -2.77 6.64
N THR A 19 0.09 -1.87 6.96
CA THR A 19 1.33 -2.24 7.73
C THR A 19 0.95 -2.72 9.13
N VAL A 20 -0.10 -2.19 9.69
CA VAL A 20 -0.51 -2.61 11.06
C VAL A 20 -1.36 -3.88 11.02
N GLU A 21 -2.00 -4.14 9.91
CA GLU A 21 -2.85 -5.37 9.82
C GLU A 21 -1.95 -6.56 9.52
N VAL A 22 -1.15 -6.43 8.49
CA VAL A 22 -0.24 -7.54 8.11
C VAL A 22 0.70 -7.89 9.26
N LEU A 23 1.11 -6.91 10.03
CA LEU A 23 2.03 -7.19 11.17
C LEU A 23 1.26 -7.75 12.36
N ARG A 24 0.01 -7.37 12.50
CA ARG A 24 -0.80 -7.88 13.65
C ARG A 24 -1.22 -9.34 13.40
N GLN A 25 -1.86 -9.60 12.29
CA GLN A 25 -2.29 -10.99 12.00
C GLN A 25 -1.12 -11.82 11.47
N GLN A 26 -0.23 -11.21 10.73
CA GLN A 26 0.93 -11.97 10.18
C GLN A 26 0.43 -13.21 9.41
N PRO A 27 -0.30 -12.96 8.35
CA PRO A 27 -0.83 -14.08 7.53
C PRO A 27 0.29 -14.78 6.77
N PRO A 28 0.03 -15.99 6.34
CA PRO A 28 1.04 -16.77 5.58
C PRO A 28 1.24 -16.17 4.19
N ASP A 29 0.17 -15.80 3.53
CA ASP A 29 0.30 -15.21 2.17
C ASP A 29 -0.24 -13.78 2.15
N LEU A 30 0.59 -12.82 1.87
CA LEU A 30 0.13 -11.41 1.84
C LEU A 30 -0.68 -11.16 0.56
N VAL A 31 -0.33 -11.81 -0.52
CA VAL A 31 -1.09 -11.62 -1.79
C VAL A 31 -2.59 -11.78 -1.53
N ASP A 32 -2.97 -12.89 -0.98
CA ASP A 32 -4.40 -13.13 -0.68
C ASP A 32 -4.89 -12.16 0.38
N PHE A 33 -4.16 -11.99 1.44
CA PHE A 33 -4.59 -11.05 2.51
C PHE A 33 -4.78 -9.65 1.91
N ALA A 34 -3.96 -9.28 0.97
CA ALA A 34 -4.09 -7.94 0.34
C ALA A 34 -5.47 -7.80 -0.32
N VAL A 35 -5.86 -8.77 -1.10
CA VAL A 35 -7.19 -8.70 -1.77
C VAL A 35 -8.31 -8.73 -0.72
N GLU A 36 -8.06 -9.34 0.40
CA GLU A 36 -9.10 -9.41 1.47
C GLU A 36 -9.32 -8.04 2.11
N TYR A 37 -8.27 -7.39 2.50
CA TYR A 37 -8.40 -6.05 3.15
C TYR A 37 -9.06 -5.03 2.21
N PHE A 38 -8.37 -4.63 1.17
CA PHE A 38 -8.95 -3.63 0.22
C PHE A 38 -10.39 -4.01 -0.19
N THR A 39 -10.59 -5.21 -0.67
CA THR A 39 -11.96 -5.62 -1.09
C THR A 39 -12.97 -5.29 0.00
N ARG A 40 -12.63 -5.53 1.24
CA ARG A 40 -13.58 -5.21 2.34
C ARG A 40 -13.69 -3.69 2.51
N LEU A 41 -12.65 -2.98 2.16
CA LEU A 41 -12.68 -1.49 2.30
C LEU A 41 -13.85 -0.93 1.48
N ARG A 42 -14.19 -1.56 0.39
CA ARG A 42 -15.32 -1.07 -0.44
C ARG A 42 -16.63 -1.10 0.34
N GLU A 43 -16.67 -1.85 1.41
CA GLU A 43 -17.92 -1.92 2.22
C GLU A 43 -17.76 -1.15 3.54
N ALA A 44 -16.74 -0.34 3.66
CA ALA A 44 -16.53 0.42 4.92
C ALA A 44 -17.44 1.65 4.94
N ARG A 45 -17.78 2.18 3.80
CA ARG A 45 -18.66 3.38 3.76
C ARG A 45 -19.18 3.59 2.34
N ARG A 46 -18.31 3.88 1.42
CA ARG A 46 -18.76 4.11 0.01
C ARG A 46 -18.82 2.77 -0.73
N HIS B 1 19.98 -17.64 21.49
CA HIS B 1 21.18 -16.74 21.38
C HIS B 1 20.78 -15.40 20.77
N MET B 2 20.72 -14.37 21.56
CA MET B 2 20.34 -13.03 21.02
C MET B 2 19.00 -13.13 20.27
N GLY B 3 17.92 -12.79 20.94
CA GLY B 3 16.60 -12.87 20.27
C GLY B 3 16.03 -11.46 20.07
N HIS B 4 15.15 -11.28 19.13
CA HIS B 4 14.57 -9.94 18.89
C HIS B 4 13.43 -10.02 17.86
N ILE B 5 12.86 -8.91 17.49
CA ILE B 5 11.76 -8.94 16.48
C ILE B 5 12.18 -8.17 15.22
N GLN B 6 11.86 -8.69 14.07
CA GLN B 6 12.23 -7.99 12.81
C GLN B 6 11.05 -7.98 11.84
N ILE B 7 11.23 -7.43 10.67
CA ILE B 7 10.12 -7.38 9.67
C ILE B 7 10.53 -8.10 8.38
N PRO B 8 9.62 -8.84 7.81
CA PRO B 8 9.91 -9.58 6.55
C PRO B 8 10.00 -8.60 5.37
N PRO B 9 11.00 -8.79 4.54
CA PRO B 9 11.17 -7.91 3.36
C PRO B 9 10.17 -8.27 2.27
N GLY B 10 10.00 -7.42 1.30
CA GLY B 10 9.03 -7.72 0.20
C GLY B 10 7.85 -6.76 0.27
N LEU B 11 7.43 -6.40 1.45
CA LEU B 11 6.28 -5.47 1.58
C LEU B 11 6.58 -4.15 0.85
N THR B 12 7.71 -3.56 1.12
CA THR B 12 8.07 -2.28 0.45
C THR B 12 8.17 -2.50 -1.07
N GLU B 13 8.86 -3.53 -1.48
CA GLU B 13 9.00 -3.81 -2.93
C GLU B 13 7.62 -3.99 -3.58
N LEU B 14 6.69 -4.57 -2.86
CA LEU B 14 5.33 -4.77 -3.43
C LEU B 14 4.62 -3.43 -3.60
N LEU B 15 4.44 -2.70 -2.53
CA LEU B 15 3.75 -1.38 -2.63
C LEU B 15 4.46 -0.50 -3.67
N GLN B 16 5.77 -0.60 -3.76
CA GLN B 16 6.51 0.23 -4.75
C GLN B 16 5.91 0.01 -6.15
N GLY B 17 5.78 -1.21 -6.57
CA GLY B 17 5.19 -1.48 -7.90
C GLY B 17 3.78 -0.91 -7.95
N TYR B 18 3.02 -1.08 -6.89
CA TYR B 18 1.64 -0.54 -6.85
C TYR B 18 1.68 0.98 -6.91
N THR B 19 2.50 1.59 -6.08
CA THR B 19 2.59 3.08 -6.08
C THR B 19 2.83 3.59 -7.51
N VAL B 20 3.61 2.88 -8.28
CA VAL B 20 3.89 3.32 -9.68
C VAL B 20 2.59 3.33 -10.50
N GLU B 21 2.09 2.17 -10.84
CA GLU B 21 0.83 2.09 -11.66
C GLU B 21 -0.23 3.07 -11.14
N VAL B 22 -0.34 3.23 -9.84
CA VAL B 22 -1.36 4.18 -9.30
C VAL B 22 -1.18 5.56 -9.95
N LEU B 23 0.04 6.01 -10.09
CA LEU B 23 0.27 7.34 -10.72
C LEU B 23 0.13 7.25 -12.24
N ARG B 24 0.73 6.26 -12.84
CA ARG B 24 0.63 6.11 -14.32
C ARG B 24 -0.85 6.05 -14.74
N GLN B 25 -1.60 5.19 -14.12
CA GLN B 25 -3.05 5.07 -14.48
C GLN B 25 -3.83 6.26 -13.90
N GLN B 26 -3.44 6.73 -12.75
CA GLN B 26 -4.17 7.88 -12.13
C GLN B 26 -5.67 7.61 -12.10
N PRO B 27 -6.05 6.51 -11.50
CA PRO B 27 -7.48 6.14 -11.41
C PRO B 27 -8.21 7.09 -10.45
N PRO B 28 -9.52 7.11 -10.56
CA PRO B 28 -10.34 7.99 -9.68
C PRO B 28 -10.34 7.44 -8.25
N ASP B 29 -10.64 6.19 -8.08
CA ASP B 29 -10.65 5.59 -6.72
C ASP B 29 -9.57 4.52 -6.60
N LEU B 30 -8.68 4.67 -5.67
CA LEU B 30 -7.59 3.66 -5.50
C LEU B 30 -8.14 2.41 -4.82
N VAL B 31 -9.17 2.55 -4.03
CA VAL B 31 -9.76 1.35 -3.35
C VAL B 31 -10.04 0.23 -4.36
N ASP B 32 -10.98 0.45 -5.23
CA ASP B 32 -11.30 -0.60 -6.25
C ASP B 32 -10.03 -0.99 -7.00
N PHE B 33 -9.22 -0.04 -7.36
CA PHE B 33 -7.95 -0.36 -8.08
C PHE B 33 -7.11 -1.32 -7.25
N ALA B 34 -6.84 -0.99 -6.02
CA ALA B 34 -6.03 -1.88 -5.16
C ALA B 34 -6.60 -3.31 -5.18
N VAL B 35 -7.89 -3.44 -5.18
CA VAL B 35 -8.51 -4.79 -5.21
C VAL B 35 -8.31 -5.43 -6.59
N GLU B 36 -8.31 -4.63 -7.63
CA GLU B 36 -8.12 -5.19 -9.00
C GLU B 36 -6.66 -5.57 -9.24
N TYR B 37 -5.75 -4.94 -8.54
CA TYR B 37 -4.31 -5.26 -8.74
C TYR B 37 -3.96 -6.57 -8.02
N PHE B 38 -3.99 -6.59 -6.72
CA PHE B 38 -3.66 -7.82 -5.97
C PHE B 38 -4.51 -9.00 -6.47
N THR B 39 -5.79 -8.80 -6.64
CA THR B 39 -6.65 -9.91 -7.12
C THR B 39 -6.14 -10.45 -8.46
N ARG B 40 -5.64 -9.58 -9.30
CA ARG B 40 -5.12 -10.05 -10.62
C ARG B 40 -3.78 -10.76 -10.43
N LEU B 41 -3.02 -10.37 -9.44
CA LEU B 41 -1.71 -11.04 -9.20
C LEU B 41 -1.91 -12.53 -9.00
N ARG B 42 -2.93 -12.91 -8.27
CA ARG B 42 -3.19 -14.35 -8.03
C ARG B 42 -3.20 -15.11 -9.36
N GLU B 43 -3.67 -14.49 -10.40
CA GLU B 43 -3.71 -15.17 -11.73
C GLU B 43 -2.29 -15.54 -12.16
N ALA B 44 -1.31 -14.82 -11.69
CA ALA B 44 0.10 -15.13 -12.07
C ALA B 44 0.57 -16.41 -11.38
N ARG B 45 0.25 -16.57 -10.12
CA ARG B 45 0.68 -17.80 -9.39
C ARG B 45 -0.20 -18.98 -9.78
N ARG B 46 0.04 -19.57 -10.93
CA ARG B 46 -0.78 -20.73 -11.37
C ARG B 46 -2.27 -20.37 -11.34
N ASP C 1 4.43 -0.07 19.60
CA ASP C 1 5.32 -1.24 19.33
C ASP C 1 6.36 -0.86 18.26
N LEU C 2 7.16 -1.81 17.86
CA LEU C 2 8.20 -1.51 16.82
C LEU C 2 7.53 -1.35 15.45
N ILE C 3 6.43 -2.02 15.23
CA ILE C 3 5.73 -1.90 13.92
C ILE C 3 5.40 -0.43 13.64
N GLU C 4 4.98 0.29 14.64
CA GLU C 4 4.64 1.73 14.42
C GLU C 4 5.88 2.51 13.94
N GLU C 5 7.04 1.95 14.13
CA GLU C 5 8.27 2.66 13.68
C GLU C 5 8.68 2.20 12.28
N ALA C 6 8.61 0.91 12.04
CA ALA C 6 8.98 0.39 10.69
C ALA C 6 7.87 0.72 9.68
N ALA C 7 6.65 0.77 10.14
CA ALA C 7 5.53 1.09 9.20
C ALA C 7 5.48 2.61 8.98
N SER C 8 6.05 3.37 9.86
CA SER C 8 6.03 4.85 9.69
C SER C 8 7.10 5.26 8.66
N ARG C 9 8.20 4.55 8.63
CA ARG C 9 9.27 4.90 7.65
C ARG C 9 8.91 4.33 6.27
N ILE C 10 8.37 3.14 6.22
CA ILE C 10 8.00 2.55 4.90
C ILE C 10 7.06 3.52 4.16
N VAL C 11 6.13 4.10 4.88
CA VAL C 11 5.20 5.05 4.23
C VAL C 11 5.97 6.28 3.73
N ASP C 12 6.92 6.74 4.50
CA ASP C 12 7.72 7.92 4.08
C ASP C 12 8.32 7.72 2.69
N ALA C 13 8.59 6.50 2.33
CA ALA C 13 9.19 6.24 0.98
C ALA C 13 8.11 6.34 -0.10
N VAL C 14 6.98 5.73 0.11
CA VAL C 14 5.89 5.79 -0.91
C VAL C 14 5.42 7.24 -1.09
N ILE C 15 5.21 7.95 -0.01
CA ILE C 15 4.73 9.36 -0.13
C ILE C 15 5.83 10.23 -0.75
N GLU C 16 7.07 9.85 -0.61
CA GLU C 16 8.17 10.67 -1.20
C GLU C 16 8.03 10.73 -2.71
N GLN C 17 7.34 9.80 -3.30
CA GLN C 17 7.16 9.80 -4.78
C GLN C 17 5.78 10.36 -5.17
N VAL C 18 4.74 9.85 -4.58
CA VAL C 18 3.37 10.33 -4.93
C VAL C 18 3.26 11.85 -4.72
N LYS C 19 3.95 12.38 -3.74
CA LYS C 19 3.88 13.86 -3.50
C LYS C 19 4.95 14.58 -4.32
N ALA C 20 6.02 13.90 -4.64
CA ALA C 20 7.10 14.56 -5.44
C ALA C 20 6.84 14.38 -6.94
N ALA C 21 5.74 13.79 -7.31
CA ALA C 21 5.44 13.60 -8.76
C ALA C 21 4.80 14.87 -9.34
N GLY C 22 4.06 15.58 -8.54
CA GLY C 22 3.42 16.84 -9.06
C GLY C 22 4.26 18.05 -8.65
N ALA C 23 5.51 18.06 -8.99
CA ALA C 23 6.37 19.21 -8.62
C ALA C 23 7.65 19.23 -9.48
N TYR C 24 8.40 18.16 -9.46
CA TYR C 24 9.64 18.12 -10.27
C TYR C 24 9.33 17.70 -11.71
N HIS A 1 -7.37 27.20 -16.12
CA HIS A 1 -6.08 26.51 -15.84
C HIS A 1 -5.26 27.31 -14.81
N MET A 2 -5.59 27.17 -13.55
CA MET A 2 -4.84 27.91 -12.50
C MET A 2 -4.40 26.95 -11.39
N GLY A 3 -5.24 26.01 -11.03
CA GLY A 3 -4.87 25.06 -9.95
C GLY A 3 -4.12 23.87 -10.57
N HIS A 4 -2.91 23.63 -10.13
CA HIS A 4 -2.13 22.50 -10.70
C HIS A 4 -1.77 21.51 -9.59
N ILE A 5 -2.54 20.46 -9.43
CA ILE A 5 -2.24 19.47 -8.37
C ILE A 5 -2.65 18.06 -8.82
N GLN A 6 -1.81 17.09 -8.60
CA GLN A 6 -2.15 15.70 -9.02
C GLN A 6 -1.67 14.69 -7.97
N ILE A 7 -1.78 15.02 -6.73
CA ILE A 7 -1.34 14.08 -5.65
C ILE A 7 -2.52 13.73 -4.74
N PRO A 8 -3.04 12.54 -4.90
CA PRO A 8 -4.20 12.09 -4.08
C PRO A 8 -3.75 11.82 -2.63
N PRO A 9 -4.23 12.64 -1.72
CA PRO A 9 -3.87 12.47 -0.29
C PRO A 9 -4.59 11.25 0.29
N GLY A 10 -4.29 10.90 1.52
CA GLY A 10 -4.96 9.72 2.15
C GLY A 10 -4.16 8.45 1.86
N LEU A 11 -3.16 8.52 1.01
CA LEU A 11 -2.36 7.30 0.70
C LEU A 11 -1.59 6.83 1.94
N THR A 12 -1.50 7.64 2.96
CA THR A 12 -0.77 7.21 4.18
C THR A 12 -1.62 6.29 5.04
N GLU A 13 -2.69 6.80 5.59
CA GLU A 13 -3.57 5.95 6.45
C GLU A 13 -3.92 4.64 5.74
N LEU A 14 -4.00 4.66 4.43
CA LEU A 14 -4.34 3.42 3.69
C LEU A 14 -3.14 2.45 3.70
N LEU A 15 -2.00 2.91 3.27
CA LEU A 15 -0.80 2.03 3.23
C LEU A 15 -0.38 1.65 4.66
N GLN A 16 -0.04 2.62 5.46
CA GLN A 16 0.39 2.31 6.87
C GLN A 16 -0.64 1.40 7.54
N GLY A 17 -1.90 1.61 7.26
CA GLY A 17 -2.95 0.75 7.89
C GLY A 17 -2.64 -0.71 7.57
N TYR A 18 -2.27 -0.99 6.36
CA TYR A 18 -1.93 -2.39 5.97
C TYR A 18 -0.74 -2.88 6.79
N THR A 19 0.23 -2.02 7.00
CA THR A 19 1.43 -2.42 7.79
C THR A 19 1.02 -2.81 9.21
N VAL A 20 0.01 -2.17 9.74
CA VAL A 20 -0.42 -2.48 11.13
C VAL A 20 -1.21 -3.80 11.17
N GLU A 21 -1.78 -4.20 10.06
CA GLU A 21 -2.56 -5.48 10.05
C GLU A 21 -1.64 -6.62 9.62
N VAL A 22 -0.88 -6.41 8.59
CA VAL A 22 0.05 -7.46 8.11
C VAL A 22 1.00 -7.90 9.23
N LEU A 23 1.35 -7.01 10.12
CA LEU A 23 2.26 -7.38 11.23
C LEU A 23 1.45 -7.86 12.44
N ARG A 24 0.28 -7.31 12.65
CA ARG A 24 -0.54 -7.73 13.82
C ARG A 24 -1.35 -8.99 13.46
N GLN A 25 -2.15 -8.91 12.43
CA GLN A 25 -2.97 -10.10 12.03
C GLN A 25 -2.05 -11.27 11.64
N GLN A 26 -0.90 -10.99 11.13
CA GLN A 26 0.04 -12.08 10.72
C GLN A 26 -0.68 -13.08 9.81
N PRO A 27 -1.17 -12.59 8.70
CA PRO A 27 -1.87 -13.47 7.73
C PRO A 27 -0.89 -14.43 7.05
N PRO A 28 -1.39 -15.58 6.64
CA PRO A 28 -0.53 -16.58 5.96
C PRO A 28 -0.18 -16.10 4.55
N ASP A 29 -1.11 -15.46 3.90
CA ASP A 29 -0.84 -14.97 2.51
C ASP A 29 -1.10 -13.46 2.43
N LEU A 30 -0.07 -12.70 2.17
CA LEU A 30 -0.25 -11.23 2.08
C LEU A 30 -1.02 -10.87 0.80
N VAL A 31 -0.61 -11.40 -0.31
CA VAL A 31 -1.32 -11.10 -1.60
C VAL A 31 -2.83 -11.27 -1.41
N ASP A 32 -3.24 -12.47 -1.08
CA ASP A 32 -4.69 -12.72 -0.88
C ASP A 32 -5.23 -11.81 0.23
N PHE A 33 -4.46 -11.64 1.28
CA PHE A 33 -4.92 -10.75 2.39
C PHE A 33 -5.13 -9.33 1.85
N ALA A 34 -4.18 -8.82 1.14
CA ALA A 34 -4.31 -7.44 0.59
C ALA A 34 -5.57 -7.36 -0.29
N VAL A 35 -5.80 -8.34 -1.12
CA VAL A 35 -7.00 -8.32 -1.98
C VAL A 35 -8.25 -8.53 -1.12
N GLU A 36 -8.12 -9.22 -0.02
CA GLU A 36 -9.28 -9.46 0.86
C GLU A 36 -9.52 -8.23 1.75
N TYR A 37 -8.48 -7.52 2.09
CA TYR A 37 -8.64 -6.31 2.94
C TYR A 37 -9.15 -5.14 2.09
N PHE A 38 -8.37 -4.69 1.16
CA PHE A 38 -8.80 -3.55 0.30
C PHE A 38 -10.20 -3.79 -0.26
N THR A 39 -10.47 -4.98 -0.72
CA THR A 39 -11.83 -5.26 -1.27
C THR A 39 -12.89 -5.01 -0.20
N ARG A 40 -12.64 -5.42 1.01
CA ARG A 40 -13.64 -5.18 2.09
C ARG A 40 -13.86 -3.68 2.29
N LEU A 41 -12.85 -2.89 2.05
CA LEU A 41 -12.99 -1.41 2.22
C LEU A 41 -13.85 -0.84 1.10
N ARG A 42 -13.80 -1.43 -0.07
CA ARG A 42 -14.62 -0.93 -1.21
C ARG A 42 -16.11 -1.13 -0.91
N GLU A 43 -16.45 -2.15 -0.19
CA GLU A 43 -17.88 -2.40 0.14
C GLU A 43 -18.34 -1.45 1.24
N ALA A 44 -17.46 -1.11 2.14
CA ALA A 44 -17.84 -0.19 3.25
C ALA A 44 -17.97 1.24 2.73
N ARG A 45 -17.24 1.57 1.70
CA ARG A 45 -17.33 2.95 1.13
C ARG A 45 -17.11 3.99 2.25
N ARG A 46 -15.89 4.19 2.64
CA ARG A 46 -15.61 5.19 3.73
C ARG A 46 -14.33 5.96 3.41
N HIS B 1 20.10 -15.01 24.53
CA HIS B 1 20.41 -14.19 23.32
C HIS B 1 19.87 -14.89 22.07
N MET B 2 18.64 -14.61 21.71
CA MET B 2 18.05 -15.26 20.50
C MET B 2 16.93 -14.40 19.93
N GLY B 3 17.24 -13.59 18.95
CA GLY B 3 16.19 -12.72 18.34
C GLY B 3 15.89 -13.23 16.93
N HIS B 4 14.63 -13.46 16.64
CA HIS B 4 14.28 -13.95 15.27
C HIS B 4 12.93 -13.37 14.83
N ILE B 5 12.63 -12.17 15.24
CA ILE B 5 11.34 -11.55 14.84
C ILE B 5 11.58 -10.20 14.17
N GLN B 6 10.97 -9.98 13.03
CA GLN B 6 11.17 -8.68 12.32
C GLN B 6 10.18 -8.55 11.16
N ILE B 7 10.13 -7.41 10.53
CA ILE B 7 9.19 -7.24 9.38
C ILE B 7 9.74 -7.95 8.13
N PRO B 8 8.85 -8.56 7.38
CA PRO B 8 9.27 -9.27 6.15
C PRO B 8 9.67 -8.27 5.06
N PRO B 9 10.77 -8.54 4.41
CA PRO B 9 11.26 -7.65 3.34
C PRO B 9 10.42 -7.80 2.06
N GLY B 10 9.48 -8.68 2.06
CA GLY B 10 8.63 -8.87 0.86
C GLY B 10 7.54 -7.80 0.82
N LEU B 11 7.35 -7.06 1.89
CA LEU B 11 6.31 -6.00 1.89
C LEU B 11 6.84 -4.74 1.19
N THR B 12 8.09 -4.45 1.35
CA THR B 12 8.68 -3.24 0.70
C THR B 12 8.40 -3.27 -0.80
N GLU B 13 8.98 -4.20 -1.50
CA GLU B 13 8.75 -4.29 -2.97
C GLU B 13 7.25 -4.33 -3.28
N LEU B 14 6.47 -4.82 -2.37
CA LEU B 14 5.00 -4.89 -2.62
C LEU B 14 4.39 -3.49 -2.62
N LEU B 15 4.50 -2.79 -1.52
CA LEU B 15 3.93 -1.42 -1.44
C LEU B 15 4.61 -0.50 -2.47
N GLN B 16 5.91 -0.42 -2.44
CA GLN B 16 6.63 0.45 -3.42
C GLN B 16 6.11 0.22 -4.85
N GLY B 17 5.93 -1.02 -5.21
CA GLY B 17 5.42 -1.32 -6.58
C GLY B 17 4.10 -0.57 -6.80
N TYR B 18 3.17 -0.72 -5.90
CA TYR B 18 1.86 -0.01 -6.05
C TYR B 18 2.09 1.49 -6.26
N THR B 19 3.01 2.06 -5.53
CA THR B 19 3.29 3.51 -5.69
C THR B 19 3.61 3.84 -7.15
N VAL B 20 4.27 2.95 -7.83
CA VAL B 20 4.63 3.21 -9.26
C VAL B 20 3.37 3.09 -10.15
N GLU B 21 2.40 2.35 -9.70
CA GLU B 21 1.14 2.21 -10.52
C GLU B 21 0.19 3.34 -10.17
N VAL B 22 -0.09 3.50 -8.91
CA VAL B 22 -1.01 4.57 -8.46
C VAL B 22 -0.65 5.90 -9.13
N LEU B 23 0.62 6.15 -9.34
CA LEU B 23 1.03 7.42 -10.00
C LEU B 23 1.09 7.24 -11.51
N ARG B 24 1.26 6.02 -11.97
CA ARG B 24 1.34 5.79 -13.44
C ARG B 24 -0.06 5.58 -14.03
N GLN B 25 -1.01 5.21 -13.21
CA GLN B 25 -2.40 4.99 -13.74
C GLN B 25 -3.29 6.18 -13.40
N GLN B 26 -3.07 6.81 -12.28
CA GLN B 26 -3.92 7.98 -11.90
C GLN B 26 -5.40 7.58 -11.93
N PRO B 27 -5.71 6.50 -11.25
CA PRO B 27 -7.11 6.02 -11.21
C PRO B 27 -7.99 6.95 -10.36
N PRO B 28 -9.27 6.95 -10.65
CA PRO B 28 -10.21 7.81 -9.89
C PRO B 28 -10.39 7.27 -8.47
N ASP B 29 -10.38 5.98 -8.32
CA ASP B 29 -10.55 5.38 -6.96
C ASP B 29 -9.37 4.48 -6.63
N LEU B 30 -8.67 4.77 -5.58
CA LEU B 30 -7.49 3.93 -5.21
C LEU B 30 -7.95 2.60 -4.62
N VAL B 31 -8.92 2.62 -3.75
CA VAL B 31 -9.41 1.35 -3.13
C VAL B 31 -9.68 0.32 -4.22
N ASP B 32 -10.55 0.64 -5.14
CA ASP B 32 -10.87 -0.30 -6.23
C ASP B 32 -9.61 -0.63 -7.03
N PHE B 33 -8.77 0.35 -7.24
CA PHE B 33 -7.51 0.10 -7.99
C PHE B 33 -6.65 -0.92 -7.23
N ALA B 34 -6.44 -0.70 -5.96
CA ALA B 34 -5.63 -1.64 -5.15
C ALA B 34 -6.23 -3.05 -5.24
N VAL B 35 -7.53 -3.15 -5.16
CA VAL B 35 -8.20 -4.48 -5.25
C VAL B 35 -8.06 -5.03 -6.67
N GLU B 36 -8.03 -4.15 -7.64
CA GLU B 36 -7.88 -4.60 -9.05
C GLU B 36 -6.41 -4.90 -9.34
N TYR B 37 -5.51 -4.22 -8.69
CA TYR B 37 -4.05 -4.47 -8.93
C TYR B 37 -3.61 -5.73 -8.18
N PHE B 38 -3.70 -5.74 -6.88
CA PHE B 38 -3.27 -6.93 -6.10
C PHE B 38 -3.98 -8.18 -6.62
N THR B 39 -5.28 -8.14 -6.75
CA THR B 39 -6.02 -9.33 -7.26
C THR B 39 -5.37 -9.85 -8.55
N ARG B 40 -5.06 -8.96 -9.46
CA ARG B 40 -4.42 -9.41 -10.74
C ARG B 40 -3.02 -9.97 -10.45
N LEU B 41 -2.42 -9.57 -9.36
CA LEU B 41 -1.05 -10.06 -9.02
C LEU B 41 -1.12 -11.53 -8.60
N ARG B 42 -2.25 -11.98 -8.12
CA ARG B 42 -2.38 -13.39 -7.69
C ARG B 42 -2.67 -14.29 -8.89
N GLU B 43 -3.24 -13.74 -9.93
CA GLU B 43 -3.55 -14.57 -11.13
C GLU B 43 -2.38 -14.54 -12.12
N ALA B 44 -1.57 -13.52 -12.06
CA ALA B 44 -0.41 -13.44 -12.99
C ALA B 44 0.77 -14.26 -12.46
N ARG B 45 1.24 -13.94 -11.28
CA ARG B 45 2.38 -14.71 -10.70
C ARG B 45 1.87 -15.87 -9.84
N ARG B 46 1.21 -16.82 -10.45
CA ARG B 46 0.69 -17.97 -9.67
C ARG B 46 1.66 -19.16 -9.75
N ASP C 1 7.21 -1.83 20.79
CA ASP C 1 6.76 -1.18 19.52
C ASP C 1 7.29 -1.95 18.32
N LEU C 2 6.72 -1.75 17.17
CA LEU C 2 7.20 -2.47 15.94
C LEU C 2 6.85 -1.67 14.68
N ILE C 3 5.68 -1.90 14.12
CA ILE C 3 5.30 -1.14 12.88
C ILE C 3 5.51 0.36 13.08
N GLU C 4 5.38 0.83 14.29
CA GLU C 4 5.57 2.29 14.56
C GLU C 4 6.87 2.80 13.94
N GLU C 5 7.86 1.96 13.83
CA GLU C 5 9.15 2.41 13.24
C GLU C 5 9.29 1.90 11.81
N ALA C 6 9.06 0.63 11.60
CA ALA C 6 9.18 0.06 10.23
C ALA C 6 8.01 0.53 9.35
N ALA C 7 6.83 0.57 9.90
CA ALA C 7 5.67 1.02 9.07
C ALA C 7 5.72 2.54 8.93
N SER C 8 6.26 3.22 9.90
CA SER C 8 6.37 4.70 9.81
C SER C 8 7.31 5.08 8.68
N ARG C 9 8.37 4.34 8.49
CA ARG C 9 9.31 4.67 7.38
C ARG C 9 8.62 4.44 6.05
N ILE C 10 7.80 3.43 5.96
CA ILE C 10 7.08 3.15 4.69
C ILE C 10 6.33 4.41 4.24
N VAL C 11 5.78 5.13 5.18
CA VAL C 11 5.04 6.38 4.83
C VAL C 11 6.02 7.43 4.29
N ASP C 12 7.13 7.61 4.94
CA ASP C 12 8.13 8.61 4.48
C ASP C 12 8.57 8.34 3.04
N ALA C 13 8.67 7.09 2.67
CA ALA C 13 9.11 6.77 1.29
C ALA C 13 7.95 6.93 0.29
N VAL C 14 6.74 6.76 0.73
CA VAL C 14 5.59 6.91 -0.20
C VAL C 14 5.25 8.40 -0.34
N ILE C 15 5.32 9.13 0.73
CA ILE C 15 5.02 10.59 0.65
C ILE C 15 6.15 11.32 -0.08
N GLU C 16 7.32 10.71 -0.13
CA GLU C 16 8.47 11.36 -0.83
C GLU C 16 8.45 10.99 -2.32
N GLN C 17 7.93 9.84 -2.65
CA GLN C 17 7.90 9.43 -4.08
C GLN C 17 6.62 9.94 -4.75
N VAL C 18 5.50 9.81 -4.08
CA VAL C 18 4.22 10.29 -4.68
C VAL C 18 4.22 11.81 -4.78
N LYS C 19 4.64 12.48 -3.74
CA LYS C 19 4.65 13.97 -3.78
C LYS C 19 5.75 14.47 -4.72
N ALA C 20 6.84 13.76 -4.80
CA ALA C 20 7.95 14.20 -5.69
C ALA C 20 7.67 13.77 -7.15
N ALA C 21 6.82 12.79 -7.33
CA ALA C 21 6.52 12.33 -8.71
C ALA C 21 6.06 13.52 -9.58
N GLY C 22 4.85 13.96 -9.41
CA GLY C 22 4.36 15.11 -10.22
C GLY C 22 4.57 14.84 -11.71
N ALA C 23 4.13 13.71 -12.20
CA ALA C 23 4.31 13.40 -13.64
C ALA C 23 3.23 14.09 -14.47
N TYR C 24 2.04 13.55 -14.48
CA TYR C 24 0.94 14.18 -15.27
C TYR C 24 0.55 15.53 -14.67
N HIS A 1 -9.18 27.71 -10.86
CA HIS A 1 -8.19 26.61 -10.66
C HIS A 1 -7.13 26.65 -11.76
N MET A 2 -6.30 27.66 -11.77
CA MET A 2 -5.25 27.75 -12.82
C MET A 2 -4.15 26.73 -12.55
N GLY A 3 -4.01 26.30 -11.33
CA GLY A 3 -2.95 25.31 -11.01
C GLY A 3 -3.38 23.92 -11.49
N HIS A 4 -2.55 22.93 -11.33
CA HIS A 4 -2.92 21.57 -11.78
C HIS A 4 -3.15 20.66 -10.57
N ILE A 5 -3.19 19.37 -10.78
CA ILE A 5 -3.40 18.44 -9.64
C ILE A 5 -2.14 17.60 -9.39
N GLN A 6 -1.77 17.42 -8.15
CA GLN A 6 -0.55 16.61 -7.85
C GLN A 6 -0.95 15.20 -7.39
N ILE A 7 -0.09 14.53 -6.68
CA ILE A 7 -0.41 13.15 -6.23
C ILE A 7 -1.64 13.17 -5.31
N PRO A 8 -2.47 12.16 -5.43
CA PRO A 8 -3.70 12.07 -4.60
C PRO A 8 -3.34 11.70 -3.15
N PRO A 9 -3.84 12.46 -2.20
CA PRO A 9 -3.55 12.17 -0.78
C PRO A 9 -4.33 10.93 -0.31
N GLY A 10 -3.89 10.32 0.75
CA GLY A 10 -4.60 9.11 1.25
C GLY A 10 -3.68 7.88 1.19
N LEU A 11 -2.60 7.97 0.46
CA LEU A 11 -1.67 6.81 0.37
C LEU A 11 -1.00 6.53 1.72
N THR A 12 -0.79 7.56 2.51
CA THR A 12 -0.13 7.36 3.83
C THR A 12 -1.09 6.67 4.81
N GLU A 13 -2.35 7.00 4.74
CA GLU A 13 -3.33 6.37 5.68
C GLU A 13 -3.72 4.97 5.20
N LEU A 14 -3.59 4.71 3.92
CA LEU A 14 -3.97 3.36 3.40
C LEU A 14 -2.82 2.36 3.61
N LEU A 15 -1.61 2.76 3.36
CA LEU A 15 -0.47 1.82 3.54
C LEU A 15 -0.26 1.48 5.01
N GLN A 16 -0.16 2.47 5.86
CA GLN A 16 0.05 2.19 7.31
C GLN A 16 -1.15 1.39 7.85
N GLY A 17 -2.33 1.73 7.43
CA GLY A 17 -3.52 0.98 7.91
C GLY A 17 -3.31 -0.50 7.57
N TYR A 18 -2.58 -0.76 6.52
CA TYR A 18 -2.30 -2.16 6.11
C TYR A 18 -1.14 -2.72 6.94
N THR A 19 -0.07 -1.97 7.05
CA THR A 19 1.09 -2.44 7.86
C THR A 19 0.62 -2.78 9.28
N VAL A 20 -0.44 -2.15 9.72
CA VAL A 20 -0.97 -2.42 11.09
C VAL A 20 -1.75 -3.73 11.12
N GLU A 21 -2.96 -3.73 10.62
CA GLU A 21 -3.79 -4.97 10.64
C GLU A 21 -2.98 -6.18 10.15
N VAL A 22 -2.24 -6.06 9.08
CA VAL A 22 -1.45 -7.22 8.59
C VAL A 22 -0.56 -7.75 9.72
N LEU A 23 0.18 -6.88 10.35
CA LEU A 23 1.08 -7.34 11.47
C LEU A 23 0.24 -7.80 12.66
N ARG A 24 -1.04 -7.50 12.66
CA ARG A 24 -1.90 -7.91 13.81
C ARG A 24 -2.66 -9.20 13.46
N GLN A 25 -3.61 -9.11 12.57
CA GLN A 25 -4.39 -10.34 12.20
C GLN A 25 -3.43 -11.47 11.81
N GLN A 26 -2.26 -11.14 11.33
CA GLN A 26 -1.29 -12.20 10.94
C GLN A 26 -1.96 -13.22 10.01
N PRO A 27 -2.46 -12.76 8.90
CA PRO A 27 -3.12 -13.66 7.92
C PRO A 27 -2.09 -14.55 7.23
N PRO A 28 -2.50 -15.75 6.91
CA PRO A 28 -1.59 -16.70 6.23
C PRO A 28 -1.28 -16.24 4.80
N ASP A 29 -2.14 -15.43 4.23
CA ASP A 29 -1.89 -14.96 2.84
C ASP A 29 -1.93 -13.43 2.78
N LEU A 30 -0.82 -12.81 2.48
CA LEU A 30 -0.80 -11.32 2.39
C LEU A 30 -1.47 -10.87 1.09
N VAL A 31 -1.07 -11.43 -0.01
CA VAL A 31 -1.69 -11.05 -1.31
C VAL A 31 -3.21 -11.16 -1.20
N ASP A 32 -3.67 -12.27 -0.71
CA ASP A 32 -5.14 -12.49 -0.57
C ASP A 32 -5.69 -11.53 0.50
N PHE A 33 -4.94 -11.28 1.53
CA PHE A 33 -5.44 -10.34 2.60
C PHE A 33 -5.57 -8.93 2.01
N ALA A 34 -4.69 -8.57 1.12
CA ALA A 34 -4.77 -7.21 0.52
C ALA A 34 -6.01 -7.10 -0.36
N VAL A 35 -6.36 -8.15 -1.06
CA VAL A 35 -7.56 -8.10 -1.93
C VAL A 35 -8.83 -8.05 -1.08
N GLU A 36 -8.78 -8.58 0.11
CA GLU A 36 -9.99 -8.56 0.99
C GLU A 36 -10.10 -7.21 1.70
N TYR A 37 -9.00 -6.62 2.06
CA TYR A 37 -9.04 -5.30 2.76
C TYR A 37 -9.40 -4.19 1.77
N PHE A 38 -8.59 -3.99 0.76
CA PHE A 38 -8.88 -2.92 -0.23
C PHE A 38 -10.28 -3.10 -0.81
N THR A 39 -10.64 -4.31 -1.16
CA THR A 39 -12.00 -4.54 -1.73
C THR A 39 -13.06 -4.14 -0.70
N ARG A 40 -12.82 -4.41 0.55
CA ARG A 40 -13.81 -4.03 1.59
C ARG A 40 -13.93 -2.52 1.68
N LEU A 41 -12.89 -1.81 1.34
CA LEU A 41 -12.94 -0.32 1.38
C LEU A 41 -13.80 0.21 0.24
N ARG A 42 -13.77 -0.45 -0.88
CA ARG A 42 -14.60 0.02 -2.04
C ARG A 42 -16.07 0.10 -1.62
N GLU A 43 -16.46 -0.70 -0.66
CA GLU A 43 -17.88 -0.67 -0.20
C GLU A 43 -18.02 0.26 1.00
N ALA A 44 -17.17 0.11 1.98
CA ALA A 44 -17.25 0.99 3.18
C ALA A 44 -18.67 1.00 3.74
N ARG A 45 -19.37 -0.10 3.62
CA ARG A 45 -20.76 -0.15 4.14
C ARG A 45 -21.12 -1.57 4.55
N ARG A 46 -20.60 -2.02 5.67
CA ARG A 46 -20.91 -3.41 6.13
C ARG A 46 -22.42 -3.63 6.17
N HIS B 1 25.45 -9.71 14.08
CA HIS B 1 25.13 -10.40 15.36
C HIS B 1 23.72 -10.04 15.82
N MET B 2 23.50 -8.82 16.24
CA MET B 2 22.14 -8.41 16.68
C MET B 2 21.23 -8.20 15.47
N GLY B 3 20.08 -7.62 15.67
CA GLY B 3 19.16 -7.38 14.52
C GLY B 3 17.78 -7.95 14.86
N HIS B 4 16.77 -7.13 14.80
CA HIS B 4 15.39 -7.62 15.12
C HIS B 4 14.57 -7.78 13.84
N ILE B 5 13.95 -8.91 13.65
CA ILE B 5 13.12 -9.11 12.43
C ILE B 5 11.73 -9.61 12.80
N GLN B 6 10.90 -8.75 13.32
CA GLN B 6 9.52 -9.18 13.71
C GLN B 6 8.53 -8.77 12.62
N ILE B 7 8.92 -8.87 11.38
CA ILE B 7 8.00 -8.47 10.28
C ILE B 7 8.15 -9.43 9.08
N PRO B 8 7.06 -9.72 8.43
CA PRO B 8 7.09 -10.64 7.28
C PRO B 8 7.74 -9.96 6.05
N PRO B 9 8.58 -10.69 5.37
CA PRO B 9 9.27 -10.14 4.19
C PRO B 9 8.29 -10.05 3.01
N GLY B 10 8.63 -9.30 1.99
CA GLY B 10 7.72 -9.18 0.82
C GLY B 10 6.83 -7.95 0.99
N LEU B 11 6.40 -7.68 2.20
CA LEU B 11 5.53 -6.50 2.42
C LEU B 11 6.21 -5.23 1.93
N THR B 12 7.44 -5.02 2.31
CA THR B 12 8.16 -3.80 1.86
C THR B 12 8.25 -3.77 0.33
N GLU B 13 8.63 -4.85 -0.27
CA GLU B 13 8.74 -4.89 -1.76
C GLU B 13 7.35 -4.84 -2.39
N LEU B 14 6.36 -5.36 -1.72
CA LEU B 14 4.98 -5.33 -2.29
C LEU B 14 4.44 -3.91 -2.30
N LEU B 15 4.66 -3.16 -1.25
CA LEU B 15 4.16 -1.76 -1.21
C LEU B 15 4.95 -0.88 -2.17
N GLN B 16 6.25 -1.00 -2.17
CA GLN B 16 7.07 -0.18 -3.09
C GLN B 16 6.61 -0.40 -4.54
N GLY B 17 6.25 -1.61 -4.86
CA GLY B 17 5.78 -1.88 -6.26
C GLY B 17 4.49 -1.11 -6.51
N TYR B 18 3.55 -1.18 -5.60
CA TYR B 18 2.27 -0.44 -5.79
C TYR B 18 2.56 1.05 -5.91
N THR B 19 3.26 1.61 -4.95
CA THR B 19 3.58 3.07 -4.99
C THR B 19 4.20 3.44 -6.36
N VAL B 20 4.98 2.57 -6.91
CA VAL B 20 5.62 2.86 -8.23
C VAL B 20 4.53 2.95 -9.33
N GLU B 21 4.01 1.83 -9.75
CA GLU B 21 2.96 1.83 -10.82
C GLU B 21 1.91 2.92 -10.55
N VAL B 22 1.54 3.10 -9.32
CA VAL B 22 0.52 4.15 -8.99
C VAL B 22 0.95 5.51 -9.55
N LEU B 23 2.19 5.88 -9.35
CA LEU B 23 2.68 7.19 -9.87
C LEU B 23 2.72 7.17 -11.40
N ARG B 24 2.88 6.02 -11.98
CA ARG B 24 2.93 5.93 -13.48
C ARG B 24 1.51 5.93 -14.05
N GLN B 25 0.75 4.90 -13.80
CA GLN B 25 -0.64 4.84 -14.33
C GLN B 25 -1.60 5.57 -13.39
N GLN B 26 -1.32 6.83 -13.11
CA GLN B 26 -2.19 7.64 -12.19
C GLN B 26 -3.68 7.29 -12.36
N PRO B 27 -4.16 6.43 -11.50
CA PRO B 27 -5.57 6.00 -11.55
C PRO B 27 -6.47 7.05 -10.90
N PRO B 28 -7.75 6.90 -11.07
CA PRO B 28 -8.73 7.85 -10.48
C PRO B 28 -8.78 7.68 -8.96
N ASP B 29 -8.64 6.46 -8.50
CA ASP B 29 -8.68 6.21 -7.03
C ASP B 29 -7.92 4.93 -6.69
N LEU B 30 -6.87 5.03 -5.92
CA LEU B 30 -6.09 3.81 -5.55
C LEU B 30 -7.02 2.76 -4.96
N VAL B 31 -8.09 3.18 -4.36
CA VAL B 31 -9.04 2.21 -3.75
C VAL B 31 -9.44 1.16 -4.78
N ASP B 32 -9.85 1.60 -5.93
CA ASP B 32 -10.25 0.65 -7.00
C ASP B 32 -9.01 -0.04 -7.58
N PHE B 33 -8.02 0.72 -7.95
CA PHE B 33 -6.77 0.10 -8.50
C PHE B 33 -6.24 -0.94 -7.51
N ALA B 34 -6.04 -0.53 -6.28
CA ALA B 34 -5.52 -1.48 -5.25
C ALA B 34 -6.31 -2.80 -5.29
N VAL B 35 -7.61 -2.73 -5.49
CA VAL B 35 -8.42 -3.97 -5.54
C VAL B 35 -8.24 -4.65 -6.89
N GLU B 36 -8.04 -3.89 -7.93
CA GLU B 36 -7.86 -4.48 -9.28
C GLU B 36 -6.41 -5.00 -9.43
N TYR B 37 -5.49 -4.43 -8.69
CA TYR B 37 -4.08 -4.88 -8.79
C TYR B 37 -3.85 -6.16 -7.97
N PHE B 38 -4.01 -6.08 -6.68
CA PHE B 38 -3.80 -7.28 -5.83
C PHE B 38 -4.67 -8.45 -6.31
N THR B 39 -5.92 -8.19 -6.60
CA THR B 39 -6.81 -9.29 -7.08
C THR B 39 -6.21 -9.95 -8.32
N ARG B 40 -5.76 -9.18 -9.27
CA ARG B 40 -5.15 -9.78 -10.50
C ARG B 40 -3.84 -10.48 -10.15
N LEU B 41 -3.18 -10.07 -9.10
CA LEU B 41 -1.90 -10.71 -8.72
C LEU B 41 -2.17 -12.12 -8.16
N ARG B 42 -3.29 -12.32 -7.52
CA ARG B 42 -3.60 -13.66 -6.96
C ARG B 42 -3.50 -14.72 -8.07
N GLU B 43 -3.72 -14.33 -9.29
CA GLU B 43 -3.63 -15.31 -10.42
C GLU B 43 -2.20 -15.38 -10.93
N ALA B 44 -1.70 -14.31 -11.47
CA ALA B 44 -0.30 -14.31 -11.99
C ALA B 44 -0.05 -15.51 -12.90
N ARG B 45 -1.05 -15.91 -13.66
CA ARG B 45 -0.86 -17.09 -14.56
C ARG B 45 -0.34 -18.29 -13.77
N ARG B 46 -1.21 -18.98 -13.08
CA ARG B 46 -0.76 -20.16 -12.29
C ARG B 46 -0.07 -21.17 -13.21
N ASP C 1 4.30 -1.32 19.67
CA ASP C 1 5.38 -0.30 19.72
C ASP C 1 6.35 -0.50 18.55
N LEU C 2 6.33 -1.66 17.93
CA LEU C 2 7.26 -1.90 16.79
C LEU C 2 6.48 -1.86 15.47
N ILE C 3 5.21 -2.11 15.50
CA ILE C 3 4.41 -2.07 14.23
C ILE C 3 4.26 -0.63 13.75
N GLU C 4 3.73 0.23 14.58
CA GLU C 4 3.57 1.66 14.18
C GLU C 4 4.94 2.27 13.84
N GLU C 5 6.00 1.64 14.26
CA GLU C 5 7.36 2.18 13.97
C GLU C 5 7.82 1.68 12.59
N ALA C 6 7.72 0.40 12.35
CA ALA C 6 8.14 -0.15 11.04
C ALA C 6 7.22 0.40 9.94
N ALA C 7 5.97 0.60 10.25
CA ALA C 7 5.03 1.15 9.24
C ALA C 7 5.26 2.65 9.11
N SER C 8 5.82 3.27 10.11
CA SER C 8 6.09 4.73 10.02
C SER C 8 7.20 4.97 9.00
N ARG C 9 8.20 4.12 8.99
CA ARG C 9 9.30 4.30 8.01
C ARG C 9 8.72 4.20 6.59
N ILE C 10 7.76 3.34 6.40
CA ILE C 10 7.14 3.19 5.04
C ILE C 10 6.66 4.57 4.59
N VAL C 11 6.02 5.31 5.44
CA VAL C 11 5.54 6.67 5.06
C VAL C 11 6.70 7.48 4.49
N ASP C 12 7.83 7.44 5.15
CA ASP C 12 9.01 8.22 4.66
C ASP C 12 9.45 7.72 3.27
N ALA C 13 9.36 6.45 3.04
CA ALA C 13 9.80 5.91 1.71
C ALA C 13 8.69 6.07 0.67
N VAL C 14 7.47 6.28 1.07
CA VAL C 14 6.38 6.45 0.08
C VAL C 14 6.21 7.94 -0.25
N ILE C 15 6.61 8.80 0.64
CA ILE C 15 6.49 10.26 0.36
C ILE C 15 7.71 10.74 -0.42
N GLU C 16 8.80 10.03 -0.31
CA GLU C 16 10.03 10.44 -1.05
C GLU C 16 9.87 10.14 -2.55
N GLN C 17 8.97 9.27 -2.90
CA GLN C 17 8.78 8.94 -4.34
C GLN C 17 7.41 9.46 -4.83
N VAL C 18 6.43 9.48 -3.97
CA VAL C 18 5.09 9.96 -4.41
C VAL C 18 4.93 11.46 -4.14
N LYS C 19 5.80 12.04 -3.36
CA LYS C 19 5.68 13.49 -3.06
C LYS C 19 6.83 14.27 -3.71
N ALA C 20 8.00 13.70 -3.74
CA ALA C 20 9.16 14.40 -4.36
C ALA C 20 9.04 14.38 -5.89
N ALA C 21 8.26 13.49 -6.42
CA ALA C 21 8.11 13.41 -7.91
C ALA C 21 7.57 14.73 -8.45
N GLY C 22 6.82 15.45 -7.65
CA GLY C 22 6.27 16.75 -8.13
C GLY C 22 5.04 16.50 -9.01
N ALA C 23 5.24 16.35 -10.29
CA ALA C 23 4.09 16.10 -11.20
C ALA C 23 4.60 15.70 -12.59
N TYR C 24 5.55 14.80 -12.65
CA TYR C 24 6.09 14.38 -13.98
C TYR C 24 5.16 13.35 -14.61
N HIS A 1 -7.05 29.18 -12.92
CA HIS A 1 -6.34 28.06 -13.60
C HIS A 1 -5.30 27.45 -12.65
N MET A 2 -5.68 26.45 -11.90
CA MET A 2 -4.72 25.80 -10.95
C MET A 2 -3.56 25.18 -11.72
N GLY A 3 -3.79 24.80 -12.95
CA GLY A 3 -2.69 24.18 -13.75
C GLY A 3 -3.15 22.83 -14.29
N HIS A 4 -2.34 21.82 -14.17
CA HIS A 4 -2.74 20.47 -14.68
C HIS A 4 -2.15 19.37 -13.78
N ILE A 5 -1.99 19.66 -12.51
CA ILE A 5 -1.44 18.63 -11.58
C ILE A 5 -2.52 18.17 -10.59
N GLN A 6 -2.48 16.94 -10.17
CA GLN A 6 -3.51 16.45 -9.20
C GLN A 6 -3.06 15.14 -8.56
N ILE A 7 -2.51 15.19 -7.38
CA ILE A 7 -2.06 13.95 -6.70
C ILE A 7 -3.02 13.62 -5.54
N PRO A 8 -3.85 12.63 -5.74
CA PRO A 8 -4.82 12.23 -4.69
C PRO A 8 -4.11 11.56 -3.51
N PRO A 9 -4.14 12.24 -2.37
CA PRO A 9 -3.49 11.68 -1.16
C PRO A 9 -4.40 10.65 -0.50
N GLY A 10 -3.95 10.05 0.57
CA GLY A 10 -4.80 9.03 1.26
C GLY A 10 -4.14 7.65 1.20
N LEU A 11 -2.91 7.57 0.77
CA LEU A 11 -2.23 6.24 0.70
C LEU A 11 -1.48 5.96 2.01
N THR A 12 -1.54 6.85 2.96
CA THR A 12 -0.82 6.62 4.24
C THR A 12 -1.63 5.68 5.15
N GLU A 13 -2.74 6.14 5.64
CA GLU A 13 -3.58 5.30 6.54
C GLU A 13 -3.85 3.94 5.89
N LEU A 14 -3.83 3.88 4.58
CA LEU A 14 -4.10 2.58 3.89
C LEU A 14 -2.87 1.67 3.98
N LEU A 15 -1.70 2.23 3.91
CA LEU A 15 -0.46 1.39 3.98
C LEU A 15 -0.12 1.08 5.44
N GLN A 16 0.04 2.09 6.26
CA GLN A 16 0.38 1.84 7.69
C GLN A 16 -0.58 0.82 8.29
N GLY A 17 -1.86 0.99 8.07
CA GLY A 17 -2.85 0.02 8.62
C GLY A 17 -2.50 -1.37 8.12
N TYR A 18 -2.30 -1.52 6.84
CA TYR A 18 -1.95 -2.85 6.27
C TYR A 18 -0.72 -3.41 7.02
N THR A 19 0.26 -2.59 7.24
CA THR A 19 1.48 -3.06 7.96
C THR A 19 1.11 -3.60 9.35
N VAL A 20 0.11 -3.05 9.97
CA VAL A 20 -0.29 -3.53 11.32
C VAL A 20 -1.20 -4.76 11.22
N GLU A 21 -1.92 -4.89 10.15
CA GLU A 21 -2.84 -6.07 10.01
C GLU A 21 -2.01 -7.29 9.63
N VAL A 22 -1.22 -7.16 8.60
CA VAL A 22 -0.38 -8.30 8.15
C VAL A 22 0.56 -8.74 9.28
N LEU A 23 1.02 -7.81 10.08
CA LEU A 23 1.94 -8.18 11.20
C LEU A 23 1.17 -8.90 12.31
N ARG A 24 -0.05 -8.50 12.56
CA ARG A 24 -0.85 -9.16 13.64
C ARG A 24 -1.51 -10.44 13.12
N GLN A 25 -2.18 -10.35 12.00
CA GLN A 25 -2.84 -11.56 11.44
C GLN A 25 -1.80 -12.54 10.90
N GLN A 26 -0.78 -12.05 10.24
CA GLN A 26 0.26 -12.95 9.70
C GLN A 26 -0.37 -14.05 8.85
N PRO A 27 -1.01 -13.66 7.77
CA PRO A 27 -1.67 -14.64 6.88
C PRO A 27 -0.62 -15.46 6.11
N PRO A 28 -1.04 -16.60 5.61
CA PRO A 28 -0.12 -17.48 4.85
C PRO A 28 0.20 -16.85 3.49
N ASP A 29 -0.67 -16.01 3.00
CA ASP A 29 -0.41 -15.37 1.67
C ASP A 29 -0.86 -13.91 1.70
N LEU A 30 0.06 -13.00 1.57
CA LEU A 30 -0.31 -11.56 1.58
C LEU A 30 -1.13 -11.20 0.34
N VAL A 31 -0.86 -11.86 -0.76
CA VAL A 31 -1.63 -11.57 -2.00
C VAL A 31 -3.14 -11.63 -1.72
N ASP A 32 -3.60 -12.77 -1.30
CA ASP A 32 -5.06 -12.92 -1.00
C ASP A 32 -5.46 -11.93 0.10
N PHE A 33 -4.66 -11.80 1.12
CA PHE A 33 -5.00 -10.84 2.22
C PHE A 33 -5.11 -9.42 1.65
N ALA A 34 -4.17 -9.03 0.84
CA ALA A 34 -4.22 -7.66 0.25
C ALA A 34 -5.53 -7.48 -0.51
N VAL A 35 -5.94 -8.48 -1.23
CA VAL A 35 -7.21 -8.38 -2.00
C VAL A 35 -8.40 -8.53 -1.04
N GLU A 36 -8.28 -9.37 -0.05
CA GLU A 36 -9.39 -9.56 0.91
C GLU A 36 -9.48 -8.34 1.84
N TYR A 37 -8.37 -7.75 2.16
CA TYR A 37 -8.39 -6.55 3.06
C TYR A 37 -8.93 -5.34 2.29
N PHE A 38 -8.23 -4.89 1.28
CA PHE A 38 -8.71 -3.72 0.51
C PHE A 38 -10.16 -3.92 0.06
N THR A 39 -10.45 -5.03 -0.56
CA THR A 39 -11.85 -5.29 -1.01
C THR A 39 -12.81 -5.15 0.17
N ARG A 40 -12.39 -5.57 1.34
CA ARG A 40 -13.28 -5.45 2.53
C ARG A 40 -13.40 -3.98 2.94
N LEU A 41 -12.36 -3.21 2.75
CA LEU A 41 -12.42 -1.77 3.11
C LEU A 41 -13.45 -1.05 2.24
N ARG A 42 -13.73 -1.59 1.09
CA ARG A 42 -14.73 -0.95 0.19
C ARG A 42 -16.12 -1.02 0.83
N GLU A 43 -16.43 -2.11 1.47
CA GLU A 43 -17.77 -2.24 2.12
C GLU A 43 -17.97 -1.11 3.14
N ALA A 44 -16.91 -0.56 3.64
CA ALA A 44 -17.05 0.54 4.64
C ALA A 44 -16.72 1.89 3.99
N ARG A 45 -17.51 2.30 3.04
CA ARG A 45 -17.24 3.61 2.37
C ARG A 45 -17.46 4.76 3.35
N ARG A 46 -16.70 5.81 3.23
CA ARG A 46 -16.87 6.96 4.17
C ARG A 46 -18.00 7.88 3.68
N HIS B 1 22.69 -7.75 24.02
CA HIS B 1 21.82 -7.44 22.84
C HIS B 1 20.47 -8.14 22.97
N MET B 2 19.47 -7.44 23.43
CA MET B 2 18.12 -8.07 23.58
C MET B 2 17.16 -7.52 22.54
N GLY B 3 17.29 -7.92 21.30
CA GLY B 3 16.38 -7.42 20.23
C GLY B 3 16.75 -8.05 18.89
N HIS B 4 15.79 -8.60 18.21
CA HIS B 4 16.08 -9.24 16.89
C HIS B 4 15.13 -8.68 15.82
N ILE B 5 15.32 -9.09 14.59
CA ILE B 5 14.43 -8.60 13.50
C ILE B 5 13.47 -9.70 13.06
N GLN B 6 12.29 -9.73 13.61
CA GLN B 6 11.31 -10.79 13.23
C GLN B 6 10.26 -10.19 12.29
N ILE B 7 10.68 -9.66 11.18
CA ILE B 7 9.70 -9.06 10.22
C ILE B 7 9.78 -9.79 8.86
N PRO B 8 8.63 -10.16 8.34
CA PRO B 8 8.59 -10.87 7.04
C PRO B 8 8.88 -9.89 5.89
N PRO B 9 9.98 -10.11 5.20
CA PRO B 9 10.35 -9.23 4.07
C PRO B 9 9.46 -9.51 2.86
N GLY B 10 9.66 -8.79 1.79
CA GLY B 10 8.83 -9.01 0.57
C GLY B 10 7.67 -8.01 0.55
N LEU B 11 7.24 -7.56 1.70
CA LEU B 11 6.11 -6.57 1.74
C LEU B 11 6.54 -5.25 1.12
N THR B 12 7.80 -4.93 1.18
CA THR B 12 8.28 -3.65 0.58
C THR B 12 8.23 -3.72 -0.94
N GLU B 13 8.46 -4.87 -1.50
CA GLU B 13 8.43 -5.01 -2.99
C GLU B 13 7.01 -4.77 -3.51
N LEU B 14 6.08 -5.60 -3.13
CA LEU B 14 4.68 -5.43 -3.61
C LEU B 14 4.21 -3.99 -3.36
N LEU B 15 4.72 -3.36 -2.34
CA LEU B 15 4.30 -1.96 -2.04
C LEU B 15 4.89 -0.99 -3.07
N GLN B 16 6.18 -1.02 -3.26
CA GLN B 16 6.82 -0.10 -4.26
C GLN B 16 6.07 -0.17 -5.58
N GLY B 17 5.84 -1.36 -6.09
CA GLY B 17 5.11 -1.48 -7.38
C GLY B 17 3.78 -0.73 -7.29
N TYR B 18 3.05 -0.93 -6.23
CA TYR B 18 1.76 -0.21 -6.08
C TYR B 18 1.99 1.30 -6.19
N THR B 19 2.89 1.83 -5.41
CA THR B 19 3.18 3.29 -5.46
C THR B 19 3.37 3.75 -6.92
N VAL B 20 4.08 2.99 -7.70
CA VAL B 20 4.30 3.37 -9.13
C VAL B 20 2.96 3.44 -9.88
N GLU B 21 2.38 2.31 -10.17
CA GLU B 21 1.09 2.28 -10.91
C GLU B 21 0.09 3.30 -10.32
N VAL B 22 0.05 3.43 -9.03
CA VAL B 22 -0.90 4.42 -8.42
C VAL B 22 -0.70 5.80 -9.06
N LEU B 23 0.52 6.16 -9.35
CA LEU B 23 0.78 7.49 -9.98
C LEU B 23 0.58 7.40 -11.50
N ARG B 24 1.21 6.44 -12.13
CA ARG B 24 1.05 6.31 -13.61
C ARG B 24 -0.42 6.10 -13.97
N GLN B 25 -0.99 5.00 -13.56
CA GLN B 25 -2.42 4.75 -13.89
C GLN B 25 -3.30 5.92 -13.43
N GLN B 26 -2.96 6.51 -12.31
CA GLN B 26 -3.78 7.66 -11.81
C GLN B 26 -5.25 7.27 -11.75
N PRO B 27 -5.53 6.20 -11.05
CA PRO B 27 -6.94 5.72 -10.92
C PRO B 27 -7.75 6.68 -10.05
N PRO B 28 -9.05 6.69 -10.28
CA PRO B 28 -9.94 7.59 -9.49
C PRO B 28 -10.06 7.09 -8.06
N ASP B 29 -10.12 5.79 -7.87
CA ASP B 29 -10.23 5.25 -6.48
C ASP B 29 -9.00 4.42 -6.14
N LEU B 30 -8.25 4.85 -5.15
CA LEU B 30 -7.04 4.09 -4.74
C LEU B 30 -7.44 2.79 -4.05
N VAL B 31 -8.44 2.85 -3.21
CA VAL B 31 -8.90 1.62 -2.50
C VAL B 31 -9.31 0.56 -3.52
N ASP B 32 -10.34 0.84 -4.27
CA ASP B 32 -10.80 -0.14 -5.30
C ASP B 32 -9.64 -0.50 -6.22
N PHE B 33 -8.76 0.44 -6.49
CA PHE B 33 -7.60 0.14 -7.37
C PHE B 33 -6.71 -0.92 -6.70
N ALA B 34 -6.43 -0.75 -5.45
CA ALA B 34 -5.57 -1.73 -4.72
C ALA B 34 -6.11 -3.15 -4.92
N VAL B 35 -7.40 -3.30 -4.94
CA VAL B 35 -8.00 -4.65 -5.13
C VAL B 35 -7.77 -5.14 -6.56
N GLU B 36 -8.16 -4.35 -7.53
CA GLU B 36 -7.99 -4.77 -8.95
C GLU B 36 -6.55 -5.23 -9.22
N TYR B 37 -5.59 -4.44 -8.83
CA TYR B 37 -4.17 -4.83 -9.07
C TYR B 37 -3.85 -6.16 -8.38
N PHE B 38 -3.78 -6.17 -7.08
CA PHE B 38 -3.46 -7.42 -6.34
C PHE B 38 -4.36 -8.57 -6.82
N THR B 39 -5.64 -8.35 -6.91
CA THR B 39 -6.56 -9.43 -7.38
C THR B 39 -6.04 -10.02 -8.69
N ARG B 40 -5.59 -9.18 -9.59
CA ARG B 40 -5.06 -9.69 -10.89
C ARG B 40 -3.84 -10.57 -10.65
N LEU B 41 -3.06 -10.25 -9.65
CA LEU B 41 -1.84 -11.06 -9.36
C LEU B 41 -2.23 -12.31 -8.56
N ARG B 42 -3.33 -12.26 -7.86
CA ARG B 42 -3.76 -13.44 -7.06
C ARG B 42 -4.20 -14.56 -8.03
N GLU B 43 -4.72 -14.19 -9.17
CA GLU B 43 -5.16 -15.20 -10.15
C GLU B 43 -4.00 -15.56 -11.09
N ALA B 44 -3.39 -14.56 -11.68
CA ALA B 44 -2.24 -14.83 -12.61
C ALA B 44 -2.62 -15.92 -13.61
N ARG B 45 -3.35 -15.59 -14.64
CA ARG B 45 -3.74 -16.60 -15.65
C ARG B 45 -2.61 -16.81 -16.66
N ARG B 46 -1.79 -15.81 -16.85
CA ARG B 46 -0.67 -15.95 -17.82
C ARG B 46 0.58 -15.22 -17.30
N ASP C 1 5.04 0.92 19.52
CA ASP C 1 5.41 -0.51 19.43
C ASP C 1 6.42 -0.74 18.29
N LEU C 2 6.96 -1.91 18.19
CA LEU C 2 7.95 -2.19 17.10
C LEU C 2 7.27 -2.14 15.74
N ILE C 3 6.13 -2.76 15.60
CA ILE C 3 5.42 -2.75 14.29
C ILE C 3 5.03 -1.31 13.92
N GLU C 4 4.54 -0.56 14.86
CA GLU C 4 4.13 0.84 14.56
C GLU C 4 5.37 1.68 14.19
N GLU C 5 6.55 1.17 14.45
CA GLU C 5 7.78 1.93 14.11
C GLU C 5 8.22 1.61 12.67
N ALA C 6 8.26 0.36 12.33
CA ALA C 6 8.67 -0.01 10.94
C ALA C 6 7.52 0.26 9.97
N ALA C 7 6.30 0.20 10.43
CA ALA C 7 5.16 0.47 9.52
C ALA C 7 5.03 1.98 9.28
N SER C 8 5.31 2.77 10.28
CA SER C 8 5.20 4.25 10.09
C SER C 8 6.32 4.72 9.17
N ARG C 9 7.43 4.05 9.16
CA ARG C 9 8.55 4.45 8.26
C ARG C 9 8.29 3.96 6.84
N ILE C 10 7.75 2.78 6.70
CA ILE C 10 7.46 2.26 5.34
C ILE C 10 6.58 3.27 4.58
N VAL C 11 5.71 3.95 5.29
CA VAL C 11 4.83 4.95 4.63
C VAL C 11 5.66 6.19 4.24
N ASP C 12 6.50 6.66 5.13
CA ASP C 12 7.33 7.85 4.83
C ASP C 12 8.07 7.69 3.50
N ALA C 13 8.39 6.48 3.13
CA ALA C 13 9.12 6.28 1.85
C ALA C 13 8.15 6.32 0.66
N VAL C 14 7.02 5.68 0.79
CA VAL C 14 6.04 5.69 -0.33
C VAL C 14 5.47 7.11 -0.51
N ILE C 15 5.33 7.83 0.57
CA ILE C 15 4.80 9.22 0.46
C ILE C 15 5.83 10.13 -0.21
N GLU C 16 7.08 9.94 0.10
CA GLU C 16 8.14 10.79 -0.52
C GLU C 16 8.26 10.47 -2.01
N GLN C 17 7.90 9.28 -2.40
CA GLN C 17 7.99 8.90 -3.84
C GLN C 17 6.80 9.49 -4.61
N VAL C 18 5.64 9.53 -4.00
CA VAL C 18 4.44 10.09 -4.68
C VAL C 18 4.61 11.59 -4.90
N LYS C 19 5.60 12.20 -4.29
CA LYS C 19 5.80 13.66 -4.48
C LYS C 19 7.23 13.97 -4.94
N ALA C 20 7.99 12.96 -5.30
CA ALA C 20 9.39 13.21 -5.75
C ALA C 20 9.41 13.65 -7.21
N ALA C 21 8.31 13.49 -7.92
CA ALA C 21 8.27 13.91 -9.35
C ALA C 21 8.83 15.33 -9.51
N GLY C 22 8.08 16.31 -9.10
CA GLY C 22 8.56 17.71 -9.23
C GLY C 22 8.25 18.24 -10.63
N ALA C 23 7.01 18.14 -11.05
CA ALA C 23 6.64 18.63 -12.40
C ALA C 23 5.97 20.00 -12.31
N TYR C 24 6.51 20.88 -11.50
CA TYR C 24 5.92 22.24 -11.36
C TYR C 24 7.01 23.30 -11.33
N HIS A 1 -8.10 28.74 -4.17
CA HIS A 1 -7.47 27.65 -4.96
C HIS A 1 -6.08 28.06 -5.43
N MET A 2 -5.44 27.24 -6.21
CA MET A 2 -4.07 27.60 -6.71
C MET A 2 -3.58 26.56 -7.72
N GLY A 3 -3.89 25.31 -7.49
CA GLY A 3 -3.43 24.25 -8.44
C GLY A 3 -3.98 22.89 -8.00
N HIS A 4 -4.80 22.28 -8.81
CA HIS A 4 -5.36 20.95 -8.43
C HIS A 4 -4.88 19.87 -9.40
N ILE A 5 -3.71 20.06 -9.97
CA ILE A 5 -3.19 19.04 -10.92
C ILE A 5 -1.85 18.48 -10.42
N GLN A 6 -1.82 18.01 -9.19
CA GLN A 6 -0.56 17.46 -8.64
C GLN A 6 -0.77 16.02 -8.17
N ILE A 7 0.02 15.56 -7.24
CA ILE A 7 -0.14 14.17 -6.74
C ILE A 7 -1.20 14.13 -5.63
N PRO A 8 -2.20 13.31 -5.80
CA PRO A 8 -3.30 13.20 -4.79
C PRO A 8 -2.78 12.48 -3.53
N PRO A 9 -2.90 13.14 -2.40
CA PRO A 9 -2.45 12.53 -1.12
C PRO A 9 -3.43 11.46 -0.67
N GLY A 10 -3.13 10.78 0.41
CA GLY A 10 -4.05 9.71 0.91
C GLY A 10 -3.34 8.37 0.88
N LEU A 11 -2.43 8.17 -0.03
CA LEU A 11 -1.70 6.87 -0.10
C LEU A 11 -0.91 6.64 1.19
N THR A 12 -0.67 7.67 1.95
CA THR A 12 0.11 7.50 3.21
C THR A 12 -0.73 6.75 4.26
N GLU A 13 -1.83 7.33 4.67
CA GLU A 13 -2.68 6.67 5.69
C GLU A 13 -3.20 5.33 5.18
N LEU A 14 -3.33 5.17 3.89
CA LEU A 14 -3.84 3.88 3.34
C LEU A 14 -2.76 2.79 3.44
N LEU A 15 -1.60 3.04 2.89
CA LEU A 15 -0.51 2.02 2.97
C LEU A 15 -0.14 1.73 4.42
N GLN A 16 -0.02 2.75 5.23
CA GLN A 16 0.34 2.52 6.66
C GLN A 16 -0.63 1.52 7.29
N GLY A 17 -1.90 1.69 7.07
CA GLY A 17 -2.89 0.75 7.66
C GLY A 17 -2.53 -0.68 7.24
N TYR A 18 -2.30 -0.89 5.97
CA TYR A 18 -1.93 -2.25 5.49
C TYR A 18 -0.70 -2.75 6.26
N THR A 19 0.19 -1.86 6.59
CA THR A 19 1.42 -2.27 7.34
C THR A 19 1.04 -2.67 8.77
N VAL A 20 0.02 -2.06 9.31
CA VAL A 20 -0.40 -2.39 10.71
C VAL A 20 -1.13 -3.73 10.73
N GLU A 21 -1.65 -4.16 9.62
CA GLU A 21 -2.37 -5.47 9.59
C GLU A 21 -1.43 -6.58 9.15
N VAL A 22 -0.85 -6.44 7.99
CA VAL A 22 0.09 -7.47 7.47
C VAL A 22 1.15 -7.79 8.53
N LEU A 23 1.49 -6.82 9.35
CA LEU A 23 2.52 -7.07 10.41
C LEU A 23 1.86 -7.57 11.69
N ARG A 24 0.72 -7.03 12.03
CA ARG A 24 0.03 -7.48 13.28
C ARG A 24 -0.65 -8.83 13.06
N GLN A 25 -1.43 -8.95 12.03
CA GLN A 25 -2.13 -10.24 11.75
C GLN A 25 -1.13 -11.27 11.23
N GLN A 26 -0.09 -10.83 10.58
CA GLN A 26 0.92 -11.79 10.03
C GLN A 26 0.23 -12.89 9.21
N PRO A 27 -0.49 -12.46 8.20
CA PRO A 27 -1.21 -13.43 7.33
C PRO A 27 -0.21 -14.25 6.48
N PRO A 28 -0.59 -15.46 6.19
CA PRO A 28 0.28 -16.35 5.37
C PRO A 28 0.32 -15.86 3.92
N ASP A 29 -0.69 -15.14 3.50
CA ASP A 29 -0.73 -14.64 2.10
C ASP A 29 -0.97 -13.14 2.08
N LEU A 30 -0.10 -12.39 1.44
CA LEU A 30 -0.28 -10.91 1.40
C LEU A 30 -1.13 -10.51 0.18
N VAL A 31 -0.76 -10.99 -0.98
CA VAL A 31 -1.54 -10.63 -2.21
C VAL A 31 -3.04 -10.87 -1.96
N ASP A 32 -3.42 -12.09 -1.71
CA ASP A 32 -4.85 -12.39 -1.47
C ASP A 32 -5.36 -11.57 -0.28
N PHE A 33 -4.52 -11.33 0.70
CA PHE A 33 -4.96 -10.53 1.88
C PHE A 33 -5.19 -9.08 1.46
N ALA A 34 -4.29 -8.53 0.67
CA ALA A 34 -4.47 -7.12 0.22
C ALA A 34 -5.80 -6.98 -0.52
N VAL A 35 -6.24 -8.01 -1.17
CA VAL A 35 -7.53 -7.94 -1.90
C VAL A 35 -8.69 -7.89 -0.91
N GLU A 36 -8.71 -8.79 0.03
CA GLU A 36 -9.82 -8.80 1.03
C GLU A 36 -9.89 -7.45 1.76
N TYR A 37 -8.77 -6.87 2.08
CA TYR A 37 -8.78 -5.56 2.79
C TYR A 37 -9.30 -4.45 1.88
N PHE A 38 -8.57 -4.11 0.85
CA PHE A 38 -9.02 -3.02 -0.06
C PHE A 38 -10.44 -3.29 -0.56
N THR A 39 -10.71 -4.49 -1.02
CA THR A 39 -12.08 -4.80 -1.52
C THR A 39 -13.13 -4.41 -0.48
N ARG A 40 -12.84 -4.62 0.77
CA ARG A 40 -13.82 -4.24 1.83
C ARG A 40 -13.81 -2.73 2.05
N LEU A 41 -12.65 -2.13 1.98
CA LEU A 41 -12.57 -0.65 2.17
C LEU A 41 -13.48 0.05 1.17
N ARG A 42 -13.72 -0.56 0.04
CA ARG A 42 -14.61 0.06 -0.97
C ARG A 42 -16.00 0.31 -0.38
N GLU A 43 -16.45 -0.59 0.46
CA GLU A 43 -17.80 -0.42 1.07
C GLU A 43 -17.69 0.46 2.33
N ALA A 44 -16.78 0.14 3.20
CA ALA A 44 -16.61 0.96 4.44
C ALA A 44 -17.96 1.14 5.14
N ARG A 45 -18.70 0.08 5.32
CA ARG A 45 -20.02 0.20 5.99
C ARG A 45 -20.35 -1.08 6.75
N ARG A 46 -21.21 -1.01 7.73
CA ARG A 46 -21.56 -2.23 8.51
C ARG A 46 -23.06 -2.22 8.86
N HIS B 1 18.43 -14.21 23.69
CA HIS B 1 18.14 -13.45 24.93
C HIS B 1 17.29 -12.22 24.62
N MET B 2 17.81 -11.30 23.86
CA MET B 2 17.04 -10.08 23.51
C MET B 2 16.95 -9.91 22.00
N GLY B 3 16.11 -10.68 21.36
CA GLY B 3 15.97 -10.57 19.87
C GLY B 3 14.74 -11.34 19.41
N HIS B 4 13.59 -10.76 19.55
CA HIS B 4 12.34 -11.47 19.11
C HIS B 4 11.61 -10.66 18.03
N ILE B 5 12.30 -9.73 17.41
CA ILE B 5 11.65 -8.91 16.35
C ILE B 5 12.12 -9.35 14.97
N GLN B 6 11.23 -9.45 14.02
CA GLN B 6 11.63 -9.88 12.65
C GLN B 6 10.58 -9.44 11.63
N ILE B 7 10.61 -8.19 11.24
CA ILE B 7 9.62 -7.70 10.24
C ILE B 7 9.78 -8.46 8.92
N PRO B 8 8.71 -9.10 8.48
CA PRO B 8 8.75 -9.86 7.20
C PRO B 8 8.87 -8.90 6.02
N PRO B 9 9.97 -8.98 5.30
CA PRO B 9 10.18 -8.10 4.13
C PRO B 9 9.24 -8.50 2.98
N GLY B 10 9.35 -7.83 1.86
CA GLY B 10 8.47 -8.17 0.71
C GLY B 10 7.42 -7.08 0.53
N LEU B 11 7.11 -6.37 1.58
CA LEU B 11 6.09 -5.29 1.48
C LEU B 11 6.65 -4.12 0.65
N THR B 12 7.86 -3.73 0.91
CA THR B 12 8.45 -2.58 0.15
C THR B 12 8.45 -2.89 -1.35
N GLU B 13 8.76 -4.10 -1.73
CA GLU B 13 8.78 -4.46 -3.17
C GLU B 13 7.36 -4.44 -3.75
N LEU B 14 6.44 -5.11 -3.12
CA LEU B 14 5.04 -5.13 -3.64
C LEU B 14 4.48 -3.71 -3.76
N LEU B 15 4.74 -2.87 -2.79
CA LEU B 15 4.20 -1.49 -2.84
C LEU B 15 4.91 -0.69 -3.95
N GLN B 16 6.19 -0.89 -4.12
CA GLN B 16 6.92 -0.14 -5.18
C GLN B 16 6.25 -0.35 -6.55
N GLY B 17 6.07 -1.58 -6.94
CA GLY B 17 5.42 -1.86 -8.25
C GLY B 17 4.03 -1.21 -8.27
N TYR B 18 3.30 -1.34 -7.20
CA TYR B 18 1.94 -0.74 -7.15
C TYR B 18 2.04 0.79 -7.22
N THR B 19 2.87 1.37 -6.38
CA THR B 19 3.02 2.86 -6.39
C THR B 19 3.31 3.35 -7.81
N VAL B 20 4.02 2.57 -8.59
CA VAL B 20 4.34 2.98 -9.98
C VAL B 20 3.05 3.06 -10.82
N GLU B 21 2.46 1.93 -11.13
CA GLU B 21 1.20 1.92 -11.94
C GLU B 21 0.21 2.98 -11.44
N VAL B 22 0.12 3.16 -10.16
CA VAL B 22 -0.82 4.19 -9.62
C VAL B 22 -0.52 5.55 -10.27
N LEU B 23 0.74 5.90 -10.38
CA LEU B 23 1.09 7.21 -11.00
C LEU B 23 0.92 7.13 -12.52
N ARG B 24 1.30 6.03 -13.11
CA ARG B 24 1.17 5.90 -14.59
C ARG B 24 -0.29 6.01 -15.00
N GLN B 25 -1.18 5.38 -14.26
CA GLN B 25 -2.62 5.45 -14.62
C GLN B 25 -3.39 6.20 -13.53
N GLN B 26 -3.05 7.45 -13.30
CA GLN B 26 -3.75 8.27 -12.24
C GLN B 26 -5.26 7.96 -12.20
N PRO B 27 -5.62 7.09 -11.30
CA PRO B 27 -7.04 6.70 -11.15
C PRO B 27 -7.76 7.65 -10.19
N PRO B 28 -9.06 7.71 -10.31
CA PRO B 28 -9.86 8.59 -9.42
C PRO B 28 -9.88 8.02 -8.00
N ASP B 29 -9.99 6.73 -7.86
CA ASP B 29 -10.00 6.11 -6.51
C ASP B 29 -8.99 4.96 -6.45
N LEU B 30 -8.03 5.06 -5.57
CA LEU B 30 -7.01 3.97 -5.47
C LEU B 30 -7.60 2.74 -4.77
N VAL B 31 -8.59 2.95 -3.94
CA VAL B 31 -9.22 1.80 -3.22
C VAL B 31 -9.62 0.72 -4.24
N ASP B 32 -10.48 1.06 -5.16
CA ASP B 32 -10.90 0.08 -6.18
C ASP B 32 -9.71 -0.39 -7.00
N PHE B 33 -8.87 0.51 -7.44
CA PHE B 33 -7.68 0.10 -8.23
C PHE B 33 -6.84 -0.91 -7.43
N ALA B 34 -6.53 -0.59 -6.21
CA ALA B 34 -5.72 -1.51 -5.37
C ALA B 34 -6.32 -2.93 -5.41
N VAL B 35 -7.63 -3.03 -5.46
CA VAL B 35 -8.26 -4.37 -5.50
C VAL B 35 -8.04 -5.02 -6.87
N GLU B 36 -8.24 -4.28 -7.93
CA GLU B 36 -8.03 -4.85 -9.29
C GLU B 36 -6.59 -5.32 -9.46
N TYR B 37 -5.65 -4.58 -8.95
CA TYR B 37 -4.22 -4.98 -9.11
C TYR B 37 -3.92 -6.23 -8.26
N PHE B 38 -3.93 -6.10 -6.96
CA PHE B 38 -3.63 -7.27 -6.09
C PHE B 38 -4.47 -8.48 -6.51
N THR B 39 -5.75 -8.29 -6.76
CA THR B 39 -6.60 -9.44 -7.18
C THR B 39 -6.03 -10.08 -8.45
N ARG B 40 -5.59 -9.29 -9.38
CA ARG B 40 -5.03 -9.85 -10.64
C ARG B 40 -3.59 -10.32 -10.41
N LEU B 41 -2.93 -9.80 -9.41
CA LEU B 41 -1.53 -10.22 -9.13
C LEU B 41 -1.50 -11.65 -8.60
N ARG B 42 -2.59 -12.12 -8.06
CA ARG B 42 -2.62 -13.51 -7.53
C ARG B 42 -2.77 -14.51 -8.68
N GLU B 43 -3.27 -14.07 -9.80
CA GLU B 43 -3.44 -14.99 -10.96
C GLU B 43 -2.40 -14.69 -12.05
N ALA B 44 -1.46 -13.81 -11.77
CA ALA B 44 -0.42 -13.49 -12.79
C ALA B 44 0.95 -14.02 -12.35
N ARG B 45 1.63 -13.30 -11.50
CA ARG B 45 2.97 -13.78 -11.04
C ARG B 45 2.79 -14.85 -9.95
N ARG B 46 1.89 -14.63 -9.03
CA ARG B 46 1.68 -15.64 -7.95
C ARG B 46 3.00 -16.01 -7.29
N ASP C 1 4.23 -3.57 18.41
CA ASP C 1 4.91 -2.56 19.28
C ASP C 1 5.79 -1.63 18.43
N LEU C 2 6.69 -2.19 17.69
CA LEU C 2 7.58 -1.35 16.84
C LEU C 2 7.07 -1.30 15.40
N ILE C 3 5.86 -1.76 15.17
CA ILE C 3 5.30 -1.72 13.78
C ILE C 3 4.97 -0.29 13.38
N GLU C 4 4.38 0.46 14.28
CA GLU C 4 4.03 1.88 13.95
C GLU C 4 5.27 2.63 13.48
N GLU C 5 6.44 2.15 13.83
CA GLU C 5 7.69 2.85 13.40
C GLU C 5 8.21 2.22 12.10
N ALA C 6 8.27 0.93 12.04
CA ALA C 6 8.75 0.27 10.79
C ALA C 6 7.77 0.53 9.65
N ALA C 7 6.50 0.63 9.95
CA ALA C 7 5.52 0.90 8.87
C ALA C 7 5.60 2.37 8.46
N SER C 8 5.93 3.23 9.38
CA SER C 8 6.05 4.68 9.04
C SER C 8 7.20 4.90 8.06
N ARG C 9 8.19 4.05 8.09
CA ARG C 9 9.33 4.22 7.13
C ARG C 9 8.95 3.69 5.75
N ILE C 10 8.25 2.59 5.69
CA ILE C 10 7.84 2.05 4.36
C ILE C 10 7.10 3.13 3.56
N VAL C 11 6.37 3.97 4.24
CA VAL C 11 5.63 5.05 3.55
C VAL C 11 6.61 6.12 3.05
N ASP C 12 7.55 6.49 3.88
CA ASP C 12 8.54 7.55 3.48
C ASP C 12 9.20 7.20 2.14
N ALA C 13 9.43 5.95 1.88
CA ALA C 13 10.09 5.56 0.60
C ALA C 13 9.07 5.57 -0.55
N VAL C 14 7.87 5.14 -0.30
CA VAL C 14 6.84 5.13 -1.36
C VAL C 14 6.33 6.55 -1.63
N ILE C 15 6.25 7.35 -0.61
CA ILE C 15 5.76 8.75 -0.80
C ILE C 15 6.87 9.61 -1.42
N GLU C 16 8.10 9.20 -1.29
CA GLU C 16 9.22 10.00 -1.88
C GLU C 16 9.26 9.82 -3.39
N GLN C 17 8.67 8.77 -3.90
CA GLN C 17 8.69 8.53 -5.37
C GLN C 17 7.33 8.90 -5.98
N VAL C 18 6.30 8.96 -5.19
CA VAL C 18 4.95 9.31 -5.74
C VAL C 18 4.85 10.83 -5.93
N LYS C 19 5.31 11.58 -4.98
CA LYS C 19 5.25 13.07 -5.09
C LYS C 19 6.38 13.59 -5.97
N ALA C 20 7.51 12.93 -5.94
CA ALA C 20 8.66 13.40 -6.77
C ALA C 20 8.38 13.17 -8.25
N ALA C 21 7.47 12.27 -8.57
CA ALA C 21 7.15 12.00 -9.99
C ALA C 21 6.79 13.30 -10.72
N GLY C 22 5.60 13.80 -10.50
CA GLY C 22 5.17 15.05 -11.17
C GLY C 22 4.31 14.72 -12.40
N ALA C 23 3.92 13.49 -12.57
CA ALA C 23 3.08 13.11 -13.74
C ALA C 23 3.72 13.63 -15.03
N TYR C 24 5.00 13.40 -15.20
CA TYR C 24 5.67 13.87 -16.45
C TYR C 24 5.98 12.69 -17.37
N HIS A 1 -4.43 28.05 -2.73
CA HIS A 1 -4.23 27.02 -3.81
C HIS A 1 -4.89 27.49 -5.11
N MET A 2 -4.58 26.86 -6.21
CA MET A 2 -5.18 27.27 -7.50
C MET A 2 -5.75 26.05 -8.24
N GLY A 3 -4.90 25.15 -8.65
CA GLY A 3 -5.39 23.94 -9.37
C GLY A 3 -4.22 23.01 -9.67
N HIS A 4 -3.41 22.74 -8.68
CA HIS A 4 -2.24 21.84 -8.89
C HIS A 4 -2.39 20.58 -8.04
N ILE A 5 -2.97 19.54 -8.57
CA ILE A 5 -3.14 18.29 -7.77
C ILE A 5 -2.66 17.08 -8.57
N GLN A 6 -1.39 16.79 -8.53
CA GLN A 6 -0.86 15.61 -9.27
C GLN A 6 -0.34 14.56 -8.28
N ILE A 7 -0.78 14.62 -7.06
CA ILE A 7 -0.32 13.64 -6.03
C ILE A 7 -1.48 13.34 -5.06
N PRO A 8 -2.25 12.34 -5.37
CA PRO A 8 -3.40 11.97 -4.51
C PRO A 8 -2.92 11.34 -3.19
N PRO A 9 -3.12 12.06 -2.11
CA PRO A 9 -2.71 11.56 -0.78
C PRO A 9 -3.66 10.47 -0.29
N GLY A 10 -3.63 10.16 0.98
CA GLY A 10 -4.55 9.12 1.51
C GLY A 10 -3.85 7.76 1.48
N LEU A 11 -3.12 7.48 0.44
CA LEU A 11 -2.41 6.17 0.36
C LEU A 11 -1.56 5.95 1.61
N THR A 12 -1.13 7.01 2.25
CA THR A 12 -0.29 6.85 3.46
C THR A 12 -1.03 6.01 4.51
N GLU A 13 -2.15 6.46 4.98
CA GLU A 13 -2.92 5.69 5.99
C GLU A 13 -3.25 4.30 5.45
N LEU A 14 -3.75 4.22 4.26
CA LEU A 14 -4.09 2.89 3.67
C LEU A 14 -2.88 1.96 3.71
N LEU A 15 -1.72 2.47 3.43
CA LEU A 15 -0.49 1.60 3.46
C LEU A 15 -0.10 1.27 4.90
N GLN A 16 0.11 2.27 5.71
CA GLN A 16 0.51 2.00 7.13
C GLN A 16 -0.50 1.04 7.77
N GLY A 17 -1.77 1.26 7.55
CA GLY A 17 -2.79 0.35 8.14
C GLY A 17 -2.49 -1.08 7.70
N TYR A 18 -2.08 -1.25 6.48
CA TYR A 18 -1.75 -2.61 5.96
C TYR A 18 -0.52 -3.16 6.69
N THR A 19 0.52 -2.37 6.75
CA THR A 19 1.77 -2.82 7.45
C THR A 19 1.42 -3.33 8.86
N VAL A 20 0.46 -2.72 9.49
CA VAL A 20 0.06 -3.14 10.86
C VAL A 20 -0.63 -4.51 10.83
N GLU A 21 -1.87 -4.53 10.38
CA GLU A 21 -2.63 -5.82 10.32
C GLU A 21 -1.77 -6.97 9.78
N VAL A 22 -1.03 -6.74 8.73
CA VAL A 22 -0.18 -7.83 8.17
C VAL A 22 0.71 -8.42 9.27
N LEU A 23 1.34 -7.58 10.04
CA LEU A 23 2.23 -8.09 11.13
C LEU A 23 1.40 -8.49 12.36
N ARG A 24 0.18 -8.03 12.44
CA ARG A 24 -0.66 -8.37 13.62
C ARG A 24 -1.43 -9.67 13.36
N GLN A 25 -2.24 -9.71 12.34
CA GLN A 25 -3.02 -10.94 12.04
C GLN A 25 -2.09 -12.02 11.47
N GLN A 26 -1.03 -11.62 10.81
CA GLN A 26 -0.10 -12.63 10.23
C GLN A 26 -0.88 -13.64 9.38
N PRO A 27 -1.39 -13.17 8.27
CA PRO A 27 -2.16 -14.05 7.36
C PRO A 27 -1.25 -15.05 6.64
N PRO A 28 -1.85 -16.07 6.07
CA PRO A 28 -1.07 -17.11 5.34
C PRO A 28 -0.50 -16.52 4.05
N ASP A 29 -1.26 -15.71 3.36
CA ASP A 29 -0.76 -15.12 2.09
C ASP A 29 -1.08 -13.62 2.05
N LEU A 30 -0.11 -12.80 1.77
CA LEU A 30 -0.36 -11.33 1.72
C LEU A 30 -1.15 -10.97 0.45
N VAL A 31 -0.82 -11.60 -0.65
CA VAL A 31 -1.55 -11.31 -1.92
C VAL A 31 -3.06 -11.41 -1.69
N ASP A 32 -3.52 -12.58 -1.36
CA ASP A 32 -4.98 -12.75 -1.13
C ASP A 32 -5.45 -11.84 0.01
N PHE A 33 -4.62 -11.63 0.99
CA PHE A 33 -5.02 -10.74 2.12
C PHE A 33 -5.17 -9.30 1.61
N ALA A 34 -4.21 -8.83 0.85
CA ALA A 34 -4.29 -7.45 0.31
C ALA A 34 -5.62 -7.23 -0.42
N VAL A 35 -6.10 -8.23 -1.12
CA VAL A 35 -7.39 -8.09 -1.84
C VAL A 35 -8.55 -8.00 -0.84
N GLU A 36 -8.63 -8.93 0.07
CA GLU A 36 -9.73 -8.91 1.07
C GLU A 36 -9.75 -7.58 1.84
N TYR A 37 -8.60 -7.13 2.26
CA TYR A 37 -8.55 -5.85 3.03
C TYR A 37 -9.02 -4.67 2.16
N PHE A 38 -8.39 -4.44 1.05
CA PHE A 38 -8.80 -3.31 0.18
C PHE A 38 -10.22 -3.53 -0.38
N THR A 39 -10.52 -4.71 -0.83
CA THR A 39 -11.88 -4.96 -1.38
C THR A 39 -12.95 -4.61 -0.35
N ARG A 40 -12.62 -4.64 0.92
CA ARG A 40 -13.63 -4.31 1.96
C ARG A 40 -13.69 -2.80 2.18
N LEU A 41 -12.61 -2.10 1.94
CA LEU A 41 -12.62 -0.62 2.14
C LEU A 41 -13.39 0.06 1.00
N ARG A 42 -13.42 -0.55 -0.15
CA ARG A 42 -14.14 0.04 -1.30
C ARG A 42 -15.65 -0.02 -1.04
N GLU A 43 -16.08 -0.97 -0.25
CA GLU A 43 -17.53 -1.10 0.04
C GLU A 43 -17.88 -0.32 1.31
N ALA A 44 -17.17 -0.54 2.38
CA ALA A 44 -17.44 0.19 3.65
C ALA A 44 -18.94 0.16 3.97
N ARG A 45 -19.41 -0.88 4.59
CA ARG A 45 -20.86 -0.97 4.92
C ARG A 45 -21.07 -1.82 6.18
N ARG A 46 -20.31 -1.55 7.21
CA ARG A 46 -20.46 -2.34 8.47
C ARG A 46 -19.87 -1.57 9.65
N HIS B 1 21.23 -2.66 20.38
CA HIS B 1 21.07 -4.08 19.94
C HIS B 1 20.63 -4.94 21.11
N MET B 2 19.39 -4.82 21.52
CA MET B 2 18.90 -5.65 22.66
C MET B 2 17.41 -5.96 22.48
N GLY B 3 16.62 -4.98 22.13
CA GLY B 3 15.16 -5.22 21.94
C GLY B 3 14.95 -6.35 20.93
N HIS B 4 13.73 -6.61 20.56
CA HIS B 4 13.47 -7.70 19.59
C HIS B 4 12.47 -7.23 18.52
N ILE B 5 12.92 -7.12 17.30
CA ILE B 5 11.99 -6.68 16.21
C ILE B 5 12.24 -7.49 14.95
N GLN B 6 11.23 -7.74 14.16
CA GLN B 6 11.43 -8.53 12.92
C GLN B 6 10.22 -8.40 11.99
N ILE B 7 10.28 -7.50 11.04
CA ILE B 7 9.14 -7.34 10.09
C ILE B 7 9.32 -8.31 8.91
N PRO B 8 8.22 -8.82 8.42
CA PRO B 8 8.26 -9.79 7.28
C PRO B 8 8.71 -9.06 6.00
N PRO B 9 9.75 -9.58 5.38
CA PRO B 9 10.26 -8.96 4.13
C PRO B 9 9.32 -9.27 2.96
N GLY B 10 9.54 -8.63 1.84
CA GLY B 10 8.65 -8.89 0.67
C GLY B 10 7.52 -7.86 0.65
N LEU B 11 7.19 -7.31 1.77
CA LEU B 11 6.08 -6.29 1.81
C LEU B 11 6.52 -5.01 1.10
N THR B 12 7.77 -4.66 1.22
CA THR B 12 8.26 -3.42 0.55
C THR B 12 8.33 -3.63 -0.96
N GLU B 13 8.64 -4.83 -1.39
CA GLU B 13 8.72 -5.09 -2.86
C GLU B 13 7.34 -4.95 -3.50
N LEU B 14 6.39 -5.76 -3.07
CA LEU B 14 5.03 -5.66 -3.65
C LEU B 14 4.52 -4.22 -3.62
N LEU B 15 4.80 -3.52 -2.54
CA LEU B 15 4.34 -2.10 -2.45
C LEU B 15 4.97 -1.26 -3.57
N GLN B 16 6.27 -1.36 -3.74
CA GLN B 16 6.94 -0.58 -4.82
C GLN B 16 6.20 -0.76 -6.14
N GLY B 17 5.68 -1.93 -6.38
CA GLY B 17 4.93 -2.16 -7.65
C GLY B 17 3.70 -1.25 -7.67
N TYR B 18 3.05 -1.10 -6.54
CA TYR B 18 1.84 -0.22 -6.50
C TYR B 18 2.26 1.24 -6.66
N THR B 19 3.18 1.70 -5.85
CA THR B 19 3.64 3.13 -5.95
C THR B 19 3.97 3.47 -7.41
N VAL B 20 4.45 2.52 -8.16
CA VAL B 20 4.78 2.79 -9.59
C VAL B 20 3.48 2.91 -10.41
N GLU B 21 2.81 1.83 -10.64
CA GLU B 21 1.54 1.88 -11.44
C GLU B 21 0.63 2.99 -10.91
N VAL B 22 0.54 3.13 -9.61
CA VAL B 22 -0.34 4.19 -9.04
C VAL B 22 0.08 5.55 -9.60
N LEU B 23 1.35 5.83 -9.65
CA LEU B 23 1.82 7.14 -10.19
C LEU B 23 1.84 7.10 -11.71
N ARG B 24 2.07 5.96 -12.29
CA ARG B 24 2.11 5.86 -13.77
C ARG B 24 0.70 6.03 -14.35
N GLN B 25 -0.20 5.15 -14.00
CA GLN B 25 -1.59 5.24 -14.52
C GLN B 25 -2.31 6.39 -13.81
N GLN B 26 -1.93 6.69 -12.60
CA GLN B 26 -2.59 7.80 -11.85
C GLN B 26 -4.12 7.63 -11.89
N PRO B 27 -4.59 6.54 -11.31
CA PRO B 27 -6.05 6.27 -11.29
C PRO B 27 -6.76 7.24 -10.33
N PRO B 28 -8.07 7.34 -10.49
CA PRO B 28 -8.86 8.25 -9.64
C PRO B 28 -8.96 7.70 -8.21
N ASP B 29 -8.91 6.40 -8.06
CA ASP B 29 -9.02 5.80 -6.69
C ASP B 29 -8.01 4.66 -6.52
N LEU B 30 -7.36 4.59 -5.39
CA LEU B 30 -6.37 3.49 -5.15
C LEU B 30 -7.07 2.28 -4.54
N VAL B 31 -8.07 2.52 -3.73
CA VAL B 31 -8.79 1.38 -3.09
C VAL B 31 -9.25 0.38 -4.15
N ASP B 32 -10.10 0.80 -5.04
CA ASP B 32 -10.58 -0.12 -6.11
C ASP B 32 -9.40 -0.57 -6.97
N PHE B 33 -8.52 0.34 -7.30
CA PHE B 33 -7.35 -0.05 -8.15
C PHE B 33 -6.53 -1.11 -7.42
N ALA B 34 -6.14 -0.85 -6.21
CA ALA B 34 -5.35 -1.85 -5.44
C ALA B 34 -6.03 -3.23 -5.47
N VAL B 35 -7.33 -3.25 -5.35
CA VAL B 35 -8.05 -4.55 -5.38
C VAL B 35 -7.94 -5.19 -6.77
N GLU B 36 -8.19 -4.43 -7.80
CA GLU B 36 -8.10 -4.98 -9.18
C GLU B 36 -6.65 -5.41 -9.48
N TYR B 37 -5.69 -4.74 -8.90
CA TYR B 37 -4.27 -5.12 -9.16
C TYR B 37 -3.92 -6.41 -8.41
N PHE B 38 -4.07 -6.39 -7.11
CA PHE B 38 -3.74 -7.61 -6.31
C PHE B 38 -4.64 -8.78 -6.72
N THR B 39 -5.92 -8.56 -6.78
CA THR B 39 -6.86 -9.66 -7.17
C THR B 39 -6.38 -10.33 -8.46
N ARG B 40 -5.99 -9.57 -9.43
CA ARG B 40 -5.50 -10.18 -10.70
C ARG B 40 -4.22 -10.98 -10.45
N LEU B 41 -3.47 -10.61 -9.45
CA LEU B 41 -2.21 -11.35 -9.15
C LEU B 41 -2.53 -12.77 -8.65
N ARG B 42 -3.57 -12.91 -7.88
CA ARG B 42 -3.93 -14.26 -7.35
C ARG B 42 -4.27 -15.21 -8.52
N GLU B 43 -4.56 -14.67 -9.67
CA GLU B 43 -4.90 -15.54 -10.83
C GLU B 43 -3.81 -15.45 -11.90
N ALA B 44 -3.38 -14.27 -12.23
CA ALA B 44 -2.32 -14.12 -13.27
C ALA B 44 -2.69 -14.90 -14.54
N ARG B 45 -3.96 -14.95 -14.86
CA ARG B 45 -4.38 -15.70 -16.08
C ARG B 45 -3.75 -15.07 -17.34
N ARG B 46 -4.03 -13.82 -17.57
CA ARG B 46 -3.44 -13.16 -18.78
C ARG B 46 -2.71 -11.88 -18.38
N ASP C 1 2.98 0.08 18.98
CA ASP C 1 4.45 0.35 18.94
C ASP C 1 5.15 -0.68 18.05
N LEU C 2 6.47 -0.67 18.06
CA LEU C 2 7.22 -1.64 17.21
C LEU C 2 6.75 -1.55 15.75
N ILE C 3 5.78 -2.33 15.36
CA ILE C 3 5.30 -2.25 13.95
C ILE C 3 4.85 -0.83 13.63
N GLU C 4 4.19 -0.19 14.55
CA GLU C 4 3.72 1.21 14.32
C GLU C 4 4.91 2.10 13.93
N GLU C 5 6.11 1.70 14.27
CA GLU C 5 7.29 2.54 13.93
C GLU C 5 7.90 2.07 12.61
N ALA C 6 8.08 0.78 12.45
CA ALA C 6 8.66 0.27 11.17
C ALA C 6 7.66 0.46 10.03
N ALA C 7 6.39 0.43 10.31
CA ALA C 7 5.38 0.63 9.24
C ALA C 7 5.31 2.11 8.86
N SER C 8 5.74 2.97 9.73
CA SER C 8 5.70 4.43 9.42
C SER C 8 6.83 4.79 8.45
N ARG C 9 7.99 4.25 8.67
CA ARG C 9 9.14 4.56 7.75
C ARG C 9 8.88 3.97 6.37
N ILE C 10 8.32 2.78 6.31
CA ILE C 10 8.05 2.17 4.98
C ILE C 10 7.17 3.11 4.15
N VAL C 11 6.15 3.66 4.75
CA VAL C 11 5.26 4.59 3.99
C VAL C 11 6.06 5.82 3.55
N ASP C 12 7.08 6.18 4.28
CA ASP C 12 7.90 7.36 3.91
C ASP C 12 8.60 7.13 2.57
N ALA C 13 8.99 5.91 2.29
CA ALA C 13 9.68 5.62 1.00
C ALA C 13 8.69 5.71 -0.17
N VAL C 14 7.50 5.22 0.01
CA VAL C 14 6.50 5.28 -1.10
C VAL C 14 6.10 6.74 -1.37
N ILE C 15 6.00 7.54 -0.34
CA ILE C 15 5.62 8.96 -0.54
C ILE C 15 6.73 9.69 -1.31
N GLU C 16 7.96 9.26 -1.16
CA GLU C 16 9.07 9.93 -1.90
C GLU C 16 8.96 9.65 -3.39
N GLN C 17 8.62 8.45 -3.76
CA GLN C 17 8.49 8.11 -5.21
C GLN C 17 7.39 8.95 -5.85
N VAL C 18 6.23 8.99 -5.25
CA VAL C 18 5.11 9.80 -5.82
C VAL C 18 5.54 11.26 -5.98
N LYS C 19 6.41 11.73 -5.13
CA LYS C 19 6.86 13.15 -5.23
C LYS C 19 8.23 13.24 -5.92
N ALA C 20 8.66 12.18 -6.55
CA ALA C 20 9.99 12.20 -7.24
C ALA C 20 9.82 12.52 -8.72
N ALA C 21 8.63 12.40 -9.24
CA ALA C 21 8.41 12.69 -10.68
C ALA C 21 8.64 14.18 -10.98
N GLY C 22 8.38 15.03 -10.02
CA GLY C 22 8.59 16.49 -10.25
C GLY C 22 7.54 17.01 -11.23
N ALA C 23 7.79 16.86 -12.50
CA ALA C 23 6.81 17.35 -13.51
C ALA C 23 7.00 16.61 -14.84
N TYR C 24 6.47 15.42 -14.96
CA TYR C 24 6.63 14.66 -16.22
C TYR C 24 5.27 14.48 -16.91
N HIS A 1 -2.81 27.31 -7.10
CA HIS A 1 -3.96 26.96 -7.99
C HIS A 1 -4.20 25.46 -7.97
N MET A 2 -5.40 25.04 -8.22
CA MET A 2 -5.70 23.57 -8.22
C MET A 2 -6.94 23.28 -9.08
N GLY A 3 -6.78 23.13 -10.36
CA GLY A 3 -7.94 22.83 -11.23
C GLY A 3 -7.87 21.38 -11.70
N HIS A 4 -6.69 20.83 -11.74
CA HIS A 4 -6.55 19.41 -12.20
C HIS A 4 -6.38 18.49 -10.98
N ILE A 5 -5.82 17.32 -11.18
CA ILE A 5 -5.64 16.40 -10.03
C ILE A 5 -4.15 16.18 -9.77
N GLN A 6 -3.77 16.12 -8.51
CA GLN A 6 -2.33 15.91 -8.18
C GLN A 6 -2.19 14.73 -7.22
N ILE A 7 -1.09 14.63 -6.53
CA ILE A 7 -0.90 13.49 -5.58
C ILE A 7 -2.03 13.53 -4.53
N PRO A 8 -2.88 12.53 -4.55
CA PRO A 8 -4.00 12.45 -3.59
C PRO A 8 -3.49 12.10 -2.18
N PRO A 9 -3.87 12.90 -1.21
CA PRO A 9 -3.44 12.65 0.19
C PRO A 9 -4.28 11.54 0.81
N GLY A 10 -3.87 11.04 1.95
CA GLY A 10 -4.65 9.95 2.62
C GLY A 10 -3.96 8.61 2.42
N LEU A 11 -3.07 8.51 1.46
CA LEU A 11 -2.37 7.22 1.22
C LEU A 11 -1.70 6.73 2.50
N THR A 12 -1.25 7.64 3.34
CA THR A 12 -0.59 7.21 4.61
C THR A 12 -1.49 6.26 5.39
N GLU A 13 -2.68 6.69 5.71
CA GLU A 13 -3.62 5.81 6.47
C GLU A 13 -3.88 4.52 5.70
N LEU A 14 -3.75 4.54 4.40
CA LEU A 14 -3.99 3.31 3.59
C LEU A 14 -2.80 2.36 3.71
N LEU A 15 -1.63 2.83 3.38
CA LEU A 15 -0.43 1.94 3.45
C LEU A 15 -0.04 1.69 4.92
N GLN A 16 0.22 2.74 5.65
CA GLN A 16 0.61 2.55 7.09
C GLN A 16 -0.41 1.65 7.80
N GLY A 17 -1.68 1.90 7.59
CA GLY A 17 -2.72 1.04 8.25
C GLY A 17 -2.45 -0.42 7.89
N TYR A 18 -2.05 -0.67 6.67
CA TYR A 18 -1.75 -2.07 6.24
C TYR A 18 -0.56 -2.60 7.05
N THR A 19 0.28 -1.72 7.51
CA THR A 19 1.46 -2.16 8.31
C THR A 19 1.04 -2.50 9.74
N VAL A 20 0.00 -1.86 10.22
CA VAL A 20 -0.47 -2.13 11.61
C VAL A 20 -1.27 -3.43 11.68
N GLU A 21 -1.80 -3.87 10.56
CA GLU A 21 -2.60 -5.14 10.58
C GLU A 21 -1.67 -6.31 10.26
N VAL A 22 -0.97 -6.22 9.17
CA VAL A 22 -0.05 -7.32 8.78
C VAL A 22 0.88 -7.67 9.95
N LEU A 23 1.36 -6.70 10.66
CA LEU A 23 2.26 -6.99 11.81
C LEU A 23 1.44 -7.46 13.02
N ARG A 24 0.30 -6.88 13.22
CA ARG A 24 -0.55 -7.31 14.39
C ARG A 24 -1.09 -8.72 14.15
N GLN A 25 -1.19 -9.14 12.92
CA GLN A 25 -1.70 -10.51 12.64
C GLN A 25 -0.94 -11.14 11.47
N GLN A 26 0.33 -11.40 11.66
CA GLN A 26 1.18 -12.01 10.58
C GLN A 26 0.39 -13.06 9.78
N PRO A 27 -0.10 -12.63 8.64
CA PRO A 27 -0.88 -13.53 7.76
C PRO A 27 0.05 -14.51 7.04
N PRO A 28 -0.53 -15.54 6.48
CA PRO A 28 0.27 -16.57 5.75
C PRO A 28 0.78 -15.98 4.44
N ASP A 29 0.05 -15.06 3.86
CA ASP A 29 0.50 -14.46 2.56
C ASP A 29 0.04 -13.00 2.47
N LEU A 30 0.95 -12.09 2.28
CA LEU A 30 0.55 -10.66 2.17
C LEU A 30 -0.24 -10.42 0.89
N VAL A 31 0.14 -11.05 -0.19
CA VAL A 31 -0.61 -10.88 -1.46
C VAL A 31 -2.10 -11.14 -1.25
N ASP A 32 -2.42 -12.34 -0.85
CA ASP A 32 -3.84 -12.69 -0.61
C ASP A 32 -4.43 -11.81 0.50
N PHE A 33 -3.63 -11.48 1.49
CA PHE A 33 -4.14 -10.62 2.60
C PHE A 33 -4.41 -9.20 2.06
N ALA A 34 -3.57 -8.73 1.18
CA ALA A 34 -3.77 -7.37 0.62
C ALA A 34 -5.11 -7.28 -0.11
N VAL A 35 -5.53 -8.36 -0.73
CA VAL A 35 -6.82 -8.34 -1.46
C VAL A 35 -7.98 -8.42 -0.47
N GLU A 36 -7.95 -9.38 0.42
CA GLU A 36 -9.06 -9.53 1.41
C GLU A 36 -9.26 -8.21 2.18
N TYR A 37 -8.20 -7.51 2.48
CA TYR A 37 -8.35 -6.23 3.22
C TYR A 37 -8.89 -5.13 2.30
N PHE A 38 -8.15 -4.78 1.29
CA PHE A 38 -8.60 -3.71 0.36
C PHE A 38 -10.00 -4.04 -0.20
N THR A 39 -10.21 -5.27 -0.58
CA THR A 39 -11.55 -5.64 -1.13
C THR A 39 -12.63 -5.37 -0.08
N ARG A 40 -12.35 -5.64 1.16
CA ARG A 40 -13.36 -5.38 2.23
C ARG A 40 -13.66 -3.88 2.32
N LEU A 41 -12.71 -3.06 1.97
CA LEU A 41 -12.93 -1.58 2.03
C LEU A 41 -13.93 -1.17 0.96
N ARG A 42 -13.93 -1.83 -0.16
CA ARG A 42 -14.89 -1.48 -1.25
C ARG A 42 -16.32 -1.84 -0.80
N GLU A 43 -16.47 -2.83 0.03
CA GLU A 43 -17.83 -3.21 0.50
C GLU A 43 -18.38 -2.12 1.43
N ALA A 44 -17.51 -1.39 2.06
CA ALA A 44 -17.99 -0.31 2.98
C ALA A 44 -17.48 1.06 2.50
N ARG A 45 -17.07 1.15 1.27
CA ARG A 45 -16.57 2.45 0.75
C ARG A 45 -17.72 3.45 0.62
N ARG A 46 -18.03 4.16 1.67
CA ARG A 46 -19.16 5.15 1.60
C ARG A 46 -19.14 6.05 2.84
N HIS B 1 20.06 -11.55 19.70
CA HIS B 1 18.94 -12.47 20.05
C HIS B 1 18.18 -12.88 18.78
N MET B 2 17.87 -14.14 18.66
CA MET B 2 17.12 -14.60 17.45
C MET B 2 15.81 -13.83 17.31
N GLY B 3 15.69 -13.02 16.29
CA GLY B 3 14.44 -12.24 16.10
C GLY B 3 13.27 -13.20 15.85
N HIS B 4 12.19 -13.02 16.56
CA HIS B 4 11.01 -13.92 16.36
C HIS B 4 9.87 -13.17 15.68
N ILE B 5 9.39 -12.13 16.28
CA ILE B 5 8.28 -11.35 15.67
C ILE B 5 8.77 -10.00 15.18
N GLN B 6 9.31 -9.93 13.99
CA GLN B 6 9.82 -8.63 13.47
C GLN B 6 9.24 -8.37 12.08
N ILE B 7 9.20 -7.13 11.66
CA ILE B 7 8.66 -6.81 10.32
C ILE B 7 9.35 -7.65 9.24
N PRO B 8 8.57 -8.40 8.50
CA PRO B 8 9.15 -9.25 7.42
C PRO B 8 9.62 -8.39 6.25
N PRO B 9 10.72 -8.79 5.65
CA PRO B 9 11.26 -8.03 4.49
C PRO B 9 10.42 -8.27 3.24
N GLY B 10 10.38 -7.33 2.34
CA GLY B 10 9.57 -7.51 1.10
C GLY B 10 8.40 -6.52 1.10
N LEU B 11 7.90 -6.18 2.25
CA LEU B 11 6.76 -5.21 2.32
C LEU B 11 7.11 -3.93 1.55
N THR B 12 8.34 -3.50 1.62
CA THR B 12 8.74 -2.27 0.89
C THR B 12 8.55 -2.48 -0.62
N GLU B 13 9.09 -3.53 -1.15
CA GLU B 13 8.94 -3.79 -2.60
C GLU B 13 7.46 -3.92 -2.97
N LEU B 14 6.70 -4.63 -2.16
CA LEU B 14 5.26 -4.80 -2.46
C LEU B 14 4.59 -3.42 -2.60
N LEU B 15 4.75 -2.57 -1.63
CA LEU B 15 4.13 -1.22 -1.71
C LEU B 15 4.75 -0.42 -2.87
N GLN B 16 6.04 -0.52 -3.04
CA GLN B 16 6.70 0.23 -4.16
C GLN B 16 6.00 -0.09 -5.48
N GLY B 17 5.70 -1.33 -5.72
CA GLY B 17 5.02 -1.70 -6.98
C GLY B 17 3.72 -0.91 -7.11
N TYR B 18 2.86 -1.00 -6.13
CA TYR B 18 1.57 -0.25 -6.19
C TYR B 18 1.84 1.25 -6.41
N THR B 19 2.81 1.79 -5.73
CA THR B 19 3.13 3.24 -5.89
C THR B 19 3.46 3.56 -7.35
N VAL B 20 4.37 2.83 -7.94
CA VAL B 20 4.74 3.10 -9.36
C VAL B 20 3.48 3.09 -10.24
N GLU B 21 2.44 2.41 -9.82
CA GLU B 21 1.19 2.38 -10.65
C GLU B 21 0.30 3.55 -10.24
N VAL B 22 0.17 3.75 -8.96
CA VAL B 22 -0.69 4.86 -8.47
C VAL B 22 -0.28 6.19 -9.12
N LEU B 23 0.94 6.29 -9.56
CA LEU B 23 1.41 7.55 -10.20
C LEU B 23 1.14 7.48 -11.72
N ARG B 24 1.55 6.42 -12.36
CA ARG B 24 1.33 6.31 -13.83
C ARG B 24 -0.17 6.37 -14.14
N GLN B 25 -0.90 5.34 -13.81
CA GLN B 25 -2.36 5.34 -14.11
C GLN B 25 -3.05 6.52 -13.43
N GLN B 26 -2.61 6.89 -12.26
CA GLN B 26 -3.25 8.03 -11.54
C GLN B 26 -4.76 7.79 -11.43
N PRO B 27 -5.12 6.75 -10.72
CA PRO B 27 -6.55 6.40 -10.55
C PRO B 27 -7.24 7.42 -9.63
N PRO B 28 -8.55 7.48 -9.72
CA PRO B 28 -9.33 8.42 -8.88
C PRO B 28 -9.34 7.94 -7.42
N ASP B 29 -9.19 6.67 -7.20
CA ASP B 29 -9.19 6.14 -5.81
C ASP B 29 -8.27 4.91 -5.71
N LEU B 30 -7.60 4.75 -4.61
CA LEU B 30 -6.69 3.57 -4.45
C LEU B 30 -7.45 2.39 -3.86
N VAL B 31 -8.52 2.65 -3.17
CA VAL B 31 -9.31 1.53 -2.58
C VAL B 31 -9.68 0.51 -3.65
N ASP B 32 -10.46 0.91 -4.61
CA ASP B 32 -10.85 -0.02 -5.70
C ASP B 32 -9.62 -0.43 -6.50
N PHE B 33 -8.82 0.52 -6.90
CA PHE B 33 -7.59 0.19 -7.68
C PHE B 33 -6.75 -0.84 -6.91
N ALA B 34 -6.45 -0.56 -5.67
CA ALA B 34 -5.65 -1.51 -4.84
C ALA B 34 -6.23 -2.93 -4.94
N VAL B 35 -7.52 -3.06 -4.84
CA VAL B 35 -8.14 -4.41 -4.92
C VAL B 35 -7.86 -5.03 -6.29
N GLU B 36 -7.92 -4.23 -7.33
CA GLU B 36 -7.67 -4.78 -8.69
C GLU B 36 -6.19 -5.13 -8.86
N TYR B 37 -5.31 -4.44 -8.17
CA TYR B 37 -3.86 -4.74 -8.30
C TYR B 37 -3.52 -6.05 -7.58
N PHE B 38 -3.55 -6.05 -6.27
CA PHE B 38 -3.22 -7.29 -5.51
C PHE B 38 -4.02 -8.48 -6.05
N THR B 39 -5.30 -8.34 -6.20
CA THR B 39 -6.12 -9.48 -6.72
C THR B 39 -5.52 -10.00 -8.02
N ARG B 40 -4.96 -9.12 -8.82
CA ARG B 40 -4.35 -9.57 -10.10
C ARG B 40 -3.06 -10.35 -9.82
N LEU B 41 -2.25 -9.87 -8.92
CA LEU B 41 -0.98 -10.58 -8.60
C LEU B 41 -1.28 -12.02 -8.18
N ARG B 42 -2.33 -12.23 -7.43
CA ARG B 42 -2.68 -13.60 -6.99
C ARG B 42 -2.75 -14.54 -8.21
N GLU B 43 -3.49 -14.17 -9.21
CA GLU B 43 -3.61 -15.03 -10.42
C GLU B 43 -2.38 -14.84 -11.31
N ALA B 44 -1.96 -13.61 -11.50
CA ALA B 44 -0.77 -13.35 -12.36
C ALA B 44 -0.90 -14.10 -13.69
N ARG B 45 -1.96 -13.88 -14.41
CA ARG B 45 -2.14 -14.57 -15.72
C ARG B 45 -2.05 -16.09 -15.55
N ARG B 46 -0.87 -16.64 -15.62
CA ARG B 46 -0.74 -18.12 -15.45
C ARG B 46 -0.47 -18.47 -13.98
N ASP C 1 5.64 0.63 19.93
CA ASP C 1 6.44 -0.53 19.43
C ASP C 1 7.16 -0.15 18.13
N LEU C 2 7.61 -1.13 17.38
CA LEU C 2 8.32 -0.82 16.11
C LEU C 2 7.34 -0.79 14.95
N ILE C 3 6.24 -1.47 15.08
CA ILE C 3 5.23 -1.48 13.98
C ILE C 3 4.85 -0.05 13.60
N GLU C 4 4.41 0.72 14.55
CA GLU C 4 4.02 2.14 14.25
C GLU C 4 5.25 2.94 13.82
N GLU C 5 6.42 2.42 14.03
CA GLU C 5 7.65 3.16 13.63
C GLU C 5 8.12 2.68 12.25
N ALA C 6 8.09 1.40 12.02
CA ALA C 6 8.52 0.88 10.69
C ALA C 6 7.50 1.26 9.64
N ALA C 7 6.24 1.32 10.01
CA ALA C 7 5.21 1.70 9.01
C ALA C 7 5.28 3.21 8.75
N SER C 8 5.79 3.95 9.69
CA SER C 8 5.91 5.42 9.50
C SER C 8 6.95 5.74 8.43
N ARG C 9 8.03 5.00 8.40
CA ARG C 9 9.08 5.25 7.37
C ARG C 9 8.54 4.85 6.00
N ILE C 10 7.77 3.79 5.93
CA ILE C 10 7.22 3.36 4.62
C ILE C 10 6.49 4.56 3.98
N VAL C 11 5.71 5.26 4.75
CA VAL C 11 4.99 6.44 4.20
C VAL C 11 5.99 7.45 3.65
N ASP C 12 6.98 7.79 4.43
CA ASP C 12 7.99 8.78 3.97
C ASP C 12 8.73 8.27 2.73
N ALA C 13 8.90 6.98 2.61
CA ALA C 13 9.62 6.43 1.42
C ALA C 13 8.64 6.20 0.26
N VAL C 14 7.38 6.06 0.55
CA VAL C 14 6.40 5.83 -0.55
C VAL C 14 5.87 7.19 -1.05
N ILE C 15 5.87 8.17 -0.20
CA ILE C 15 5.37 9.52 -0.63
C ILE C 15 6.51 10.31 -1.29
N GLU C 16 7.74 9.98 -0.95
CA GLU C 16 8.89 10.71 -1.57
C GLU C 16 8.88 10.52 -3.09
N GLN C 17 8.47 9.35 -3.54
CA GLN C 17 8.43 9.10 -5.00
C GLN C 17 7.12 9.65 -5.59
N VAL C 18 6.03 9.46 -4.90
CA VAL C 18 4.72 9.98 -5.41
C VAL C 18 4.81 11.49 -5.62
N LYS C 19 5.63 12.16 -4.86
CA LYS C 19 5.75 13.64 -5.00
C LYS C 19 7.06 14.00 -5.73
N ALA C 20 7.71 13.04 -6.33
CA ALA C 20 8.99 13.34 -7.04
C ALA C 20 8.81 13.10 -8.55
N ALA C 21 7.88 12.25 -8.92
CA ALA C 21 7.67 11.99 -10.38
C ALA C 21 7.26 13.27 -11.09
N GLY C 22 6.30 13.98 -10.56
CA GLY C 22 5.86 15.25 -11.21
C GLY C 22 5.47 14.97 -12.66
N ALA C 23 6.30 15.33 -13.59
CA ALA C 23 5.97 15.10 -15.02
C ALA C 23 7.23 14.76 -15.81
N TYR C 24 8.25 14.28 -15.15
CA TYR C 24 9.51 13.93 -15.87
C TYR C 24 10.03 15.13 -16.65
N HIS A 1 -3.46 27.19 -7.01
CA HIS A 1 -2.84 26.86 -8.32
C HIS A 1 -3.09 25.40 -8.67
N MET A 2 -3.54 25.13 -9.87
CA MET A 2 -3.80 23.72 -10.27
C MET A 2 -4.17 23.64 -11.75
N GLY A 3 -4.57 22.49 -12.22
CA GLY A 3 -4.95 22.34 -13.65
C GLY A 3 -4.92 20.86 -14.03
N HIS A 4 -3.80 20.37 -14.44
CA HIS A 4 -3.71 18.93 -14.82
C HIS A 4 -2.65 18.21 -13.98
N ILE A 5 -2.19 18.84 -12.92
CA ILE A 5 -1.16 18.19 -12.06
C ILE A 5 -1.65 18.15 -10.61
N GLN A 6 -1.77 16.97 -10.05
CA GLN A 6 -2.24 16.88 -8.64
C GLN A 6 -1.92 15.50 -8.06
N ILE A 7 -1.79 15.41 -6.77
CA ILE A 7 -1.48 14.09 -6.13
C ILE A 7 -2.59 13.72 -5.15
N PRO A 8 -3.04 12.48 -5.21
CA PRO A 8 -4.12 12.02 -4.31
C PRO A 8 -3.58 11.79 -2.89
N PRO A 9 -4.03 12.61 -1.96
CA PRO A 9 -3.58 12.48 -0.56
C PRO A 9 -4.40 11.39 0.16
N GLY A 10 -4.04 11.06 1.36
CA GLY A 10 -4.80 10.02 2.11
C GLY A 10 -4.15 8.64 1.91
N LEU A 11 -3.00 8.59 1.30
CA LEU A 11 -2.33 7.28 1.10
C LEU A 11 -1.55 6.88 2.36
N THR A 12 -0.98 7.85 3.03
CA THR A 12 -0.20 7.54 4.27
C THR A 12 -1.05 6.71 5.24
N GLU A 13 -2.08 7.30 5.79
CA GLU A 13 -2.94 6.55 6.76
C GLU A 13 -3.38 5.20 6.16
N LEU A 14 -3.63 5.16 4.89
CA LEU A 14 -4.06 3.88 4.26
C LEU A 14 -2.91 2.87 4.24
N LEU A 15 -1.79 3.24 3.67
CA LEU A 15 -0.64 2.31 3.62
C LEU A 15 -0.21 1.90 5.04
N GLN A 16 0.03 2.85 5.90
CA GLN A 16 0.44 2.50 7.30
C GLN A 16 -0.55 1.50 7.91
N GLY A 17 -1.78 1.53 7.47
CA GLY A 17 -2.78 0.58 8.02
C GLY A 17 -2.38 -0.86 7.66
N TYR A 18 -2.07 -1.09 6.41
CA TYR A 18 -1.66 -2.46 5.99
C TYR A 18 -0.43 -2.90 6.78
N THR A 19 0.58 -2.06 6.85
CA THR A 19 1.81 -2.43 7.60
C THR A 19 1.46 -2.97 8.99
N VAL A 20 0.48 -2.38 9.62
CA VAL A 20 0.08 -2.84 10.98
C VAL A 20 -0.53 -4.25 10.90
N GLU A 21 -1.76 -4.34 10.47
CA GLU A 21 -2.43 -5.68 10.37
C GLU A 21 -1.51 -6.72 9.72
N VAL A 22 -0.86 -6.36 8.63
CA VAL A 22 0.05 -7.33 7.97
C VAL A 22 1.05 -7.90 8.97
N LEU A 23 1.48 -7.11 9.91
CA LEU A 23 2.45 -7.60 10.93
C LEU A 23 1.71 -8.30 12.07
N ARG A 24 0.48 -7.93 12.28
CA ARG A 24 -0.29 -8.57 13.39
C ARG A 24 -1.00 -9.82 12.88
N GLN A 25 -1.86 -9.67 11.90
CA GLN A 25 -2.59 -10.85 11.36
C GLN A 25 -1.59 -11.91 10.90
N GLN A 26 -0.45 -11.50 10.43
CA GLN A 26 0.58 -12.47 9.96
C GLN A 26 -0.06 -13.48 8.97
N PRO A 27 -0.60 -12.95 7.91
CA PRO A 27 -1.26 -13.82 6.89
C PRO A 27 -0.19 -14.61 6.11
N PRO A 28 -0.61 -15.72 5.54
CA PRO A 28 0.32 -16.58 4.77
C PRO A 28 0.69 -15.90 3.44
N ASP A 29 -0.05 -14.89 3.05
CA ASP A 29 0.26 -14.20 1.77
C ASP A 29 -0.34 -12.79 1.76
N LEU A 30 0.48 -11.80 1.55
CA LEU A 30 -0.05 -10.39 1.53
C LEU A 30 -0.84 -10.16 0.24
N VAL A 31 -0.48 -10.84 -0.81
CA VAL A 31 -1.21 -10.66 -2.10
C VAL A 31 -2.70 -10.93 -1.89
N ASP A 32 -3.03 -12.11 -1.47
CA ASP A 32 -4.47 -12.44 -1.23
C ASP A 32 -5.00 -11.59 -0.07
N PHE A 33 -4.24 -11.48 0.99
CA PHE A 33 -4.68 -10.67 2.16
C PHE A 33 -4.96 -9.24 1.70
N ALA A 34 -4.03 -8.64 0.99
CA ALA A 34 -4.23 -7.24 0.51
C ALA A 34 -5.56 -7.15 -0.25
N VAL A 35 -5.89 -8.15 -1.02
CA VAL A 35 -7.16 -8.12 -1.78
C VAL A 35 -8.35 -8.20 -0.81
N GLU A 36 -8.33 -9.14 0.10
CA GLU A 36 -9.46 -9.27 1.07
C GLU A 36 -9.56 -8.02 1.96
N TYR A 37 -8.47 -7.31 2.13
CA TYR A 37 -8.52 -6.09 2.98
C TYR A 37 -9.13 -4.92 2.20
N PHE A 38 -8.46 -4.44 1.20
CA PHE A 38 -8.99 -3.30 0.41
C PHE A 38 -10.39 -3.64 -0.14
N THR A 39 -10.55 -4.80 -0.71
CA THR A 39 -11.89 -5.17 -1.26
C THR A 39 -12.97 -5.01 -0.19
N ARG A 40 -12.74 -5.57 0.97
CA ARG A 40 -13.75 -5.44 2.07
C ARG A 40 -13.90 -3.97 2.49
N LEU A 41 -12.91 -3.16 2.18
CA LEU A 41 -12.99 -1.72 2.56
C LEU A 41 -14.17 -1.05 1.82
N ARG A 42 -14.28 -1.28 0.54
CA ARG A 42 -15.39 -0.67 -0.23
C ARG A 42 -16.73 -0.87 0.47
N GLU A 43 -16.86 -1.92 1.24
CA GLU A 43 -18.14 -2.17 1.96
C GLU A 43 -18.16 -1.44 3.30
N ALA A 44 -17.00 -1.15 3.85
CA ALA A 44 -16.95 -0.44 5.15
C ALA A 44 -16.78 1.06 4.93
N ARG A 45 -17.62 1.65 4.11
CA ARG A 45 -17.51 3.10 3.85
C ARG A 45 -18.73 3.85 4.41
N ARG A 46 -19.81 3.14 4.59
CA ARG A 46 -21.03 3.81 5.14
C ARG A 46 -21.05 3.71 6.67
N HIS B 1 20.15 -11.73 19.48
CA HIS B 1 19.62 -13.11 19.35
C HIS B 1 18.32 -13.11 18.54
N MET B 2 18.27 -13.88 17.48
CA MET B 2 17.03 -13.92 16.65
C MET B 2 15.82 -14.27 17.52
N GLY B 3 14.81 -13.46 17.49
CA GLY B 3 13.60 -13.74 18.31
C GLY B 3 12.34 -13.44 17.50
N HIS B 4 11.36 -12.83 18.11
CA HIS B 4 10.10 -12.51 17.38
C HIS B 4 9.95 -10.99 17.26
N ILE B 5 11.02 -10.28 17.09
CA ILE B 5 10.93 -8.80 16.96
C ILE B 5 11.56 -8.34 15.64
N GLN B 6 11.03 -8.78 14.53
CA GLN B 6 11.59 -8.37 13.22
C GLN B 6 10.49 -7.87 12.29
N ILE B 7 10.80 -7.67 11.03
CA ILE B 7 9.77 -7.18 10.08
C ILE B 7 9.79 -8.03 8.80
N PRO B 8 8.63 -8.25 8.24
CA PRO B 8 8.53 -9.07 7.00
C PRO B 8 9.11 -8.30 5.80
N PRO B 9 10.22 -8.77 5.30
CA PRO B 9 10.88 -8.11 4.15
C PRO B 9 10.06 -8.34 2.87
N GLY B 10 10.51 -7.80 1.77
CA GLY B 10 9.75 -7.99 0.50
C GLY B 10 8.50 -7.10 0.49
N LEU B 11 8.31 -6.29 1.50
CA LEU B 11 7.11 -5.41 1.53
C LEU B 11 7.41 -4.10 0.81
N THR B 12 8.60 -3.59 0.94
CA THR B 12 8.95 -2.31 0.25
C THR B 12 8.95 -2.51 -1.27
N GLU B 13 9.36 -3.66 -1.72
CA GLU B 13 9.39 -3.91 -3.18
C GLU B 13 7.96 -3.96 -3.75
N LEU B 14 7.14 -4.82 -3.22
CA LEU B 14 5.74 -4.92 -3.71
C LEU B 14 5.05 -3.55 -3.64
N LEU B 15 5.22 -2.85 -2.56
CA LEU B 15 4.58 -1.51 -2.44
C LEU B 15 5.16 -0.54 -3.47
N GLN B 16 6.45 -0.54 -3.66
CA GLN B 16 7.06 0.39 -4.67
C GLN B 16 6.34 0.23 -6.01
N GLY B 17 5.95 -0.97 -6.36
CA GLY B 17 5.24 -1.18 -7.64
C GLY B 17 3.95 -0.37 -7.62
N TYR B 18 3.14 -0.55 -6.60
CA TYR B 18 1.87 0.21 -6.52
C TYR B 18 2.14 1.72 -6.50
N THR B 19 3.17 2.13 -5.79
CA THR B 19 3.50 3.60 -5.74
C THR B 19 3.53 4.17 -7.16
N VAL B 20 4.43 3.68 -7.98
CA VAL B 20 4.50 4.16 -9.39
C VAL B 20 3.13 3.94 -10.03
N GLU B 21 2.54 2.82 -9.77
CA GLU B 21 1.22 2.49 -10.36
C GLU B 21 0.22 3.62 -10.09
N VAL B 22 -0.09 3.85 -8.84
CA VAL B 22 -1.07 4.91 -8.50
C VAL B 22 -0.72 6.23 -9.21
N LEU B 23 0.54 6.45 -9.51
CA LEU B 23 0.94 7.71 -10.19
C LEU B 23 0.75 7.56 -11.71
N ARG B 24 1.32 6.55 -12.29
CA ARG B 24 1.17 6.36 -13.77
C ARG B 24 -0.30 6.26 -14.16
N GLN B 25 -1.09 5.56 -13.39
CA GLN B 25 -2.53 5.43 -13.73
C GLN B 25 -3.32 6.61 -13.16
N GLN B 26 -2.96 7.07 -12.00
CA GLN B 26 -3.69 8.22 -11.39
C GLN B 26 -5.20 7.94 -11.36
N PRO B 27 -5.56 6.82 -10.79
CA PRO B 27 -6.98 6.44 -10.71
C PRO B 27 -7.71 7.29 -9.67
N PRO B 28 -8.99 7.49 -9.90
CA PRO B 28 -9.81 8.29 -8.95
C PRO B 28 -10.03 7.52 -7.65
N ASP B 29 -10.12 6.22 -7.72
CA ASP B 29 -10.33 5.41 -6.49
C ASP B 29 -9.13 4.49 -6.26
N LEU B 30 -8.48 4.63 -5.13
CA LEU B 30 -7.31 3.76 -4.84
C LEU B 30 -7.76 2.42 -4.26
N VAL B 31 -8.73 2.44 -3.39
CA VAL B 31 -9.22 1.16 -2.79
C VAL B 31 -9.55 0.16 -3.90
N ASP B 32 -10.54 0.45 -4.68
CA ASP B 32 -10.92 -0.47 -5.79
C ASP B 32 -9.70 -0.71 -6.69
N PHE B 33 -8.92 0.30 -6.93
CA PHE B 33 -7.71 0.14 -7.79
C PHE B 33 -6.76 -0.85 -7.14
N ALA B 34 -6.43 -0.64 -5.89
CA ALA B 34 -5.50 -1.58 -5.19
C ALA B 34 -6.03 -3.02 -5.28
N VAL B 35 -7.32 -3.18 -5.19
CA VAL B 35 -7.90 -4.56 -5.27
C VAL B 35 -7.71 -5.13 -6.68
N GLU B 36 -7.96 -4.33 -7.68
CA GLU B 36 -7.81 -4.83 -9.08
C GLU B 36 -6.35 -5.25 -9.35
N TYR B 37 -5.41 -4.59 -8.74
CA TYR B 37 -3.97 -4.95 -8.97
C TYR B 37 -3.62 -6.23 -8.22
N PHE B 38 -3.61 -6.19 -6.91
CA PHE B 38 -3.26 -7.41 -6.12
C PHE B 38 -4.10 -8.61 -6.60
N THR B 39 -5.39 -8.43 -6.71
CA THR B 39 -6.25 -9.56 -7.16
C THR B 39 -5.71 -10.14 -8.47
N ARG B 40 -5.44 -9.32 -9.44
CA ARG B 40 -4.92 -9.86 -10.74
C ARG B 40 -3.56 -10.52 -10.53
N LEU B 41 -2.80 -10.05 -9.57
CA LEU B 41 -1.46 -10.66 -9.30
C LEU B 41 -1.61 -12.17 -9.10
N ARG B 42 -2.61 -12.57 -8.35
CA ARG B 42 -2.82 -14.04 -8.11
C ARG B 42 -2.84 -14.79 -9.44
N GLU B 43 -3.41 -14.22 -10.46
CA GLU B 43 -3.46 -14.91 -11.78
C GLU B 43 -2.12 -14.77 -12.50
N ALA B 44 -1.34 -13.78 -12.15
CA ALA B 44 -0.03 -13.59 -12.82
C ALA B 44 0.90 -14.76 -12.50
N ARG B 45 0.95 -15.18 -11.26
CA ARG B 45 1.83 -16.31 -10.89
C ARG B 45 1.02 -17.38 -10.14
N ARG B 46 1.00 -18.58 -10.67
CA ARG B 46 0.23 -19.66 -10.00
C ARG B 46 0.80 -19.92 -8.60
N ASP C 1 4.67 -0.80 19.40
CA ASP C 1 5.84 0.04 19.81
C ASP C 1 6.92 0.00 18.74
N LEU C 2 6.91 -1.01 17.90
CA LEU C 2 7.94 -1.10 16.83
C LEU C 2 7.28 -1.10 15.44
N ILE C 3 6.08 -1.60 15.35
CA ILE C 3 5.38 -1.63 14.04
C ILE C 3 4.90 -0.24 13.66
N GLU C 4 4.46 0.53 14.63
CA GLU C 4 3.98 1.91 14.33
C GLU C 4 5.15 2.81 13.92
N GLU C 5 6.36 2.41 14.17
CA GLU C 5 7.52 3.25 13.80
C GLU C 5 8.10 2.78 12.47
N ALA C 6 8.21 1.49 12.28
CA ALA C 6 8.76 0.98 10.99
C ALA C 6 7.72 1.16 9.88
N ALA C 7 6.46 1.10 10.21
CA ALA C 7 5.41 1.28 9.17
C ALA C 7 5.25 2.77 8.85
N SER C 8 5.68 3.62 9.74
CA SER C 8 5.55 5.09 9.49
C SER C 8 6.65 5.55 8.53
N ARG C 9 7.82 4.98 8.62
CA ARG C 9 8.92 5.39 7.70
C ARG C 9 8.78 4.67 6.35
N ILE C 10 8.50 3.39 6.38
CA ILE C 10 8.36 2.64 5.10
C ILE C 10 7.34 3.36 4.21
N VAL C 11 6.26 3.81 4.79
CA VAL C 11 5.24 4.53 3.97
C VAL C 11 5.84 5.83 3.44
N ASP C 12 6.54 6.55 4.27
CA ASP C 12 7.16 7.84 3.81
C ASP C 12 7.93 7.62 2.51
N ALA C 13 8.66 6.55 2.41
CA ALA C 13 9.44 6.29 1.17
C ALA C 13 8.49 6.20 -0.02
N VAL C 14 7.38 5.52 0.13
CA VAL C 14 6.42 5.41 -1.01
C VAL C 14 5.71 6.76 -1.23
N ILE C 15 5.38 7.45 -0.18
CA ILE C 15 4.71 8.77 -0.34
C ILE C 15 5.73 9.82 -0.79
N GLU C 16 6.99 9.58 -0.54
CA GLU C 16 8.03 10.57 -0.97
C GLU C 16 8.01 10.75 -2.49
N GLN C 17 7.95 9.67 -3.21
CA GLN C 17 7.92 9.77 -4.70
C GLN C 17 6.54 10.24 -5.17
N VAL C 18 5.50 9.78 -4.52
CA VAL C 18 4.13 10.19 -4.93
C VAL C 18 4.00 11.72 -4.86
N LYS C 19 4.42 12.30 -3.77
CA LYS C 19 4.32 13.79 -3.63
C LYS C 19 5.47 14.46 -4.39
N ALA C 20 6.53 13.75 -4.64
CA ALA C 20 7.68 14.36 -5.37
C ALA C 20 7.77 13.80 -6.79
N ALA C 21 6.66 13.66 -7.46
CA ALA C 21 6.69 13.12 -8.85
C ALA C 21 5.93 14.05 -9.80
N GLY C 22 4.82 14.58 -9.35
CA GLY C 22 4.03 15.49 -10.22
C GLY C 22 4.91 16.67 -10.66
N ALA C 23 5.34 16.67 -11.89
CA ALA C 23 6.20 17.78 -12.38
C ALA C 23 6.32 17.73 -13.90
N TYR C 24 6.46 16.56 -14.46
CA TYR C 24 6.59 16.45 -15.95
C TYR C 24 5.27 15.96 -16.55
N HIS A 1 5.85 30.77 -9.12
CA HIS A 1 6.12 29.31 -9.05
C HIS A 1 5.05 28.54 -9.80
N MET A 2 5.42 27.46 -10.44
CA MET A 2 4.40 26.67 -11.20
C MET A 2 3.96 25.46 -10.36
N GLY A 3 2.92 24.80 -10.78
CA GLY A 3 2.44 23.61 -10.01
C GLY A 3 1.22 23.00 -10.71
N HIS A 4 1.44 22.07 -11.60
CA HIS A 4 0.29 21.44 -12.31
C HIS A 4 -0.01 20.06 -11.71
N ILE A 5 0.03 19.95 -10.41
CA ILE A 5 -0.25 18.64 -9.77
C ILE A 5 -1.41 18.77 -8.77
N GLN A 6 -2.24 17.77 -8.69
CA GLN A 6 -3.38 17.82 -7.75
C GLN A 6 -3.65 16.42 -7.17
N ILE A 7 -2.67 15.84 -6.53
CA ILE A 7 -2.84 14.49 -5.96
C ILE A 7 -3.81 14.53 -4.78
N PRO A 8 -4.77 13.64 -4.78
CA PRO A 8 -5.76 13.58 -3.68
C PRO A 8 -5.13 12.94 -2.44
N PRO A 9 -5.14 13.64 -1.34
CA PRO A 9 -4.55 13.11 -0.09
C PRO A 9 -5.43 11.99 0.47
N GLY A 10 -4.95 11.28 1.46
CA GLY A 10 -5.78 10.17 2.04
C GLY A 10 -5.11 8.83 1.76
N LEU A 11 -4.35 8.74 0.69
CA LEU A 11 -3.68 7.46 0.36
C LEU A 11 -2.74 7.04 1.49
N THR A 12 -2.08 7.98 2.11
CA THR A 12 -1.14 7.64 3.21
C THR A 12 -1.89 6.85 4.30
N GLU A 13 -2.94 7.40 4.83
CA GLU A 13 -3.71 6.69 5.89
C GLU A 13 -4.07 5.27 5.43
N LEU A 14 -4.56 5.13 4.23
CA LEU A 14 -4.92 3.78 3.73
C LEU A 14 -3.70 2.86 3.79
N LEU A 15 -2.59 3.30 3.24
CA LEU A 15 -1.37 2.45 3.26
C LEU A 15 -0.94 2.19 4.70
N GLN A 16 -0.82 3.22 5.49
CA GLN A 16 -0.41 3.02 6.91
C GLN A 16 -1.28 1.96 7.58
N GLY A 17 -2.57 1.99 7.32
CA GLY A 17 -3.47 0.99 7.93
C GLY A 17 -3.02 -0.40 7.53
N TYR A 18 -2.84 -0.65 6.26
CA TYR A 18 -2.39 -1.99 5.81
C TYR A 18 -1.09 -2.36 6.52
N THR A 19 -0.33 -1.40 6.94
CA THR A 19 0.96 -1.69 7.63
C THR A 19 0.69 -2.28 9.03
N VAL A 20 -0.31 -1.78 9.70
CA VAL A 20 -0.62 -2.31 11.06
C VAL A 20 -1.27 -3.69 10.98
N GLU A 21 -1.79 -4.05 9.83
CA GLU A 21 -2.43 -5.40 9.70
C GLU A 21 -1.37 -6.41 9.26
N VAL A 22 -0.62 -6.07 8.25
CA VAL A 22 0.43 -6.99 7.74
C VAL A 22 1.34 -7.42 8.90
N LEU A 23 1.55 -6.56 9.86
CA LEU A 23 2.42 -6.93 11.02
C LEU A 23 1.58 -7.62 12.10
N ARG A 24 0.43 -7.09 12.40
CA ARG A 24 -0.42 -7.71 13.46
C ARG A 24 -0.82 -9.13 13.04
N GLN A 25 -1.42 -9.28 11.89
CA GLN A 25 -1.82 -10.63 11.42
C GLN A 25 -0.59 -11.43 10.99
N GLN A 26 0.38 -10.77 10.43
CA GLN A 26 1.61 -11.50 9.98
C GLN A 26 1.23 -12.68 9.08
N PRO A 27 0.50 -12.39 8.04
CA PRO A 27 0.06 -13.44 7.10
C PRO A 27 1.24 -13.97 6.27
N PRO A 28 1.15 -15.20 5.85
CA PRO A 28 2.24 -15.81 5.05
C PRO A 28 2.27 -15.20 3.64
N ASP A 29 1.16 -14.68 3.19
CA ASP A 29 1.12 -14.07 1.84
C ASP A 29 0.52 -12.66 1.90
N LEU A 30 1.25 -11.67 1.46
CA LEU A 30 0.72 -10.28 1.49
C LEU A 30 -0.21 -10.05 0.29
N VAL A 31 0.13 -10.62 -0.84
CA VAL A 31 -0.74 -10.43 -2.04
C VAL A 31 -2.17 -10.84 -1.72
N ASP A 32 -2.39 -12.09 -1.42
CA ASP A 32 -3.75 -12.56 -1.08
C ASP A 32 -4.31 -11.74 0.09
N PHE A 33 -3.48 -11.41 1.04
CA PHE A 33 -3.97 -10.62 2.21
C PHE A 33 -4.43 -9.24 1.73
N ALA A 34 -3.63 -8.58 0.95
CA ALA A 34 -4.02 -7.22 0.46
C ALA A 34 -5.36 -7.31 -0.28
N VAL A 35 -5.63 -8.42 -0.92
CA VAL A 35 -6.91 -8.57 -1.66
C VAL A 35 -8.07 -8.76 -0.69
N GLU A 36 -7.85 -9.47 0.38
CA GLU A 36 -8.96 -9.70 1.37
C GLU A 36 -9.22 -8.43 2.18
N TYR A 37 -8.21 -7.64 2.42
CA TYR A 37 -8.41 -6.39 3.21
C TYR A 37 -9.09 -5.32 2.37
N PHE A 38 -8.43 -4.83 1.35
CA PHE A 38 -9.04 -3.78 0.49
C PHE A 38 -10.43 -4.19 0.04
N THR A 39 -10.60 -5.40 -0.43
CA THR A 39 -11.95 -5.85 -0.87
C THR A 39 -12.96 -5.64 0.26
N ARG A 40 -12.59 -5.95 1.47
CA ARG A 40 -13.54 -5.76 2.61
C ARG A 40 -13.77 -4.27 2.85
N LEU A 41 -12.74 -3.46 2.70
CA LEU A 41 -12.91 -2.00 2.93
C LEU A 41 -13.90 -1.42 1.92
N ARG A 42 -14.06 -2.06 0.80
CA ARG A 42 -15.01 -1.55 -0.22
C ARG A 42 -16.45 -1.74 0.29
N GLU A 43 -16.66 -2.69 1.17
CA GLU A 43 -18.02 -2.92 1.70
C GLU A 43 -18.10 -2.40 3.14
N ALA A 44 -17.07 -2.61 3.91
CA ALA A 44 -17.08 -2.13 5.32
C ALA A 44 -18.36 -2.59 6.03
N ARG A 45 -18.73 -3.83 5.87
CA ARG A 45 -19.97 -4.33 6.54
C ARG A 45 -21.15 -3.42 6.21
N ARG A 46 -21.74 -3.59 5.05
CA ARG A 46 -22.91 -2.75 4.68
C ARG A 46 -22.54 -1.26 4.79
N HIS B 1 22.29 -13.50 23.75
CA HIS B 1 21.07 -12.64 23.84
C HIS B 1 20.72 -12.07 22.46
N MET B 2 19.77 -12.68 21.79
CA MET B 2 19.38 -12.18 20.44
C MET B 2 17.93 -11.68 20.48
N GLY B 3 17.48 -11.07 19.41
CA GLY B 3 16.08 -10.56 19.38
C GLY B 3 15.25 -11.44 18.44
N HIS B 4 13.94 -11.35 18.54
CA HIS B 4 13.08 -12.18 17.66
C HIS B 4 11.95 -11.33 17.06
N ILE B 5 12.15 -10.04 16.96
CA ILE B 5 11.09 -9.16 16.40
C ILE B 5 11.69 -8.22 15.35
N GLN B 6 11.78 -8.66 14.12
CA GLN B 6 12.35 -7.79 13.05
C GLN B 6 11.32 -7.54 11.96
N ILE B 7 11.60 -6.64 11.06
CA ILE B 7 10.62 -6.34 9.97
C ILE B 7 11.12 -6.93 8.64
N PRO B 8 10.36 -7.86 8.09
CA PRO B 8 10.75 -8.49 6.81
C PRO B 8 10.59 -7.49 5.65
N PRO B 9 11.63 -7.36 4.85
CA PRO B 9 11.57 -6.41 3.70
C PRO B 9 10.68 -6.97 2.59
N GLY B 10 10.44 -6.19 1.57
CA GLY B 10 9.58 -6.67 0.45
C GLY B 10 8.24 -5.92 0.49
N LEU B 11 7.83 -5.48 1.63
CA LEU B 11 6.53 -4.75 1.73
C LEU B 11 6.61 -3.42 0.96
N THR B 12 7.67 -2.69 1.13
CA THR B 12 7.80 -1.39 0.41
C THR B 12 7.96 -1.62 -1.09
N GLU B 13 8.63 -2.68 -1.47
CA GLU B 13 8.82 -2.97 -2.91
C GLU B 13 7.47 -3.15 -3.60
N LEU B 14 6.59 -3.90 -3.01
CA LEU B 14 5.25 -4.13 -3.63
C LEU B 14 4.44 -2.83 -3.63
N LEU B 15 4.37 -2.16 -2.51
CA LEU B 15 3.59 -0.89 -2.45
C LEU B 15 4.14 0.11 -3.48
N GLN B 16 5.42 0.10 -3.71
CA GLN B 16 6.01 1.05 -4.71
C GLN B 16 5.38 0.82 -6.08
N GLY B 17 5.40 -0.39 -6.57
CA GLY B 17 4.80 -0.67 -7.91
C GLY B 17 3.36 -0.15 -7.91
N TYR B 18 2.66 -0.31 -6.82
CA TYR B 18 1.26 0.18 -6.74
C TYR B 18 1.25 1.71 -6.81
N THR B 19 2.08 2.34 -6.03
CA THR B 19 2.14 3.84 -6.04
C THR B 19 2.26 4.35 -7.48
N VAL B 20 2.90 3.58 -8.33
CA VAL B 20 3.07 4.02 -9.75
C VAL B 20 1.71 3.97 -10.47
N GLU B 21 1.23 2.79 -10.75
CA GLU B 21 -0.10 2.67 -11.45
C GLU B 21 -1.14 3.58 -10.81
N VAL B 22 -1.09 3.74 -9.52
CA VAL B 22 -2.09 4.62 -8.84
C VAL B 22 -2.04 6.03 -9.45
N LEU B 23 -0.87 6.57 -9.62
CA LEU B 23 -0.74 7.94 -10.21
C LEU B 23 -0.94 7.87 -11.73
N ARG B 24 -0.70 6.74 -12.33
CA ARG B 24 -0.86 6.62 -13.81
C ARG B 24 -2.34 6.42 -14.16
N GLN B 25 -2.90 5.30 -13.80
CA GLN B 25 -4.34 5.05 -14.11
C GLN B 25 -5.20 6.19 -13.56
N GLN B 26 -4.77 6.80 -12.49
CA GLN B 26 -5.56 7.92 -11.91
C GLN B 26 -7.02 7.50 -11.70
N PRO B 27 -7.20 6.42 -10.98
CA PRO B 27 -8.57 5.92 -10.71
C PRO B 27 -9.27 6.82 -9.68
N PRO B 28 -10.58 6.89 -9.78
CA PRO B 28 -11.37 7.71 -8.84
C PRO B 28 -11.34 7.09 -7.44
N ASP B 29 -11.57 5.81 -7.36
CA ASP B 29 -11.54 5.13 -6.03
C ASP B 29 -10.34 4.19 -5.95
N LEU B 30 -9.45 4.42 -5.02
CA LEU B 30 -8.25 3.54 -4.90
C LEU B 30 -8.63 2.19 -4.30
N VAL B 31 -9.60 2.16 -3.42
CA VAL B 31 -10.02 0.87 -2.81
C VAL B 31 -10.27 -0.18 -3.89
N ASP B 32 -11.27 0.03 -4.70
CA ASP B 32 -11.58 -0.93 -5.78
C ASP B 32 -10.33 -1.17 -6.63
N PHE B 33 -9.56 -0.15 -6.90
CA PHE B 33 -8.34 -0.34 -7.71
C PHE B 33 -7.38 -1.30 -6.99
N ALA B 34 -7.04 -1.00 -5.78
CA ALA B 34 -6.12 -1.88 -5.02
C ALA B 34 -6.65 -3.33 -5.03
N VAL B 35 -7.95 -3.50 -5.02
CA VAL B 35 -8.51 -4.87 -5.03
C VAL B 35 -8.35 -5.50 -6.41
N GLU B 36 -8.54 -4.75 -7.45
CA GLU B 36 -8.40 -5.31 -8.82
C GLU B 36 -6.93 -5.61 -9.14
N TYR B 37 -6.03 -4.78 -8.69
CA TYR B 37 -4.59 -5.03 -8.97
C TYR B 37 -4.09 -6.23 -8.17
N PHE B 38 -4.04 -6.11 -6.87
CA PHE B 38 -3.55 -7.25 -6.03
C PHE B 38 -4.25 -8.55 -6.42
N THR B 39 -5.55 -8.53 -6.56
CA THR B 39 -6.27 -9.78 -6.94
C THR B 39 -5.72 -10.32 -8.27
N ARG B 40 -5.39 -9.46 -9.18
CA ARG B 40 -4.84 -9.93 -10.48
C ARG B 40 -3.37 -10.32 -10.33
N LEU B 41 -2.66 -9.67 -9.44
CA LEU B 41 -1.22 -10.00 -9.24
C LEU B 41 -1.07 -11.45 -8.77
N ARG B 42 -1.98 -11.91 -7.94
CA ARG B 42 -1.88 -13.30 -7.44
C ARG B 42 -2.17 -14.28 -8.58
N GLU B 43 -2.83 -13.84 -9.62
CA GLU B 43 -3.14 -14.75 -10.76
C GLU B 43 -2.54 -14.19 -12.06
N ALA B 44 -1.65 -13.25 -11.96
CA ALA B 44 -1.03 -12.68 -13.19
C ALA B 44 -0.42 -13.79 -14.04
N ARG B 45 0.19 -14.76 -13.41
CA ARG B 45 0.81 -15.87 -14.19
C ARG B 45 -0.25 -16.58 -15.04
N ARG B 46 0.04 -17.75 -15.54
CA ARG B 46 -0.95 -18.47 -16.37
C ARG B 46 -2.12 -18.96 -15.51
N ASP C 1 4.84 -0.06 20.86
CA ASP C 1 4.52 -0.69 19.54
C ASP C 1 5.61 -0.35 18.52
N LEU C 2 6.22 -1.36 17.95
CA LEU C 2 7.30 -1.10 16.95
C LEU C 2 6.69 -0.98 15.55
N ILE C 3 5.53 -1.53 15.35
CA ILE C 3 4.89 -1.45 14.00
C ILE C 3 4.59 0.01 13.67
N GLU C 4 3.96 0.72 14.55
CA GLU C 4 3.63 2.15 14.29
C GLU C 4 4.90 2.91 13.87
N GLU C 5 6.05 2.41 14.25
CA GLU C 5 7.32 3.09 13.88
C GLU C 5 7.83 2.53 12.55
N ALA C 6 8.01 1.24 12.47
CA ALA C 6 8.50 0.64 11.20
C ALA C 6 7.47 0.89 10.09
N ALA C 7 6.21 0.84 10.41
CA ALA C 7 5.17 1.09 9.36
C ALA C 7 5.25 2.54 8.91
N SER C 8 5.38 3.45 9.84
CA SER C 8 5.46 4.89 9.46
C SER C 8 6.57 5.09 8.42
N ARG C 9 7.59 4.26 8.45
CA ARG C 9 8.69 4.41 7.47
C ARG C 9 8.21 4.03 6.07
N ILE C 10 7.46 2.96 5.95
CA ILE C 10 6.96 2.55 4.60
C ILE C 10 6.25 3.73 3.93
N VAL C 11 5.58 4.54 4.70
CA VAL C 11 4.87 5.71 4.12
C VAL C 11 5.89 6.74 3.63
N ASP C 12 6.95 6.91 4.37
CA ASP C 12 8.00 7.91 3.95
C ASP C 12 8.62 7.52 2.62
N ALA C 13 8.85 6.26 2.39
CA ALA C 13 9.46 5.83 1.09
C ALA C 13 8.40 5.75 -0.01
N VAL C 14 7.16 5.59 0.35
CA VAL C 14 6.10 5.50 -0.69
C VAL C 14 5.56 6.91 -0.99
N ILE C 15 5.67 7.81 -0.05
CA ILE C 15 5.18 9.19 -0.28
C ILE C 15 6.28 10.02 -0.98
N GLU C 16 7.51 9.58 -0.89
CA GLU C 16 8.62 10.34 -1.54
C GLU C 16 8.51 10.21 -3.07
N GLN C 17 7.89 9.17 -3.55
CA GLN C 17 7.78 8.99 -5.02
C GLN C 17 6.38 9.39 -5.52
N VAL C 18 5.34 9.00 -4.81
CA VAL C 18 3.96 9.37 -5.25
C VAL C 18 3.87 10.87 -5.54
N LYS C 19 4.45 11.68 -4.69
CA LYS C 19 4.40 13.15 -4.89
C LYS C 19 5.42 13.58 -5.95
N ALA C 20 6.46 12.81 -6.12
CA ALA C 20 7.50 13.17 -7.14
C ALA C 20 7.45 12.20 -8.32
N ALA C 21 6.29 11.69 -8.65
CA ALA C 21 6.18 10.75 -9.80
C ALA C 21 5.31 11.36 -10.90
N GLY C 22 4.45 12.28 -10.56
CA GLY C 22 3.58 12.90 -11.59
C GLY C 22 4.44 13.73 -12.55
N ALA C 23 5.49 14.32 -12.07
CA ALA C 23 6.36 15.15 -12.96
C ALA C 23 7.62 14.37 -13.34
N TYR C 24 7.63 13.08 -13.12
CA TYR C 24 8.83 12.26 -13.48
C TYR C 24 10.10 12.90 -12.89
N HIS A 1 -4.72 29.68 -6.17
CA HIS A 1 -3.90 28.76 -5.33
C HIS A 1 -4.10 27.31 -5.76
N MET A 2 -4.52 27.09 -6.97
CA MET A 2 -4.74 25.69 -7.45
C MET A 2 -3.39 25.00 -7.70
N GLY A 3 -2.62 25.50 -8.64
CA GLY A 3 -1.30 24.88 -8.92
C GLY A 3 -1.50 23.58 -9.71
N HIS A 4 -1.00 22.49 -9.20
CA HIS A 4 -1.17 21.19 -9.91
C HIS A 4 -1.56 20.09 -8.93
N ILE A 5 -2.64 19.40 -9.19
CA ILE A 5 -3.06 18.30 -8.26
C ILE A 5 -3.06 16.96 -9.00
N GLN A 6 -1.91 16.37 -9.19
CA GLN A 6 -1.85 15.06 -9.89
C GLN A 6 -1.45 13.95 -8.92
N ILE A 7 -1.77 14.13 -7.66
CA ILE A 7 -1.40 13.10 -6.65
C ILE A 7 -2.61 12.79 -5.76
N PRO A 8 -3.06 11.55 -5.79
CA PRO A 8 -4.24 11.14 -4.98
C PRO A 8 -3.86 11.08 -3.49
N PRO A 9 -4.41 11.98 -2.71
CA PRO A 9 -4.11 11.99 -1.26
C PRO A 9 -4.86 10.85 -0.55
N GLY A 10 -4.59 10.64 0.71
CA GLY A 10 -5.29 9.55 1.44
C GLY A 10 -4.54 8.23 1.28
N LEU A 11 -3.47 8.20 0.52
CA LEU A 11 -2.71 6.93 0.34
C LEU A 11 -1.86 6.64 1.58
N THR A 12 -1.58 7.64 2.37
CA THR A 12 -0.75 7.41 3.59
C THR A 12 -1.56 6.67 4.66
N GLU A 13 -2.62 7.27 5.12
CA GLU A 13 -3.46 6.60 6.17
C GLU A 13 -3.88 5.21 5.70
N LEU A 14 -3.89 4.97 4.42
CA LEU A 14 -4.29 3.63 3.91
C LEU A 14 -3.12 2.65 4.00
N LEU A 15 -2.01 2.97 3.39
CA LEU A 15 -0.84 2.06 3.45
C LEU A 15 -0.41 1.85 4.91
N GLN A 16 -0.15 2.92 5.62
CA GLN A 16 0.26 2.78 7.05
C GLN A 16 -0.74 1.90 7.80
N GLY A 17 -2.00 2.11 7.58
CA GLY A 17 -3.03 1.28 8.27
C GLY A 17 -2.78 -0.19 7.94
N TYR A 18 -2.59 -0.49 6.67
CA TYR A 18 -2.34 -1.90 6.27
C TYR A 18 -1.10 -2.44 6.97
N THR A 19 -0.18 -1.57 7.32
CA THR A 19 1.06 -2.03 8.01
C THR A 19 0.74 -2.51 9.42
N VAL A 20 -0.15 -1.83 10.11
CA VAL A 20 -0.50 -2.26 11.49
C VAL A 20 -1.43 -3.48 11.46
N GLU A 21 -2.18 -3.65 10.42
CA GLU A 21 -3.09 -4.83 10.34
C GLU A 21 -2.28 -6.06 9.97
N VAL A 22 -1.55 -5.97 8.89
CA VAL A 22 -0.71 -7.10 8.45
C VAL A 22 0.14 -7.62 9.61
N LEU A 23 0.55 -6.74 10.49
CA LEU A 23 1.36 -7.17 11.66
C LEU A 23 0.45 -7.73 12.76
N ARG A 24 -0.71 -7.15 12.92
CA ARG A 24 -1.64 -7.65 13.97
C ARG A 24 -2.22 -9.01 13.58
N GLN A 25 -3.03 -9.05 12.56
CA GLN A 25 -3.63 -10.34 12.13
C GLN A 25 -2.53 -11.37 11.81
N GLN A 26 -1.39 -10.91 11.36
CA GLN A 26 -0.29 -11.86 11.03
C GLN A 26 -0.81 -12.97 10.10
N PRO A 27 -1.31 -12.57 8.95
CA PRO A 27 -1.84 -13.55 7.98
C PRO A 27 -0.72 -14.34 7.32
N PRO A 28 -1.07 -15.43 6.69
CA PRO A 28 -0.07 -16.27 5.99
C PRO A 28 0.47 -15.55 4.75
N ASP A 29 -0.26 -14.59 4.25
CA ASP A 29 0.20 -13.85 3.05
C ASP A 29 -0.57 -12.54 2.91
N LEU A 30 0.07 -11.52 2.42
CA LEU A 30 -0.62 -10.20 2.25
C LEU A 30 -1.35 -10.17 0.91
N VAL A 31 -0.94 -10.98 -0.02
CA VAL A 31 -1.62 -10.99 -1.35
C VAL A 31 -3.11 -11.25 -1.16
N ASP A 32 -3.44 -12.38 -0.57
CA ASP A 32 -4.88 -12.70 -0.36
C ASP A 32 -5.48 -11.73 0.67
N PHE A 33 -4.80 -11.49 1.75
CA PHE A 33 -5.33 -10.54 2.78
C PHE A 33 -5.56 -9.17 2.15
N ALA A 34 -4.57 -8.66 1.45
CA ALA A 34 -4.73 -7.33 0.80
C ALA A 34 -5.95 -7.34 -0.12
N VAL A 35 -6.14 -8.41 -0.85
CA VAL A 35 -7.31 -8.49 -1.77
C VAL A 35 -8.59 -8.64 -0.95
N GLU A 36 -8.50 -9.24 0.20
CA GLU A 36 -9.72 -9.41 1.04
C GLU A 36 -9.93 -8.17 1.91
N TYR A 37 -8.87 -7.47 2.23
CA TYR A 37 -9.01 -6.25 3.08
C TYR A 37 -9.45 -5.06 2.21
N PHE A 38 -8.74 -4.80 1.14
CA PHE A 38 -9.12 -3.66 0.26
C PHE A 38 -10.47 -3.90 -0.41
N THR A 39 -10.70 -5.09 -0.90
CA THR A 39 -12.00 -5.38 -1.56
C THR A 39 -13.15 -5.11 -0.58
N ARG A 40 -13.01 -5.56 0.64
CA ARG A 40 -14.09 -5.33 1.64
C ARG A 40 -14.26 -3.82 1.90
N LEU A 41 -13.21 -3.07 1.70
CA LEU A 41 -13.31 -1.59 1.91
C LEU A 41 -14.21 -0.97 0.85
N ARG A 42 -14.12 -1.44 -0.36
CA ARG A 42 -14.97 -0.87 -1.45
C ARG A 42 -16.45 -1.10 -1.13
N GLU A 43 -16.75 -2.08 -0.33
CA GLU A 43 -18.18 -2.35 0.02
C GLU A 43 -18.53 -1.76 1.39
N ALA A 44 -17.66 -0.94 1.93
CA ALA A 44 -17.95 -0.33 3.26
C ALA A 44 -17.40 1.10 3.33
N ARG A 45 -17.68 1.90 2.33
CA ARG A 45 -17.17 3.29 2.33
C ARG A 45 -18.33 4.27 2.09
N ARG A 46 -19.03 4.64 3.13
CA ARG A 46 -20.17 5.58 2.96
C ARG A 46 -21.13 5.08 1.88
N HIS B 1 22.30 -16.05 17.07
CA HIS B 1 22.34 -15.17 18.28
C HIS B 1 22.27 -13.70 17.87
N MET B 2 21.61 -13.41 16.78
CA MET B 2 21.49 -11.99 16.33
C MET B 2 20.12 -11.75 15.71
N GLY B 3 19.86 -10.54 15.27
CA GLY B 3 18.54 -10.24 14.65
C GLY B 3 17.59 -9.68 15.72
N HIS B 4 16.79 -8.72 15.36
CA HIS B 4 15.85 -8.13 16.36
C HIS B 4 14.76 -7.33 15.63
N ILE B 5 14.08 -7.96 14.70
CA ILE B 5 12.99 -7.24 13.96
C ILE B 5 11.66 -7.97 14.15
N GLN B 6 10.58 -7.22 14.25
CA GLN B 6 9.25 -7.87 14.44
C GLN B 6 8.34 -7.57 13.25
N ILE B 7 8.87 -7.61 12.06
CA ILE B 7 8.04 -7.31 10.86
C ILE B 7 8.40 -8.27 9.72
N PRO B 8 7.39 -8.81 9.07
CA PRO B 8 7.63 -9.75 7.95
C PRO B 8 8.15 -9.00 6.72
N PRO B 9 9.19 -9.53 6.11
CA PRO B 9 9.78 -8.88 4.91
C PRO B 9 8.84 -9.05 3.70
N GLY B 10 9.25 -8.57 2.57
CA GLY B 10 8.39 -8.71 1.35
C GLY B 10 7.33 -7.60 1.32
N LEU B 11 7.32 -6.71 2.30
CA LEU B 11 6.31 -5.63 2.31
C LEU B 11 6.82 -4.42 1.51
N THR B 12 8.07 -4.09 1.67
CA THR B 12 8.63 -2.91 0.92
C THR B 12 8.54 -3.15 -0.59
N GLU B 13 9.10 -4.24 -1.05
CA GLU B 13 9.07 -4.53 -2.51
C GLU B 13 7.63 -4.52 -3.03
N LEU B 14 6.76 -5.29 -2.42
CA LEU B 14 5.35 -5.33 -2.87
C LEU B 14 4.75 -3.92 -2.91
N LEU B 15 4.85 -3.20 -1.82
CA LEU B 15 4.28 -1.82 -1.80
C LEU B 15 4.96 -0.93 -2.85
N GLN B 16 6.26 -1.00 -2.96
CA GLN B 16 6.97 -0.17 -3.97
C GLN B 16 6.33 -0.35 -5.36
N GLY B 17 6.06 -1.57 -5.73
CA GLY B 17 5.44 -1.80 -7.08
C GLY B 17 4.14 -0.99 -7.18
N TYR B 18 3.33 -1.03 -6.16
CA TYR B 18 2.05 -0.26 -6.20
C TYR B 18 2.35 1.24 -6.26
N THR B 19 3.35 1.71 -5.56
CA THR B 19 3.68 3.16 -5.60
C THR B 19 3.80 3.61 -7.06
N VAL B 20 4.66 2.98 -7.81
CA VAL B 20 4.80 3.33 -9.25
C VAL B 20 3.44 3.12 -9.92
N GLU B 21 2.84 2.00 -9.66
CA GLU B 21 1.52 1.68 -10.26
C GLU B 21 0.55 2.85 -10.09
N VAL B 22 0.20 3.14 -8.88
CA VAL B 22 -0.76 4.26 -8.63
C VAL B 22 -0.24 5.54 -9.29
N LEU B 23 1.03 5.80 -9.22
CA LEU B 23 1.58 7.04 -9.83
C LEU B 23 1.58 6.93 -11.37
N ARG B 24 1.33 5.76 -11.89
CA ARG B 24 1.32 5.60 -13.38
C ARG B 24 -0.11 5.63 -13.90
N GLN B 25 -0.94 4.72 -13.45
CA GLN B 25 -2.35 4.69 -13.93
C GLN B 25 -3.12 5.90 -13.39
N GLN B 26 -2.85 6.29 -12.17
CA GLN B 26 -3.56 7.45 -11.58
C GLN B 26 -5.09 7.25 -11.72
N PRO B 27 -5.57 6.15 -11.19
CA PRO B 27 -7.01 5.83 -11.25
C PRO B 27 -7.82 6.76 -10.33
N PRO B 28 -9.10 6.83 -10.57
CA PRO B 28 -9.98 7.69 -9.75
C PRO B 28 -10.16 7.09 -8.35
N ASP B 29 -10.26 5.79 -8.27
CA ASP B 29 -10.43 5.14 -6.93
C ASP B 29 -9.26 4.19 -6.66
N LEU B 30 -8.54 4.41 -5.59
CA LEU B 30 -7.40 3.50 -5.27
C LEU B 30 -7.91 2.20 -4.67
N VAL B 31 -8.99 2.27 -3.93
CA VAL B 31 -9.55 1.03 -3.32
C VAL B 31 -9.80 -0.03 -4.40
N ASP B 32 -10.72 0.23 -5.28
CA ASP B 32 -11.00 -0.74 -6.36
C ASP B 32 -9.73 -1.04 -7.15
N PHE B 33 -8.88 -0.06 -7.32
CA PHE B 33 -7.61 -0.29 -8.07
C PHE B 33 -6.71 -1.24 -7.28
N ALA B 34 -6.49 -0.96 -6.03
CA ALA B 34 -5.62 -1.85 -5.21
C ALA B 34 -6.16 -3.29 -5.27
N VAL B 35 -7.45 -3.44 -5.43
CA VAL B 35 -8.03 -4.80 -5.50
C VAL B 35 -7.69 -5.45 -6.84
N GLU B 36 -8.01 -4.80 -7.93
CA GLU B 36 -7.70 -5.37 -9.27
C GLU B 36 -6.22 -5.77 -9.36
N TYR B 37 -5.36 -5.01 -8.75
CA TYR B 37 -3.90 -5.33 -8.81
C TYR B 37 -3.60 -6.62 -8.04
N PHE B 38 -3.60 -6.56 -6.74
CA PHE B 38 -3.31 -7.78 -5.93
C PHE B 38 -4.20 -8.94 -6.35
N THR B 39 -5.47 -8.69 -6.57
CA THR B 39 -6.38 -9.80 -6.98
C THR B 39 -5.80 -10.54 -8.20
N ARG B 40 -5.46 -9.82 -9.23
CA ARG B 40 -4.89 -10.47 -10.43
C ARG B 40 -3.58 -11.20 -10.07
N LEU B 41 -2.87 -10.70 -9.10
CA LEU B 41 -1.59 -11.36 -8.70
C LEU B 41 -1.88 -12.72 -8.05
N ARG B 42 -3.07 -12.92 -7.58
CA ARG B 42 -3.41 -14.22 -6.93
C ARG B 42 -3.67 -15.29 -7.99
N GLU B 43 -4.01 -14.88 -9.19
CA GLU B 43 -4.28 -15.87 -10.27
C GLU B 43 -3.19 -15.81 -11.33
N ALA B 44 -2.09 -15.18 -11.03
CA ALA B 44 -0.99 -15.09 -12.04
C ALA B 44 0.22 -15.92 -11.60
N ARG B 45 0.08 -17.23 -11.57
CA ARG B 45 1.21 -18.09 -11.15
C ARG B 45 1.61 -19.04 -12.29
N ARG B 46 1.71 -18.52 -13.48
CA ARG B 46 2.09 -19.39 -14.64
C ARG B 46 2.68 -18.54 -15.76
N ASP C 1 4.70 -0.82 21.03
CA ASP C 1 5.48 -1.76 20.17
C ASP C 1 6.37 -0.97 19.20
N LEU C 2 6.83 -1.60 18.15
CA LEU C 2 7.68 -0.90 17.17
C LEU C 2 7.06 -0.94 15.77
N ILE C 3 5.81 -1.30 15.68
CA ILE C 3 5.14 -1.37 14.34
C ILE C 3 4.72 0.03 13.88
N GLU C 4 4.03 0.76 14.71
CA GLU C 4 3.60 2.13 14.32
C GLU C 4 4.80 2.98 13.91
N GLU C 5 5.99 2.58 14.34
CA GLU C 5 7.20 3.36 13.97
C GLU C 5 7.76 2.84 12.65
N ALA C 6 7.79 1.55 12.48
CA ALA C 6 8.31 0.98 11.21
C ALA C 6 7.29 1.18 10.08
N ALA C 7 6.02 1.24 10.42
CA ALA C 7 5.00 1.45 9.37
C ALA C 7 4.91 2.93 8.98
N SER C 8 5.38 3.80 9.84
CA SER C 8 5.33 5.25 9.52
C SER C 8 6.50 5.62 8.60
N ARG C 9 7.62 4.97 8.77
CA ARG C 9 8.80 5.28 7.91
C ARG C 9 8.59 4.69 6.51
N ILE C 10 8.20 3.44 6.43
CA ILE C 10 7.98 2.82 5.08
C ILE C 10 7.02 3.70 4.28
N VAL C 11 5.97 4.18 4.90
CA VAL C 11 5.02 5.05 4.18
C VAL C 11 5.72 6.35 3.77
N ASP C 12 6.73 6.74 4.51
CA ASP C 12 7.47 7.99 4.17
C ASP C 12 8.13 7.87 2.81
N ALA C 13 8.59 6.70 2.45
CA ALA C 13 9.26 6.51 1.13
C ALA C 13 8.23 6.54 0.00
N VAL C 14 7.10 5.91 0.19
CA VAL C 14 6.07 5.90 -0.88
C VAL C 14 5.52 7.32 -1.09
N ILE C 15 5.21 8.01 -0.02
CA ILE C 15 4.68 9.40 -0.16
C ILE C 15 5.76 10.32 -0.74
N GLU C 16 7.01 9.93 -0.63
CA GLU C 16 8.11 10.79 -1.17
C GLU C 16 8.21 10.62 -2.69
N GLN C 17 7.89 9.46 -3.20
CA GLN C 17 7.97 9.24 -4.67
C GLN C 17 6.68 9.70 -5.35
N VAL C 18 5.54 9.36 -4.78
CA VAL C 18 4.25 9.78 -5.39
C VAL C 18 4.21 11.29 -5.58
N LYS C 19 5.02 12.01 -4.85
CA LYS C 19 5.03 13.49 -4.99
C LYS C 19 6.33 13.98 -5.63
N ALA C 20 7.30 13.11 -5.77
CA ALA C 20 8.60 13.54 -6.38
C ALA C 20 8.58 13.28 -7.89
N ALA C 21 7.42 13.26 -8.48
CA ALA C 21 7.34 13.01 -9.96
C ALA C 21 7.95 14.19 -10.72
N GLY C 22 7.53 15.38 -10.42
CA GLY C 22 8.08 16.58 -11.12
C GLY C 22 7.13 17.00 -12.25
N ALA C 23 6.31 16.10 -12.71
CA ALA C 23 5.36 16.47 -13.81
C ALA C 23 6.12 17.06 -15.00
N TYR C 24 6.96 16.28 -15.62
CA TYR C 24 7.73 16.80 -16.79
C TYR C 24 7.04 16.38 -18.10
N HIS A 1 3.32 28.79 -16.78
CA HIS A 1 2.85 27.97 -15.64
C HIS A 1 1.73 27.02 -16.09
N MET A 2 1.67 25.85 -15.54
CA MET A 2 0.60 24.89 -15.95
C MET A 2 0.47 23.77 -14.91
N GLY A 3 -0.67 23.67 -14.28
CA GLY A 3 -0.86 22.59 -13.27
C GLY A 3 -0.81 23.20 -11.86
N HIS A 4 -1.17 22.44 -10.87
CA HIS A 4 -1.15 22.97 -9.47
C HIS A 4 -1.33 21.83 -8.46
N ILE A 5 -2.36 21.06 -8.61
CA ILE A 5 -2.59 19.92 -7.67
C ILE A 5 -2.73 18.61 -8.44
N GLN A 6 -2.11 17.55 -7.96
CA GLN A 6 -2.21 16.24 -8.67
C GLN A 6 -1.89 15.09 -7.71
N ILE A 7 -2.28 15.21 -6.47
CA ILE A 7 -1.99 14.12 -5.50
C ILE A 7 -3.23 13.83 -4.64
N PRO A 8 -3.83 12.68 -4.86
CA PRO A 8 -5.04 12.30 -4.09
C PRO A 8 -4.67 11.99 -2.63
N PRO A 9 -5.17 12.78 -1.71
CA PRO A 9 -4.86 12.57 -0.28
C PRO A 9 -5.60 11.33 0.25
N GLY A 10 -5.37 10.98 1.49
CA GLY A 10 -6.06 9.80 2.07
C GLY A 10 -5.23 8.53 1.80
N LEU A 11 -4.09 8.66 1.16
CA LEU A 11 -3.26 7.45 0.88
C LEU A 11 -2.45 7.05 2.12
N THR A 12 -2.48 7.86 3.15
CA THR A 12 -1.70 7.51 4.37
C THR A 12 -2.38 6.38 5.15
N GLU A 13 -3.55 6.63 5.67
CA GLU A 13 -4.28 5.57 6.43
C GLU A 13 -4.35 4.28 5.63
N LEU A 14 -4.58 4.39 4.35
CA LEU A 14 -4.67 3.15 3.50
C LEU A 14 -3.36 2.37 3.57
N LEU A 15 -2.28 2.95 3.14
CA LEU A 15 -0.97 2.23 3.17
C LEU A 15 -0.62 1.82 4.60
N GLN A 16 -0.35 2.76 5.46
CA GLN A 16 0.01 2.41 6.87
C GLN A 16 -1.01 1.42 7.44
N GLY A 17 -2.26 1.57 7.11
CA GLY A 17 -3.29 0.63 7.63
C GLY A 17 -2.88 -0.79 7.26
N TYR A 18 -2.23 -0.96 6.14
CA TYR A 18 -1.78 -2.32 5.73
C TYR A 18 -0.58 -2.74 6.58
N THR A 19 0.38 -1.87 6.74
CA THR A 19 1.57 -2.21 7.57
C THR A 19 1.13 -2.68 8.95
N VAL A 20 0.01 -2.19 9.41
CA VAL A 20 -0.49 -2.59 10.75
C VAL A 20 -1.09 -4.00 10.70
N GLU A 21 -2.29 -4.12 10.20
CA GLU A 21 -2.94 -5.46 10.13
C GLU A 21 -1.99 -6.52 9.56
N VAL A 22 -1.26 -6.21 8.53
CA VAL A 22 -0.33 -7.21 7.94
C VAL A 22 0.67 -7.68 9.00
N LEU A 23 1.13 -6.78 9.83
CA LEU A 23 2.10 -7.19 10.89
C LEU A 23 1.37 -7.73 12.12
N ARG A 24 0.52 -6.94 12.70
CA ARG A 24 -0.23 -7.41 13.91
C ARG A 24 -1.01 -8.70 13.57
N GLN A 25 -1.87 -8.65 12.60
CA GLN A 25 -2.66 -9.85 12.24
C GLN A 25 -1.92 -10.65 11.17
N GLN A 26 -0.72 -11.09 11.47
CA GLN A 26 0.11 -11.89 10.50
C GLN A 26 -0.77 -12.83 9.65
N PRO A 27 -1.09 -12.38 8.47
CA PRO A 27 -1.91 -13.18 7.54
C PRO A 27 -1.09 -14.30 6.92
N PRO A 28 -1.76 -15.28 6.35
CA PRO A 28 -1.06 -16.41 5.70
C PRO A 28 -0.37 -15.94 4.42
N ASP A 29 -1.04 -15.17 3.63
CA ASP A 29 -0.44 -14.66 2.37
C ASP A 29 -0.70 -13.15 2.22
N LEU A 30 0.33 -12.38 2.11
CA LEU A 30 0.14 -10.90 1.97
C LEU A 30 -0.57 -10.60 0.64
N VAL A 31 -0.16 -11.24 -0.41
CA VAL A 31 -0.83 -11.00 -1.73
C VAL A 31 -2.33 -11.22 -1.59
N ASP A 32 -2.71 -12.40 -1.22
CA ASP A 32 -4.17 -12.70 -1.05
C ASP A 32 -4.76 -11.79 0.01
N PHE A 33 -4.03 -11.52 1.06
CA PHE A 33 -4.57 -10.61 2.12
C PHE A 33 -4.81 -9.22 1.54
N ALA A 34 -3.93 -8.76 0.69
CA ALA A 34 -4.11 -7.41 0.08
C ALA A 34 -5.41 -7.39 -0.74
N VAL A 35 -5.69 -8.43 -1.45
CA VAL A 35 -6.93 -8.48 -2.27
C VAL A 35 -8.14 -8.70 -1.36
N GLU A 36 -7.99 -9.51 -0.34
CA GLU A 36 -9.12 -9.77 0.58
C GLU A 36 -9.37 -8.55 1.47
N TYR A 37 -8.36 -7.75 1.70
CA TYR A 37 -8.54 -6.55 2.56
C TYR A 37 -9.21 -5.42 1.78
N PHE A 38 -8.54 -4.89 0.79
CA PHE A 38 -9.14 -3.77 0.00
C PHE A 38 -10.51 -4.20 -0.56
N THR A 39 -10.59 -5.35 -1.18
CA THR A 39 -11.90 -5.80 -1.73
C THR A 39 -12.99 -5.72 -0.66
N ARG A 40 -12.69 -6.22 0.52
CA ARG A 40 -13.70 -6.17 1.62
C ARG A 40 -13.91 -4.72 2.05
N LEU A 41 -12.91 -3.89 1.92
CA LEU A 41 -13.06 -2.46 2.32
C LEU A 41 -14.21 -1.82 1.55
N ARG A 42 -14.33 -2.11 0.28
CA ARG A 42 -15.43 -1.52 -0.53
C ARG A 42 -16.77 -1.73 0.19
N GLU A 43 -17.00 -2.92 0.68
CA GLU A 43 -18.27 -3.20 1.39
C GLU A 43 -18.15 -2.89 2.89
N ALA A 44 -17.08 -2.25 3.28
CA ALA A 44 -16.90 -1.91 4.73
C ALA A 44 -16.38 -0.48 4.88
N ARG A 45 -16.78 0.39 3.99
CA ARG A 45 -16.30 1.81 4.08
C ARG A 45 -17.31 2.74 3.41
N ARG A 46 -17.58 2.53 2.15
CA ARG A 46 -18.55 3.41 1.44
C ARG A 46 -19.78 2.61 1.01
N HIS B 1 24.53 -15.82 16.17
CA HIS B 1 23.62 -16.89 15.66
C HIS B 1 22.19 -16.65 16.17
N MET B 2 22.05 -15.97 17.27
CA MET B 2 20.69 -15.71 17.81
C MET B 2 20.28 -14.25 17.55
N GLY B 3 19.02 -13.97 17.56
CA GLY B 3 18.58 -12.56 17.31
C GLY B 3 17.09 -12.42 17.66
N HIS B 4 16.40 -11.56 16.96
CA HIS B 4 14.94 -11.37 17.25
C HIS B 4 14.28 -10.59 16.10
N ILE B 5 14.01 -11.24 15.01
CA ILE B 5 13.36 -10.54 13.87
C ILE B 5 11.88 -10.89 13.80
N GLN B 6 11.07 -9.97 13.35
CA GLN B 6 9.60 -10.24 13.26
C GLN B 6 8.96 -9.33 12.20
N ILE B 7 9.68 -9.05 11.14
CA ILE B 7 9.12 -8.17 10.08
C ILE B 7 9.23 -8.85 8.71
N PRO B 8 8.13 -8.93 8.00
CA PRO B 8 8.13 -9.56 6.66
C PRO B 8 8.84 -8.66 5.64
N PRO B 9 9.91 -9.16 5.06
CA PRO B 9 10.66 -8.37 4.06
C PRO B 9 9.88 -8.28 2.75
N GLY B 10 10.25 -7.38 1.88
CA GLY B 10 9.53 -7.24 0.58
C GLY B 10 8.18 -6.55 0.82
N LEU B 11 8.05 -5.81 1.89
CA LEU B 11 6.76 -5.11 2.16
C LEU B 11 6.77 -3.73 1.49
N THR B 12 7.89 -3.06 1.50
CA THR B 12 7.95 -1.72 0.86
C THR B 12 7.90 -1.86 -0.67
N GLU B 13 8.52 -2.88 -1.19
CA GLU B 13 8.50 -3.08 -2.66
C GLU B 13 7.06 -3.25 -3.16
N LEU B 14 6.31 -4.12 -2.54
CA LEU B 14 4.89 -4.32 -2.97
C LEU B 14 4.15 -2.98 -2.96
N LEU B 15 4.35 -2.20 -1.94
CA LEU B 15 3.65 -0.89 -1.86
C LEU B 15 4.26 0.09 -2.89
N GLN B 16 5.55 0.07 -3.04
CA GLN B 16 6.18 0.99 -4.04
C GLN B 16 5.55 0.78 -5.42
N GLY B 17 5.37 -0.46 -5.81
CA GLY B 17 4.75 -0.73 -7.14
C GLY B 17 3.38 -0.04 -7.20
N TYR B 18 2.54 -0.28 -6.22
CA TYR B 18 1.20 0.35 -6.22
C TYR B 18 1.34 1.88 -6.34
N THR B 19 2.39 2.43 -5.81
CA THR B 19 2.58 3.90 -5.88
C THR B 19 2.85 4.34 -7.33
N VAL B 20 3.68 3.62 -8.03
CA VAL B 20 3.99 3.99 -9.44
C VAL B 20 2.74 3.88 -10.31
N GLU B 21 1.75 3.13 -9.87
CA GLU B 21 0.51 2.98 -10.68
C GLU B 21 -0.47 4.08 -10.29
N VAL B 22 -0.68 4.24 -9.01
CA VAL B 22 -1.62 5.28 -8.51
C VAL B 22 -1.25 6.65 -9.12
N LEU B 23 -0.01 6.82 -9.50
CA LEU B 23 0.41 8.11 -10.11
C LEU B 23 0.25 8.07 -11.62
N ARG B 24 0.52 6.94 -12.22
CA ARG B 24 0.37 6.84 -13.71
C ARG B 24 -1.10 6.68 -14.09
N GLN B 25 -1.75 5.66 -13.59
CA GLN B 25 -3.18 5.44 -13.93
C GLN B 25 -4.04 6.62 -13.44
N GLN B 26 -3.74 7.13 -12.28
CA GLN B 26 -4.54 8.27 -11.74
C GLN B 26 -6.03 7.91 -11.73
N PRO B 27 -6.36 6.81 -11.10
CA PRO B 27 -7.76 6.35 -11.03
C PRO B 27 -8.58 7.26 -10.10
N PRO B 28 -9.87 7.29 -10.31
CA PRO B 28 -10.75 8.12 -9.47
C PRO B 28 -10.87 7.52 -8.06
N ASP B 29 -10.91 6.22 -7.96
CA ASP B 29 -11.02 5.57 -6.63
C ASP B 29 -9.80 4.66 -6.38
N LEU B 30 -9.17 4.80 -5.25
CA LEU B 30 -7.98 3.94 -4.96
C LEU B 30 -8.41 2.61 -4.34
N VAL B 31 -9.39 2.63 -3.48
CA VAL B 31 -9.87 1.36 -2.85
C VAL B 31 -10.11 0.30 -3.92
N ASP B 32 -11.09 0.50 -4.75
CA ASP B 32 -11.38 -0.50 -5.82
C ASP B 32 -10.12 -0.73 -6.65
N PHE B 33 -9.41 0.31 -6.98
CA PHE B 33 -8.17 0.15 -7.78
C PHE B 33 -7.21 -0.80 -7.06
N ALA B 34 -6.93 -0.52 -5.81
CA ALA B 34 -6.01 -1.40 -5.03
C ALA B 34 -6.39 -2.87 -5.20
N VAL B 35 -7.67 -3.16 -5.29
CA VAL B 35 -8.10 -4.57 -5.45
C VAL B 35 -7.74 -5.07 -6.85
N GLU B 36 -8.10 -4.35 -7.87
CA GLU B 36 -7.78 -4.77 -9.26
C GLU B 36 -6.27 -5.01 -9.40
N TYR B 37 -5.48 -4.29 -8.65
CA TYR B 37 -4.01 -4.46 -8.74
C TYR B 37 -3.59 -5.75 -8.04
N PHE B 38 -3.60 -5.77 -6.74
CA PHE B 38 -3.19 -7.00 -5.99
C PHE B 38 -3.90 -8.23 -6.56
N THR B 39 -5.17 -8.13 -6.85
CA THR B 39 -5.91 -9.30 -7.42
C THR B 39 -5.18 -9.83 -8.65
N ARG B 40 -4.73 -8.97 -9.51
CA ARG B 40 -4.00 -9.43 -10.73
C ARG B 40 -2.70 -10.13 -10.33
N LEU B 41 -2.14 -9.77 -9.21
CA LEU B 41 -0.87 -10.42 -8.77
C LEU B 41 -1.14 -11.87 -8.35
N ARG B 42 -2.34 -12.17 -7.95
CA ARG B 42 -2.66 -13.57 -7.54
C ARG B 42 -2.68 -14.49 -8.76
N GLU B 43 -2.81 -13.94 -9.94
CA GLU B 43 -2.84 -14.78 -11.16
C GLU B 43 -1.41 -15.19 -11.53
N ALA B 44 -0.43 -14.45 -11.10
CA ALA B 44 0.97 -14.81 -11.43
C ALA B 44 1.27 -16.23 -10.99
N ARG B 45 1.05 -16.54 -9.73
CA ARG B 45 1.32 -17.92 -9.23
C ARG B 45 0.76 -18.10 -7.83
N ARG B 46 1.15 -19.14 -7.14
CA ARG B 46 0.63 -19.37 -5.77
C ARG B 46 1.79 -19.59 -4.79
N ASP C 1 5.26 -1.23 19.55
CA ASP C 1 5.91 0.04 19.09
C ASP C 1 6.74 -0.22 17.84
N LEU C 2 7.23 -1.43 17.68
CA LEU C 2 8.06 -1.75 16.47
C LEU C 2 7.24 -1.52 15.19
N ILE C 3 6.09 -2.12 15.10
CA ILE C 3 5.24 -1.95 13.89
C ILE C 3 4.90 -0.47 13.70
N GLU C 4 4.42 0.17 14.74
CA GLU C 4 4.05 1.61 14.61
C GLU C 4 5.25 2.44 14.15
N GLU C 5 6.43 1.91 14.30
CA GLU C 5 7.64 2.67 13.88
C GLU C 5 8.04 2.25 12.46
N ALA C 6 8.16 0.97 12.22
CA ALA C 6 8.54 0.51 10.86
C ALA C 6 7.42 0.85 9.87
N ALA C 7 6.20 0.80 10.30
CA ALA C 7 5.08 1.14 9.37
C ALA C 7 5.06 2.65 9.11
N SER C 8 5.63 3.42 10.01
CA SER C 8 5.67 4.89 9.80
C SER C 8 6.59 5.23 8.63
N ARG C 9 7.74 4.63 8.57
CA ARG C 9 8.67 4.92 7.42
C ARG C 9 8.00 4.49 6.11
N ILE C 10 7.26 3.42 6.14
CA ILE C 10 6.57 2.96 4.90
C ILE C 10 5.74 4.11 4.33
N VAL C 11 5.05 4.83 5.17
CA VAL C 11 4.24 5.97 4.67
C VAL C 11 5.15 7.06 4.11
N ASP C 12 6.19 7.39 4.81
CA ASP C 12 7.12 8.45 4.33
C ASP C 12 7.75 8.05 2.98
N ALA C 13 7.90 6.78 2.75
CA ALA C 13 8.50 6.33 1.46
C ALA C 13 7.46 6.32 0.35
N VAL C 14 6.22 6.16 0.70
CA VAL C 14 5.15 6.15 -0.35
C VAL C 14 4.68 7.58 -0.62
N ILE C 15 4.80 8.44 0.35
CA ILE C 15 4.37 9.86 0.15
C ILE C 15 5.51 10.65 -0.50
N GLU C 16 6.73 10.21 -0.33
CA GLU C 16 7.88 10.95 -0.93
C GLU C 16 7.80 10.88 -2.46
N GLN C 17 7.29 9.81 -3.00
CA GLN C 17 7.19 9.70 -4.48
C GLN C 17 5.88 10.32 -4.97
N VAL C 18 4.81 10.11 -4.25
CA VAL C 18 3.50 10.68 -4.67
C VAL C 18 3.53 12.22 -4.57
N LYS C 19 4.53 12.77 -3.92
CA LYS C 19 4.60 14.24 -3.79
C LYS C 19 5.65 14.82 -4.75
N ALA C 20 6.87 14.38 -4.64
CA ALA C 20 7.95 14.90 -5.53
C ALA C 20 7.64 14.56 -6.99
N ALA C 21 6.90 13.51 -7.22
CA ALA C 21 6.57 13.12 -8.63
C ALA C 21 5.22 13.72 -9.05
N GLY C 22 4.74 14.69 -8.33
CA GLY C 22 3.43 15.31 -8.68
C GLY C 22 3.67 16.53 -9.58
N ALA C 23 4.43 16.37 -10.62
CA ALA C 23 4.70 17.53 -11.52
C ALA C 23 4.99 17.03 -12.95
N TYR C 24 6.19 16.59 -13.19
CA TYR C 24 6.54 16.09 -14.56
C TYR C 24 5.87 14.75 -14.81
N HIS A 1 -6.47 26.29 -12.22
CA HIS A 1 -6.42 27.49 -13.10
C HIS A 1 -5.09 27.53 -13.86
N MET A 2 -5.01 26.83 -14.96
CA MET A 2 -3.73 26.83 -15.75
C MET A 2 -2.56 26.42 -14.84
N GLY A 3 -2.53 25.19 -14.43
CA GLY A 3 -1.42 24.73 -13.55
C GLY A 3 -2.00 24.18 -12.24
N HIS A 4 -2.66 23.06 -12.29
CA HIS A 4 -3.24 22.48 -11.05
C HIS A 4 -3.08 20.96 -11.05
N ILE A 5 -1.86 20.49 -11.10
CA ILE A 5 -1.63 19.01 -11.10
C ILE A 5 -0.94 18.58 -9.80
N GLN A 6 -1.33 17.48 -9.24
CA GLN A 6 -0.69 17.01 -7.97
C GLN A 6 -0.91 15.51 -7.80
N ILE A 7 -0.82 15.03 -6.58
CA ILE A 7 -1.03 13.56 -6.34
C ILE A 7 -2.19 13.36 -5.36
N PRO A 8 -2.93 12.30 -5.55
CA PRO A 8 -4.08 12.00 -4.66
C PRO A 8 -3.58 11.53 -3.29
N PRO A 9 -3.83 12.32 -2.28
CA PRO A 9 -3.39 11.97 -0.91
C PRO A 9 -4.29 10.86 -0.34
N GLY A 10 -4.13 10.54 0.91
CA GLY A 10 -4.97 9.47 1.52
C GLY A 10 -4.29 8.11 1.34
N LEU A 11 -3.04 8.09 0.97
CA LEU A 11 -2.33 6.78 0.79
C LEU A 11 -1.68 6.35 2.10
N THR A 12 -1.30 7.30 2.91
CA THR A 12 -0.66 6.96 4.22
C THR A 12 -1.63 6.15 5.09
N GLU A 13 -2.75 6.74 5.42
CA GLU A 13 -3.74 6.01 6.27
C GLU A 13 -4.12 4.68 5.62
N LEU A 14 -4.00 4.60 4.32
CA LEU A 14 -4.36 3.32 3.63
C LEU A 14 -3.22 2.31 3.77
N LEU A 15 -2.01 2.70 3.46
CA LEU A 15 -0.87 1.76 3.57
C LEU A 15 -0.60 1.43 5.05
N GLN A 16 -0.39 2.44 5.86
CA GLN A 16 -0.12 2.19 7.31
C GLN A 16 -1.18 1.23 7.89
N GLY A 17 -2.43 1.47 7.58
CA GLY A 17 -3.50 0.57 8.10
C GLY A 17 -3.16 -0.88 7.73
N TYR A 18 -2.72 -1.09 6.52
CA TYR A 18 -2.36 -2.48 6.09
C TYR A 18 -1.23 -3.02 6.96
N THR A 19 -0.35 -2.16 7.41
CA THR A 19 0.78 -2.62 8.27
C THR A 19 0.26 -3.13 9.61
N VAL A 20 -0.82 -2.57 10.09
CA VAL A 20 -1.37 -3.01 11.41
C VAL A 20 -2.16 -4.31 11.24
N GLU A 21 -2.63 -4.60 10.05
CA GLU A 21 -3.41 -5.85 9.84
C GLU A 21 -2.46 -6.98 9.44
N VAL A 22 -1.62 -6.71 8.48
CA VAL A 22 -0.65 -7.74 8.02
C VAL A 22 0.21 -8.23 9.20
N LEU A 23 0.49 -7.37 10.13
CA LEU A 23 1.33 -7.79 11.29
C LEU A 23 0.46 -8.41 12.39
N ARG A 24 -0.75 -7.94 12.54
CA ARG A 24 -1.64 -8.51 13.59
C ARG A 24 -2.25 -9.84 13.11
N GLN A 25 -3.16 -9.78 12.18
CA GLN A 25 -3.78 -11.04 11.67
C GLN A 25 -2.72 -12.05 11.29
N GLN A 26 -1.60 -11.59 10.79
CA GLN A 26 -0.51 -12.54 10.39
C GLN A 26 -1.06 -13.62 9.45
N PRO A 27 -1.66 -13.18 8.36
CA PRO A 27 -2.23 -14.14 7.38
C PRO A 27 -1.12 -14.88 6.65
N PRO A 28 -1.42 -16.08 6.21
CA PRO A 28 -0.42 -16.91 5.48
C PRO A 28 -0.17 -16.32 4.09
N ASP A 29 -1.16 -15.70 3.51
CA ASP A 29 -0.98 -15.11 2.15
C ASP A 29 -1.11 -13.59 2.22
N LEU A 30 -0.19 -12.87 1.64
CA LEU A 30 -0.26 -11.39 1.66
C LEU A 30 -1.03 -10.88 0.43
N VAL A 31 -0.68 -11.35 -0.73
CA VAL A 31 -1.39 -10.89 -1.96
C VAL A 31 -2.89 -11.05 -1.78
N ASP A 32 -3.35 -12.25 -1.60
CA ASP A 32 -4.80 -12.50 -1.41
C ASP A 32 -5.31 -11.65 -0.25
N PHE A 33 -4.51 -11.44 0.75
CA PHE A 33 -4.95 -10.61 1.91
C PHE A 33 -5.17 -9.17 1.45
N ALA A 34 -4.23 -8.63 0.72
CA ALA A 34 -4.37 -7.23 0.24
C ALA A 34 -5.70 -7.07 -0.52
N VAL A 35 -6.12 -8.10 -1.20
CA VAL A 35 -7.41 -8.00 -1.95
C VAL A 35 -8.59 -8.00 -0.98
N GLU A 36 -8.68 -8.99 -0.14
CA GLU A 36 -9.80 -9.04 0.84
C GLU A 36 -9.89 -7.74 1.64
N TYR A 37 -8.77 -7.16 1.97
CA TYR A 37 -8.79 -5.89 2.76
C TYR A 37 -9.41 -4.76 1.94
N PHE A 38 -8.67 -4.21 1.01
CA PHE A 38 -9.21 -3.10 0.17
C PHE A 38 -10.60 -3.45 -0.38
N THR A 39 -10.74 -4.62 -0.94
CA THR A 39 -12.08 -5.01 -1.49
C THR A 39 -13.19 -4.78 -0.47
N ARG A 40 -12.88 -4.94 0.80
CA ARG A 40 -13.93 -4.72 1.84
C ARG A 40 -14.05 -3.23 2.15
N LEU A 41 -12.95 -2.53 2.21
CA LEU A 41 -12.99 -1.07 2.51
C LEU A 41 -13.90 -0.35 1.51
N ARG A 42 -14.12 -0.93 0.36
CA ARG A 42 -15.00 -0.29 -0.65
C ARG A 42 -16.47 -0.40 -0.22
N GLU A 43 -16.79 -1.42 0.54
CA GLU A 43 -18.20 -1.59 0.98
C GLU A 43 -18.36 -1.11 2.44
N ALA A 44 -17.39 -0.42 2.96
CA ALA A 44 -17.49 0.07 4.37
C ALA A 44 -17.57 1.59 4.40
N ARG A 45 -18.01 2.20 3.33
CA ARG A 45 -18.11 3.69 3.30
C ARG A 45 -19.34 4.16 4.09
N ARG A 46 -20.30 3.29 4.28
CA ARG A 46 -21.52 3.69 5.05
C ARG A 46 -22.11 4.99 4.48
N HIS B 1 23.58 -10.72 11.08
CA HIS B 1 22.75 -9.54 11.44
C HIS B 1 21.99 -9.81 12.75
N MET B 2 22.60 -9.56 13.87
CA MET B 2 21.91 -9.80 15.17
C MET B 2 21.17 -8.55 15.62
N GLY B 3 19.93 -8.40 15.24
CA GLY B 3 19.17 -7.19 15.66
C GLY B 3 17.84 -7.63 16.28
N HIS B 4 16.93 -6.71 16.45
CA HIS B 4 15.60 -7.08 17.05
C HIS B 4 14.47 -6.63 16.12
N ILE B 5 14.30 -7.28 15.00
CA ILE B 5 13.23 -6.89 14.06
C ILE B 5 12.27 -8.07 13.82
N GLN B 6 11.03 -7.79 13.51
CA GLN B 6 10.06 -8.91 13.28
C GLN B 6 9.04 -8.52 12.21
N ILE B 7 9.47 -8.38 10.98
CA ILE B 7 8.53 -8.01 9.89
C ILE B 7 8.54 -9.08 8.80
N PRO B 8 7.38 -9.35 8.24
CA PRO B 8 7.28 -10.38 7.17
C PRO B 8 7.90 -9.85 5.86
N PRO B 9 8.66 -10.69 5.21
CA PRO B 9 9.31 -10.29 3.94
C PRO B 9 8.29 -10.26 2.79
N GLY B 10 8.59 -9.58 1.72
CA GLY B 10 7.64 -9.50 0.59
C GLY B 10 6.75 -8.27 0.72
N LEU B 11 6.63 -7.74 1.91
CA LEU B 11 5.78 -6.53 2.11
C LEU B 11 6.44 -5.30 1.49
N THR B 12 7.68 -5.07 1.80
CA THR B 12 8.39 -3.87 1.23
C THR B 12 8.30 -3.89 -0.29
N GLU B 13 8.86 -4.89 -0.92
CA GLU B 13 8.82 -4.97 -2.41
C GLU B 13 7.37 -4.83 -2.89
N LEU B 14 6.47 -5.62 -2.38
CA LEU B 14 5.05 -5.53 -2.81
C LEU B 14 4.54 -4.10 -2.63
N LEU B 15 4.96 -3.42 -1.60
CA LEU B 15 4.49 -2.03 -1.38
C LEU B 15 5.18 -1.08 -2.37
N GLN B 16 6.48 -1.13 -2.45
CA GLN B 16 7.20 -0.23 -3.40
C GLN B 16 6.60 -0.36 -4.79
N GLY B 17 6.25 -1.55 -5.19
CA GLY B 17 5.66 -1.74 -6.55
C GLY B 17 4.38 -0.91 -6.67
N TYR B 18 3.50 -1.03 -5.72
CA TYR B 18 2.23 -0.25 -5.76
C TYR B 18 2.53 1.24 -5.71
N THR B 19 3.49 1.65 -4.91
CA THR B 19 3.83 3.11 -4.84
C THR B 19 4.04 3.65 -6.25
N VAL B 20 5.01 3.12 -6.95
CA VAL B 20 5.25 3.57 -8.35
C VAL B 20 3.95 3.41 -9.15
N GLU B 21 3.28 2.31 -8.92
CA GLU B 21 2.01 2.04 -9.63
C GLU B 21 1.03 3.20 -9.48
N VAL B 22 0.60 3.46 -8.28
CA VAL B 22 -0.37 4.57 -8.05
C VAL B 22 0.08 5.84 -8.77
N LEU B 23 1.37 6.07 -8.87
CA LEU B 23 1.86 7.29 -9.57
C LEU B 23 1.94 7.03 -11.09
N ARG B 24 1.99 5.78 -11.48
CA ARG B 24 2.06 5.47 -12.94
C ARG B 24 0.70 5.74 -13.60
N GLN B 25 -0.32 5.05 -13.17
CA GLN B 25 -1.67 5.27 -13.76
C GLN B 25 -2.33 6.49 -13.10
N GLN B 26 -1.96 6.80 -11.89
CA GLN B 26 -2.55 7.97 -11.19
C GLN B 26 -4.08 7.89 -11.25
N PRO B 27 -4.61 6.80 -10.77
CA PRO B 27 -6.09 6.61 -10.77
C PRO B 27 -6.74 7.52 -9.72
N PRO B 28 -7.96 7.94 -10.00
CA PRO B 28 -8.68 8.82 -9.05
C PRO B 28 -9.06 8.04 -7.79
N ASP B 29 -9.48 6.81 -7.93
CA ASP B 29 -9.86 6.00 -6.75
C ASP B 29 -8.79 4.92 -6.49
N LEU B 30 -8.12 5.01 -5.37
CA LEU B 30 -7.07 3.99 -5.07
C LEU B 30 -7.71 2.72 -4.53
N VAL B 31 -8.78 2.83 -3.79
CA VAL B 31 -9.45 1.61 -3.23
C VAL B 31 -9.67 0.58 -4.34
N ASP B 32 -10.50 0.91 -5.29
CA ASP B 32 -10.77 -0.05 -6.40
C ASP B 32 -9.47 -0.38 -7.13
N PHE B 33 -8.64 0.59 -7.34
CA PHE B 33 -7.34 0.34 -8.03
C PHE B 33 -6.50 -0.66 -7.22
N ALA B 34 -6.44 -0.47 -5.92
CA ALA B 34 -5.64 -1.40 -5.08
C ALA B 34 -6.18 -2.83 -5.22
N VAL B 35 -7.49 -2.97 -5.20
CA VAL B 35 -8.08 -4.32 -5.34
C VAL B 35 -7.85 -4.87 -6.76
N GLU B 36 -8.06 -4.05 -7.73
CA GLU B 36 -7.86 -4.49 -9.14
C GLU B 36 -6.41 -4.97 -9.34
N TYR B 37 -5.47 -4.37 -8.67
CA TYR B 37 -4.05 -4.79 -8.83
C TYR B 37 -3.79 -6.10 -8.07
N PHE B 38 -3.81 -6.06 -6.77
CA PHE B 38 -3.55 -7.30 -5.98
C PHE B 38 -4.43 -8.45 -6.46
N THR B 39 -5.70 -8.21 -6.67
CA THR B 39 -6.61 -9.31 -7.13
C THR B 39 -6.00 -10.00 -8.36
N ARG B 40 -5.64 -9.24 -9.37
CA ARG B 40 -5.05 -9.87 -10.59
C ARG B 40 -3.65 -10.40 -10.29
N LEU B 41 -3.01 -9.87 -9.27
CA LEU B 41 -1.64 -10.34 -8.93
C LEU B 41 -1.68 -11.74 -8.32
N ARG B 42 -2.83 -12.14 -7.81
CA ARG B 42 -2.93 -13.49 -7.19
C ARG B 42 -3.22 -14.54 -8.27
N GLU B 43 -3.85 -14.14 -9.35
CA GLU B 43 -4.15 -15.12 -10.44
C GLU B 43 -2.94 -15.28 -11.36
N ALA B 44 -2.08 -14.30 -11.41
CA ALA B 44 -0.88 -14.41 -12.29
C ALA B 44 0.35 -14.82 -11.47
N ARG B 45 0.29 -15.96 -10.84
CA ARG B 45 1.46 -16.43 -10.04
C ARG B 45 2.22 -17.52 -10.78
N ARG B 46 2.43 -17.35 -12.06
CA ARG B 46 3.17 -18.38 -12.84
C ARG B 46 4.36 -17.75 -13.57
N ASP C 1 3.12 -2.34 19.11
CA ASP C 1 4.27 -1.54 19.60
C ASP C 1 5.26 -1.28 18.47
N LEU C 2 5.72 -2.32 17.82
CA LEU C 2 6.69 -2.14 16.71
C LEU C 2 5.94 -1.92 15.39
N ILE C 3 4.72 -2.38 15.31
CA ILE C 3 3.94 -2.21 14.05
C ILE C 3 3.73 -0.71 13.76
N GLU C 4 3.24 0.02 14.73
CA GLU C 4 3.02 1.49 14.51
C GLU C 4 4.35 2.16 14.12
N GLU C 5 5.45 1.55 14.45
CA GLU C 5 6.77 2.14 14.10
C GLU C 5 7.18 1.69 12.70
N ALA C 6 7.17 0.41 12.46
CA ALA C 6 7.57 -0.10 11.12
C ALA C 6 6.57 0.40 10.07
N ALA C 7 5.35 0.61 10.46
CA ALA C 7 4.33 1.10 9.47
C ALA C 7 4.51 2.61 9.28
N SER C 8 5.02 3.28 10.26
CA SER C 8 5.23 4.75 10.11
C SER C 8 6.47 5.02 9.26
N ARG C 9 7.49 4.21 9.39
CA ARG C 9 8.72 4.42 8.58
C ARG C 9 8.52 3.84 7.18
N ILE C 10 8.01 2.64 7.09
CA ILE C 10 7.81 2.02 5.75
C ILE C 10 7.02 2.98 4.86
N VAL C 11 6.02 3.61 5.41
CA VAL C 11 5.21 4.56 4.62
C VAL C 11 6.10 5.74 4.19
N ASP C 12 6.93 6.22 5.08
CA ASP C 12 7.83 7.35 4.74
C ASP C 12 8.54 7.10 3.41
N ALA C 13 9.01 5.91 3.19
CA ALA C 13 9.71 5.61 1.90
C ALA C 13 8.74 5.75 0.72
N VAL C 14 7.56 5.20 0.84
CA VAL C 14 6.58 5.31 -0.28
C VAL C 14 6.15 6.78 -0.45
N ILE C 15 6.17 7.54 0.60
CA ILE C 15 5.76 8.99 0.48
C ILE C 15 6.83 9.76 -0.30
N GLU C 16 8.05 9.28 -0.29
CA GLU C 16 9.13 10.00 -1.03
C GLU C 16 8.97 9.78 -2.53
N GLN C 17 8.38 8.69 -2.94
CA GLN C 17 8.20 8.43 -4.40
C GLN C 17 6.99 9.20 -4.93
N VAL C 18 5.92 9.24 -4.19
CA VAL C 18 4.72 9.97 -4.65
C VAL C 18 4.95 11.48 -4.63
N LYS C 19 5.99 11.92 -3.95
CA LYS C 19 6.27 13.39 -3.90
C LYS C 19 7.51 13.72 -4.73
N ALA C 20 8.44 12.82 -4.79
CA ALA C 20 9.68 13.08 -5.57
C ALA C 20 9.32 13.52 -7.00
N ALA C 21 8.30 12.95 -7.56
CA ALA C 21 7.90 13.33 -8.94
C ALA C 21 7.24 14.71 -8.95
N GLY C 22 6.89 15.24 -7.81
CA GLY C 22 6.25 16.58 -7.77
C GLY C 22 4.76 16.45 -8.07
N ALA C 23 4.42 16.03 -9.25
CA ALA C 23 2.98 15.86 -9.62
C ALA C 23 2.83 14.96 -10.84
N TYR C 24 3.50 13.84 -10.83
CA TYR C 24 3.41 12.91 -12.00
C TYR C 24 3.80 11.49 -11.58
N HIS A 1 -9.29 24.05 -4.94
CA HIS A 1 -9.50 25.52 -5.12
C HIS A 1 -8.35 26.11 -5.95
N MET A 2 -7.14 25.67 -5.70
CA MET A 2 -5.99 26.21 -6.48
C MET A 2 -4.71 25.44 -6.12
N GLY A 3 -3.87 25.19 -7.09
CA GLY A 3 -2.61 24.44 -6.80
C GLY A 3 -2.93 23.12 -6.11
N HIS A 4 -4.07 22.55 -6.41
CA HIS A 4 -4.44 21.26 -5.77
C HIS A 4 -4.51 20.14 -6.82
N ILE A 5 -3.61 20.14 -7.76
CA ILE A 5 -3.62 19.09 -8.81
C ILE A 5 -2.30 18.30 -8.80
N GLN A 6 -1.99 17.67 -7.70
CA GLN A 6 -0.73 16.88 -7.62
C GLN A 6 -1.00 15.48 -7.08
N ILE A 7 -0.03 14.87 -6.47
CA ILE A 7 -0.24 13.50 -5.92
C ILE A 7 -1.44 13.49 -4.97
N PRO A 8 -2.26 12.47 -5.07
CA PRO A 8 -3.46 12.37 -4.19
C PRO A 8 -3.05 11.94 -2.78
N PRO A 9 -3.25 12.81 -1.82
CA PRO A 9 -2.90 12.50 -0.42
C PRO A 9 -3.88 11.48 0.17
N GLY A 10 -3.53 10.87 1.27
CA GLY A 10 -4.45 9.87 1.89
C GLY A 10 -3.82 8.48 1.85
N LEU A 11 -2.92 8.25 0.92
CA LEU A 11 -2.27 6.92 0.84
C LEU A 11 -1.66 6.53 2.19
N THR A 12 -1.30 7.50 2.99
CA THR A 12 -0.69 7.17 4.31
C THR A 12 -1.67 6.36 5.16
N GLU A 13 -2.82 6.92 5.44
CA GLU A 13 -3.82 6.19 6.27
C GLU A 13 -4.14 4.83 5.65
N LEU A 14 -4.06 4.71 4.34
CA LEU A 14 -4.36 3.41 3.69
C LEU A 14 -3.19 2.45 3.84
N LEU A 15 -2.02 2.82 3.36
CA LEU A 15 -0.85 1.92 3.48
C LEU A 15 -0.51 1.65 4.95
N GLN A 16 -0.26 2.68 5.71
CA GLN A 16 0.06 2.48 7.15
C GLN A 16 -0.98 1.58 7.81
N GLY A 17 -2.22 1.73 7.45
CA GLY A 17 -3.29 0.89 8.04
C GLY A 17 -3.01 -0.58 7.73
N TYR A 18 -2.54 -0.86 6.55
CA TYR A 18 -2.25 -2.28 6.19
C TYR A 18 -0.99 -2.76 6.92
N THR A 19 -0.02 -1.91 7.09
CA THR A 19 1.22 -2.33 7.82
C THR A 19 0.83 -2.94 9.17
N VAL A 20 0.09 -2.21 9.96
CA VAL A 20 -0.35 -2.74 11.27
C VAL A 20 -1.20 -4.00 11.00
N GLU A 21 -2.11 -3.89 10.08
CA GLU A 21 -2.99 -5.04 9.74
C GLU A 21 -2.17 -6.30 9.49
N VAL A 22 -1.24 -6.25 8.57
CA VAL A 22 -0.43 -7.45 8.26
C VAL A 22 0.38 -7.86 9.49
N LEU A 23 0.65 -6.96 10.38
CA LEU A 23 1.44 -7.31 11.60
C LEU A 23 0.51 -7.77 12.72
N ARG A 24 -0.72 -7.30 12.71
CA ARG A 24 -1.68 -7.72 13.77
C ARG A 24 -2.16 -9.15 13.52
N GLN A 25 -2.70 -9.41 12.37
CA GLN A 25 -3.19 -10.77 12.05
C GLN A 25 -2.02 -11.66 11.62
N GLN A 26 -1.02 -11.08 11.02
CA GLN A 26 0.16 -11.88 10.58
C GLN A 26 -0.29 -13.08 9.73
N PRO A 27 -0.98 -12.78 8.66
CA PRO A 27 -1.48 -13.85 7.76
C PRO A 27 -0.32 -14.47 6.98
N PRO A 28 -0.47 -15.73 6.63
CA PRO A 28 0.58 -16.43 5.87
C PRO A 28 0.66 -15.90 4.44
N ASP A 29 -0.46 -15.57 3.86
CA ASP A 29 -0.46 -15.04 2.46
C ASP A 29 -0.85 -13.56 2.46
N LEU A 30 0.00 -12.72 1.93
CA LEU A 30 -0.33 -11.26 1.89
C LEU A 30 -1.08 -10.92 0.61
N VAL A 31 -0.79 -11.60 -0.47
CA VAL A 31 -1.50 -11.31 -1.75
C VAL A 31 -3.01 -11.38 -1.53
N ASP A 32 -3.50 -12.51 -1.12
CA ASP A 32 -4.97 -12.64 -0.88
C ASP A 32 -5.39 -11.70 0.25
N PHE A 33 -4.66 -11.68 1.33
CA PHE A 33 -5.02 -10.78 2.46
C PHE A 33 -5.08 -9.33 1.96
N ALA A 34 -4.04 -8.87 1.35
CA ALA A 34 -4.02 -7.47 0.84
C ALA A 34 -5.29 -7.18 0.02
N VAL A 35 -5.78 -8.17 -0.69
CA VAL A 35 -7.01 -7.96 -1.50
C VAL A 35 -8.23 -7.83 -0.58
N GLU A 36 -8.43 -8.77 0.29
CA GLU A 36 -9.60 -8.70 1.22
C GLU A 36 -9.67 -7.32 1.90
N TYR A 37 -8.56 -6.84 2.40
CA TYR A 37 -8.57 -5.51 3.08
C TYR A 37 -9.15 -4.45 2.14
N PHE A 38 -8.39 -4.06 1.14
CA PHE A 38 -8.90 -3.03 0.19
C PHE A 38 -10.24 -3.43 -0.39
N THR A 39 -10.40 -4.68 -0.75
CA THR A 39 -11.71 -5.13 -1.31
C THR A 39 -12.85 -4.74 -0.37
N ARG A 40 -12.73 -5.05 0.89
CA ARG A 40 -13.81 -4.69 1.85
C ARG A 40 -13.94 -3.17 1.94
N LEU A 41 -12.85 -2.46 1.76
CA LEU A 41 -12.91 -0.98 1.83
C LEU A 41 -13.96 -0.44 0.87
N ARG A 42 -14.09 -1.05 -0.27
CA ARG A 42 -15.10 -0.59 -1.27
C ARG A 42 -16.52 -0.80 -0.72
N GLU A 43 -16.78 -1.93 -0.15
CA GLU A 43 -18.14 -2.20 0.40
C GLU A 43 -18.38 -1.35 1.65
N ALA A 44 -17.33 -0.92 2.31
CA ALA A 44 -17.51 -0.08 3.52
C ALA A 44 -17.65 1.39 3.13
N ARG A 45 -17.04 1.79 2.05
CA ARG A 45 -17.14 3.21 1.62
C ARG A 45 -16.79 4.15 2.78
N ARG A 46 -15.77 3.82 3.52
CA ARG A 46 -15.37 4.69 4.67
C ARG A 46 -13.92 5.15 4.52
N HIS B 1 22.41 -6.70 20.56
CA HIS B 1 21.52 -7.89 20.70
C HIS B 1 20.71 -8.10 19.42
N MET B 2 20.16 -9.27 19.24
CA MET B 2 19.37 -9.54 18.01
C MET B 2 17.89 -9.73 18.37
N GLY B 3 17.53 -10.91 18.81
CA GLY B 3 16.10 -11.16 19.18
C GLY B 3 15.28 -11.38 17.90
N HIS B 4 14.14 -12.01 18.02
CA HIS B 4 13.29 -12.26 16.82
C HIS B 4 12.08 -11.33 16.82
N ILE B 5 12.28 -10.08 17.17
CA ILE B 5 11.13 -9.12 17.19
C ILE B 5 11.34 -8.03 16.14
N GLN B 6 11.00 -8.32 14.91
CA GLN B 6 11.17 -7.29 13.83
C GLN B 6 10.22 -7.60 12.67
N ILE B 7 9.84 -6.60 11.93
CA ILE B 7 8.92 -6.83 10.78
C ILE B 7 9.67 -7.57 9.65
N PRO B 8 9.03 -8.57 9.09
CA PRO B 8 9.67 -9.35 8.00
C PRO B 8 9.75 -8.51 6.71
N PRO B 9 10.87 -8.60 6.04
CA PRO B 9 11.06 -7.83 4.79
C PRO B 9 10.23 -8.45 3.65
N GLY B 10 9.93 -7.67 2.65
CA GLY B 10 9.13 -8.22 1.51
C GLY B 10 7.95 -7.28 1.23
N LEU B 11 7.52 -6.53 2.21
CA LEU B 11 6.38 -5.60 2.00
C LEU B 11 6.86 -4.35 1.25
N THR B 12 8.14 -4.18 1.07
CA THR B 12 8.65 -2.98 0.34
C THR B 12 8.53 -3.16 -1.17
N GLU B 13 9.17 -4.17 -1.70
CA GLU B 13 9.11 -4.41 -3.17
C GLU B 13 7.65 -4.47 -3.65
N LEU B 14 6.84 -5.25 -2.99
CA LEU B 14 5.41 -5.35 -3.42
C LEU B 14 4.74 -3.98 -3.43
N LEU B 15 4.75 -3.29 -2.33
CA LEU B 15 4.10 -1.95 -2.27
C LEU B 15 4.73 -1.01 -3.32
N GLN B 16 6.03 -0.97 -3.40
CA GLN B 16 6.69 -0.06 -4.39
C GLN B 16 6.08 -0.27 -5.79
N GLY B 17 5.88 -1.50 -6.19
CA GLY B 17 5.28 -1.75 -7.52
C GLY B 17 3.93 -1.02 -7.61
N TYR B 18 3.10 -1.17 -6.60
CA TYR B 18 1.78 -0.48 -6.62
C TYR B 18 1.98 1.02 -6.81
N THR B 19 3.04 1.55 -6.26
CA THR B 19 3.32 3.02 -6.40
C THR B 19 3.57 3.37 -7.88
N VAL B 20 4.32 2.56 -8.56
CA VAL B 20 4.61 2.85 -10.00
C VAL B 20 3.33 2.77 -10.83
N GLU B 21 2.33 2.07 -10.35
CA GLU B 21 1.05 1.97 -11.11
C GLU B 21 0.13 3.11 -10.70
N VAL B 22 -0.06 3.26 -9.41
CA VAL B 22 -0.93 4.36 -8.90
C VAL B 22 -0.56 5.69 -9.57
N LEU B 23 0.69 5.86 -9.91
CA LEU B 23 1.10 7.12 -10.57
C LEU B 23 0.97 7.00 -12.09
N ARG B 24 1.15 5.81 -12.62
CA ARG B 24 1.03 5.62 -14.08
C ARG B 24 -0.44 5.46 -14.48
N GLN B 25 -1.08 4.42 -14.01
CA GLN B 25 -2.51 4.21 -14.35
C GLN B 25 -3.33 5.46 -14.03
N GLN B 26 -2.97 6.15 -12.98
CA GLN B 26 -3.71 7.38 -12.59
C GLN B 26 -5.22 7.09 -12.51
N PRO B 27 -5.57 6.06 -11.78
CA PRO B 27 -7.00 5.69 -11.63
C PRO B 27 -7.72 6.71 -10.75
N PRO B 28 -9.02 6.80 -10.92
CA PRO B 28 -9.84 7.76 -10.13
C PRO B 28 -9.91 7.32 -8.67
N ASP B 29 -10.26 6.08 -8.43
CA ASP B 29 -10.35 5.59 -7.03
C ASP B 29 -9.23 4.58 -6.76
N LEU B 30 -8.32 4.91 -5.89
CA LEU B 30 -7.20 3.97 -5.59
C LEU B 30 -7.74 2.73 -4.87
N VAL B 31 -8.77 2.88 -4.08
CA VAL B 31 -9.34 1.71 -3.36
C VAL B 31 -9.62 0.58 -4.35
N ASP B 32 -10.50 0.80 -5.28
CA ASP B 32 -10.84 -0.25 -6.28
C ASP B 32 -9.57 -0.65 -7.04
N PHE B 33 -8.77 0.30 -7.42
CA PHE B 33 -7.52 -0.04 -8.17
C PHE B 33 -6.65 -0.97 -7.32
N ALA B 34 -6.38 -0.59 -6.10
CA ALA B 34 -5.55 -1.44 -5.21
C ALA B 34 -6.08 -2.88 -5.18
N VAL B 35 -7.38 -3.04 -5.18
CA VAL B 35 -7.97 -4.40 -5.15
C VAL B 35 -7.75 -5.11 -6.49
N GLU B 36 -7.93 -4.40 -7.58
CA GLU B 36 -7.75 -5.03 -8.91
C GLU B 36 -6.28 -5.43 -9.12
N TYR B 37 -5.36 -4.73 -8.53
CA TYR B 37 -3.92 -5.07 -8.71
C TYR B 37 -3.58 -6.35 -7.95
N PHE B 38 -3.75 -6.36 -6.66
CA PHE B 38 -3.42 -7.58 -5.86
C PHE B 38 -4.33 -8.75 -6.27
N THR B 39 -5.61 -8.52 -6.37
CA THR B 39 -6.53 -9.62 -6.77
C THR B 39 -6.04 -10.28 -8.06
N ARG B 40 -5.67 -9.50 -9.03
CA ARG B 40 -5.17 -10.10 -10.31
C ARG B 40 -3.82 -10.76 -10.08
N LEU B 41 -3.05 -10.27 -9.14
CA LEU B 41 -1.72 -10.88 -8.86
C LEU B 41 -1.88 -12.38 -8.55
N ARG B 42 -2.91 -12.73 -7.83
CA ARG B 42 -3.13 -14.18 -7.50
C ARG B 42 -3.02 -15.04 -8.76
N GLU B 43 -3.70 -14.65 -9.80
CA GLU B 43 -3.64 -15.44 -11.07
C GLU B 43 -2.31 -15.17 -11.79
N ALA B 44 -1.93 -13.93 -11.89
CA ALA B 44 -0.65 -13.59 -12.57
C ALA B 44 -0.57 -14.26 -13.94
N ARG B 45 -1.62 -14.18 -14.71
CA ARG B 45 -1.62 -14.80 -16.06
C ARG B 45 -1.32 -13.74 -17.12
N ARG B 46 -0.40 -14.03 -18.02
CA ARG B 46 -0.07 -13.03 -19.09
C ARG B 46 0.25 -11.67 -18.45
N ASP C 1 3.01 0.00 19.89
CA ASP C 1 4.30 0.69 19.56
C ASP C 1 5.07 -0.11 18.52
N LEU C 2 6.29 0.28 18.24
CA LEU C 2 7.12 -0.44 17.22
C LEU C 2 6.43 -0.42 15.85
N ILE C 3 5.48 -1.30 15.63
CA ILE C 3 4.78 -1.33 14.32
C ILE C 3 4.34 0.07 13.91
N GLU C 4 3.89 0.86 14.85
CA GLU C 4 3.45 2.24 14.52
C GLU C 4 4.64 3.07 14.02
N GLU C 5 5.84 2.66 14.33
CA GLU C 5 7.02 3.42 13.87
C GLU C 5 7.58 2.80 12.58
N ALA C 6 7.65 1.50 12.53
CA ALA C 6 8.16 0.83 11.31
C ALA C 6 7.17 1.01 10.17
N ALA C 7 5.90 1.06 10.47
CA ALA C 7 4.89 1.25 9.39
C ALA C 7 4.83 2.72 9.01
N SER C 8 5.27 3.60 9.87
CA SER C 8 5.24 5.06 9.55
C SER C 8 6.40 5.40 8.62
N ARG C 9 7.51 4.71 8.76
CA ARG C 9 8.68 5.00 7.89
C ARG C 9 8.46 4.37 6.51
N ILE C 10 8.10 3.12 6.46
CA ILE C 10 7.86 2.47 5.13
C ILE C 10 6.91 3.34 4.30
N VAL C 11 5.89 3.85 4.94
CA VAL C 11 4.93 4.72 4.21
C VAL C 11 5.64 6.01 3.78
N ASP C 12 6.52 6.51 4.61
CA ASP C 12 7.26 7.75 4.26
C ASP C 12 7.98 7.57 2.92
N ALA C 13 8.55 6.43 2.69
CA ALA C 13 9.27 6.20 1.41
C ALA C 13 8.29 6.32 0.24
N VAL C 14 7.14 5.71 0.35
CA VAL C 14 6.15 5.81 -0.76
C VAL C 14 5.69 7.26 -0.91
N ILE C 15 5.65 8.00 0.17
CA ILE C 15 5.22 9.42 0.10
C ILE C 15 6.34 10.27 -0.53
N GLU C 16 7.56 9.84 -0.37
CA GLU C 16 8.70 10.61 -0.96
C GLU C 16 8.92 10.20 -2.41
N GLN C 17 8.46 9.04 -2.80
CA GLN C 17 8.65 8.58 -4.20
C GLN C 17 7.44 8.97 -5.06
N VAL C 18 6.26 8.93 -4.50
CA VAL C 18 5.06 9.30 -5.29
C VAL C 18 5.24 10.68 -5.93
N LYS C 19 5.79 11.62 -5.21
CA LYS C 19 6.01 12.97 -5.77
C LYS C 19 7.33 13.00 -6.55
N ALA C 20 8.25 12.15 -6.20
CA ALA C 20 9.55 12.12 -6.92
C ALA C 20 9.57 10.97 -7.94
N ALA C 21 8.54 10.84 -8.72
CA ALA C 21 8.49 9.75 -9.73
C ALA C 21 8.77 10.30 -11.13
N GLY C 22 8.18 11.43 -11.45
CA GLY C 22 8.40 12.02 -12.80
C GLY C 22 7.18 11.78 -13.68
N ALA C 23 6.73 10.54 -13.77
CA ALA C 23 5.54 10.23 -14.61
C ALA C 23 5.76 10.76 -16.04
N TYR C 24 6.98 10.87 -16.45
CA TYR C 24 7.27 11.38 -17.84
C TYR C 24 7.44 10.19 -18.79
#